data_5XJ2
#
_entry.id   5XJ2
#
_cell.length_a   63.384
_cell.length_b   94.916
_cell.length_c   164.164
_cell.angle_alpha   90.000
_cell.angle_beta   95.930
_cell.angle_gamma   90.000
#
_symmetry.space_group_name_H-M   'P 1 21 1'
#
loop_
_entity.id
_entity.type
_entity.pdbx_description
1 polymer 'Uncharacterized RNA methyltransferase SP_1029'
2 polymer "RNA (5'-R(*GP*GP*CP*AP*CP*GP*UP*GP*CP*U)-3')"
3 non-polymer 'ZINC ION'
4 non-polymer S-ADENOSYL-L-HOMOCYSTEINE
5 water water
#
loop_
_entity_poly.entity_id
_entity_poly.type
_entity_poly.pdbx_seq_one_letter_code
_entity_poly.pdbx_strand_id
1 'polypeptide(L)'
;MLKKNDIVEVEIVDLTHEGAGVAKVDGLVFFVENALPSEKILMRVLKVNKKIGFGKVEKYLVQSPHRNQDLDLAYLRSGI
ADLGHLSYPEQLKFKTKQVKDSLYKIAGIADVEVAETLGMEHPVKYRNKAQVPVRRVNGVLETGFFRKNSHNLMPLEDFF
IQDPVIDQVVVALRDLLRRFDLKPYDEKEQSGLIRNLVVRRGHYSGQIMVVLVTTRPKVFRVDQLIEQVIKQFPEIVSVM
QNINDQNTNAIFGKEWRTLYGQDYITDQMLGNDFQIAGPAFYQVNTEMAEKLYQTAIDFAELKKDDVIIDAYSGIGTIGL
SVAKHVKEVYGVELIPEAVENSQKNASLNKITNAHYVCDTAENAMKKWLKEGIQPTVILVDPPRKGLTESFIKASAQTGA
DRIAYISCNVATMARDIKLYQELGYELKKVQPVDLFPQTHHVQTVALLSKLDVD
;
A,B,C,D
2 'polyribonucleotide' GGCACGUUGAAAAGUGCU G
#
loop_
_chem_comp.id
_chem_comp.type
_chem_comp.name
_chem_comp.formula
A RNA linking ADENOSINE-5'-MONOPHOSPHATE 'C10 H14 N5 O7 P'
C RNA linking CYTIDINE-5'-MONOPHOSPHATE 'C9 H14 N3 O8 P'
G RNA linking GUANOSINE-5'-MONOPHOSPHATE 'C10 H14 N5 O8 P'
U RNA linking URIDINE-5'-MONOPHOSPHATE 'C9 H13 N2 O9 P'
ZN non-polymer 'ZINC ION' 'Zn 2'
#
# COMPACT_ATOMS: atom_id res chain seq x y z
N MET A 1 -74.17 30.44 26.79
CA MET A 1 -72.88 31.01 26.24
C MET A 1 -72.37 29.94 25.24
N LEU A 2 -71.15 29.44 25.38
CA LEU A 2 -70.61 28.34 24.60
C LEU A 2 -69.98 27.40 25.61
N LYS A 3 -70.29 26.10 25.52
CA LYS A 3 -70.00 25.16 26.61
C LYS A 3 -68.85 24.16 26.33
N LYS A 4 -68.23 23.67 27.39
CA LYS A 4 -67.00 22.85 27.27
C LYS A 4 -67.02 21.54 26.45
N ASN A 5 -68.05 21.22 25.61
CA ASN A 5 -67.98 20.02 24.77
C ASN A 5 -68.75 20.12 23.46
N ASP A 6 -69.06 21.36 23.06
CA ASP A 6 -69.95 21.63 21.96
C ASP A 6 -69.27 21.38 20.63
N ILE A 7 -70.06 21.05 19.60
CA ILE A 7 -69.57 20.89 18.25
C ILE A 7 -70.13 22.05 17.44
N VAL A 8 -69.24 22.83 16.83
CA VAL A 8 -69.63 24.03 16.05
C VAL A 8 -68.84 24.10 14.76
N GLU A 9 -69.44 24.62 13.69
CA GLU A 9 -68.78 24.76 12.39
C GLU A 9 -67.95 26.04 12.42
N VAL A 10 -66.74 25.97 11.87
CA VAL A 10 -65.78 27.06 11.95
C VAL A 10 -64.83 27.05 10.74
N GLU A 11 -64.35 28.21 10.35
CA GLU A 11 -63.35 28.32 9.27
C GLU A 11 -61.99 28.67 9.87
N ILE A 12 -60.97 27.93 9.50
CA ILE A 12 -59.61 28.17 9.96
C ILE A 12 -59.01 29.26 9.08
N VAL A 13 -58.60 30.36 9.70
CA VAL A 13 -58.19 31.58 9.00
C VAL A 13 -56.69 31.86 9.03
N ASP A 14 -55.98 31.25 9.97
CA ASP A 14 -54.55 31.53 10.16
C ASP A 14 -53.86 30.41 10.95
N LEU A 15 -52.53 30.45 10.97
CA LEU A 15 -51.71 29.55 11.77
C LEU A 15 -50.97 30.35 12.85
N THR A 16 -50.97 29.82 14.08
CA THR A 16 -50.15 30.33 15.16
C THR A 16 -48.70 29.92 14.92
N HIS A 17 -47.79 30.57 15.63
CA HIS A 17 -46.37 30.24 15.59
C HIS A 17 -46.11 28.76 15.81
N GLU A 18 -46.89 28.14 16.70
CA GLU A 18 -46.73 26.75 17.10
C GLU A 18 -47.42 25.73 16.19
N GLY A 19 -48.16 26.19 15.17
CA GLY A 19 -48.79 25.26 14.21
C GLY A 19 -50.25 24.90 14.43
N ALA A 20 -50.91 25.52 15.43
CA ALA A 20 -52.39 25.61 15.46
C ALA A 20 -52.69 26.69 14.43
N GLY A 21 -53.74 26.75 13.64
CA GLY A 21 -55.11 26.42 13.78
C GLY A 21 -55.82 27.59 14.45
N VAL A 22 -56.16 28.66 13.71
CA VAL A 22 -56.83 29.82 14.26
C VAL A 22 -58.23 29.99 13.68
N ALA A 23 -59.22 30.07 14.58
CA ALA A 23 -60.63 30.34 14.24
C ALA A 23 -61.23 31.34 15.23
N LYS A 24 -62.40 31.87 14.91
CA LYS A 24 -63.12 32.82 15.76
C LYS A 24 -64.52 32.30 15.97
N VAL A 25 -64.98 32.16 17.21
CA VAL A 25 -66.32 31.65 17.53
C VAL A 25 -66.90 32.57 18.56
N ASP A 26 -68.10 33.11 18.26
CA ASP A 26 -68.77 34.11 19.09
C ASP A 26 -67.81 35.28 19.00
N GLY A 27 -67.28 35.74 20.13
CA GLY A 27 -66.21 36.74 20.11
C GLY A 27 -64.77 36.23 20.22
N LEU A 28 -64.57 34.92 20.51
CA LEU A 28 -63.27 34.49 20.98
C LEU A 28 -62.39 33.83 19.90
N VAL A 29 -61.09 33.98 20.08
CA VAL A 29 -60.08 33.32 19.28
C VAL A 29 -59.94 31.89 19.79
N PHE A 30 -59.96 30.93 18.87
CA PHE A 30 -59.78 29.51 19.18
C PHE A 30 -58.52 28.98 18.51
N PHE A 31 -57.79 28.15 19.26
CA PHE A 31 -56.63 27.44 18.74
C PHE A 31 -57.04 25.96 18.55
N VAL A 32 -56.89 25.46 17.33
CA VAL A 32 -57.30 24.14 16.96
C VAL A 32 -56.10 23.40 16.43
N GLU A 33 -55.76 22.29 17.05
CA GLU A 33 -54.59 21.54 16.64
C GLU A 33 -54.99 20.74 15.42
N ASN A 34 -54.03 20.70 14.47
CA ASN A 34 -54.15 19.96 13.26
C ASN A 34 -55.22 20.50 12.32
N ALA A 35 -55.37 21.82 12.29
CA ALA A 35 -56.27 22.49 11.38
C ALA A 35 -55.51 23.58 10.64
N LEU A 36 -55.59 23.58 9.32
CA LEU A 36 -54.81 24.48 8.47
C LEU A 36 -55.68 25.61 7.88
N PRO A 37 -55.06 26.74 7.47
CA PRO A 37 -55.80 27.81 6.84
C PRO A 37 -56.55 27.37 5.60
N SER A 38 -57.75 27.95 5.43
CA SER A 38 -58.71 27.62 4.35
C SER A 38 -59.56 26.37 4.64
N GLU A 39 -59.34 25.68 5.77
CA GLU A 39 -60.13 24.50 6.10
C GLU A 39 -61.41 24.91 6.81
N LYS A 40 -62.48 24.17 6.55
CA LYS A 40 -63.72 24.30 7.27
C LYS A 40 -63.88 23.01 8.04
N ILE A 41 -64.10 23.15 9.35
CA ILE A 41 -64.22 21.99 10.22
C ILE A 41 -65.46 22.11 11.06
N LEU A 42 -65.91 20.96 11.59
CA LEU A 42 -66.68 20.91 12.81
C LEU A 42 -65.66 20.79 13.94
N MET A 43 -65.75 21.69 14.90
CA MET A 43 -64.78 21.80 15.97
C MET A 43 -65.41 21.39 17.30
N ARG A 44 -64.79 20.44 17.99
CA ARG A 44 -65.17 20.08 19.35
C ARG A 44 -64.46 21.00 20.35
N VAL A 45 -65.25 21.70 21.15
CA VAL A 45 -64.73 22.64 22.16
C VAL A 45 -64.09 21.87 23.30
N LEU A 46 -62.82 22.15 23.57
CA LEU A 46 -62.13 21.54 24.70
C LEU A 46 -62.07 22.39 25.94
N LYS A 47 -62.05 23.71 25.78
CA LYS A 47 -61.71 24.60 26.90
C LYS A 47 -62.08 26.01 26.54
N VAL A 48 -62.80 26.71 27.42
CA VAL A 48 -63.18 28.09 27.16
C VAL A 48 -62.68 28.99 28.29
N ASN A 49 -61.66 29.78 28.02
CA ASN A 49 -61.26 30.88 28.90
C ASN A 49 -61.94 32.14 28.26
N LYS A 50 -61.72 33.32 28.83
CA LYS A 50 -61.84 34.58 28.08
C LYS A 50 -60.34 34.92 28.06
N LYS A 51 -59.80 35.37 26.94
CA LYS A 51 -60.44 35.57 25.64
C LYS A 51 -59.67 34.71 24.58
N ILE A 52 -59.51 33.41 24.88
CA ILE A 52 -58.74 32.44 24.07
C ILE A 52 -59.32 31.03 24.08
N GLY A 53 -59.00 30.30 22.99
CA GLY A 53 -58.81 28.84 22.78
C GLY A 53 -59.97 28.01 23.15
N PHE A 54 -59.95 26.70 23.13
CA PHE A 54 -59.11 25.68 22.52
C PHE A 54 -60.05 24.58 21.99
N GLY A 55 -59.75 24.09 20.79
CA GLY A 55 -60.62 23.10 20.11
C GLY A 55 -59.89 21.95 19.43
N LYS A 56 -60.68 20.99 19.00
CA LYS A 56 -60.18 19.79 18.34
C LYS A 56 -61.07 19.57 17.10
N VAL A 57 -60.47 19.09 16.03
CA VAL A 57 -61.23 18.75 14.83
C VAL A 57 -62.08 17.51 15.12
N GLU A 58 -63.40 17.64 14.96
CA GLU A 58 -64.32 16.50 14.96
C GLU A 58 -64.53 15.95 13.56
N LYS A 59 -64.52 16.83 12.57
CA LYS A 59 -64.72 16.46 11.18
C LYS A 59 -64.17 17.54 10.28
N TYR A 60 -63.54 17.13 9.18
CA TYR A 60 -63.14 18.02 8.11
C TYR A 60 -64.27 18.12 7.09
N LEU A 61 -64.77 19.33 6.86
CA LEU A 61 -65.72 19.56 5.78
C LEU A 61 -64.92 19.86 4.50
N VAL A 62 -63.95 20.75 4.61
CA VAL A 62 -63.03 21.06 3.52
C VAL A 62 -61.61 21.03 4.06
N GLN A 63 -60.76 20.26 3.38
CA GLN A 63 -59.34 20.14 3.68
C GLN A 63 -58.49 21.03 2.81
N SER A 64 -57.31 21.37 3.32
CA SER A 64 -56.41 22.28 2.63
C SER A 64 -55.77 21.53 1.50
N PRO A 65 -55.57 22.18 0.37
CA PRO A 65 -54.82 21.53 -0.71
C PRO A 65 -53.37 21.30 -0.34
N HIS A 66 -52.87 22.01 0.68
CA HIS A 66 -51.51 21.82 1.14
C HIS A 66 -51.32 20.85 2.29
N ARG A 67 -52.39 20.15 2.67
CA ARG A 67 -52.33 19.16 3.74
C ARG A 67 -51.62 17.90 3.30
N ASN A 68 -50.66 17.47 4.10
CA ASN A 68 -50.00 16.18 3.92
C ASN A 68 -50.82 15.10 4.64
N GLN A 69 -51.25 14.11 3.88
CA GLN A 69 -52.21 13.13 4.36
C GLN A 69 -51.58 11.92 4.99
N ASP A 70 -50.25 11.88 5.07
CA ASP A 70 -49.51 10.75 5.64
C ASP A 70 -49.96 10.40 7.10
N LEU A 71 -50.58 9.23 7.27
CA LEU A 71 -50.97 8.72 8.60
C LEU A 71 -49.78 8.46 9.59
N ASP A 72 -48.65 8.15 9.03
CA ASP A 72 -47.41 7.96 9.79
C ASP A 72 -46.92 9.28 10.38
N LEU A 73 -46.96 10.36 9.58
CA LEU A 73 -46.77 11.73 10.10
C LEU A 73 -47.81 12.17 11.10
N ALA A 74 -49.05 11.81 10.87
CA ALA A 74 -50.13 12.29 11.72
C ALA A 74 -49.99 11.78 13.15
N TYR A 75 -49.35 10.62 13.32
CA TYR A 75 -49.08 10.04 14.65
C TYR A 75 -47.93 10.75 15.38
N LEU A 76 -47.02 11.30 14.59
CA LEU A 76 -45.87 12.07 15.08
C LEU A 76 -46.15 13.54 15.34
N ARG A 77 -47.27 14.06 14.84
CA ARG A 77 -47.46 15.49 14.76
C ARG A 77 -47.35 16.19 16.08
N SER A 78 -47.96 15.63 17.11
CA SER A 78 -47.83 16.15 18.46
C SER A 78 -46.85 15.29 19.26
N GLY A 79 -45.58 15.73 19.30
CA GLY A 79 -44.48 15.07 19.89
C GLY A 79 -43.19 15.43 19.14
N ILE A 80 -43.17 15.23 17.82
CA ILE A 80 -41.95 15.15 17.02
C ILE A 80 -42.01 16.16 15.88
N ALA A 81 -43.04 16.09 15.05
CA ALA A 81 -43.15 16.96 13.87
C ALA A 81 -44.41 17.82 13.86
N ASP A 82 -44.37 18.88 14.65
CA ASP A 82 -45.38 19.94 14.78
C ASP A 82 -46.09 20.39 13.48
N LEU A 83 -45.33 20.48 12.39
CA LEU A 83 -45.79 20.98 11.10
C LEU A 83 -45.78 19.93 9.98
N GLY A 84 -45.58 18.66 10.31
CA GLY A 84 -45.50 17.62 9.30
C GLY A 84 -46.74 17.49 8.44
N HIS A 85 -47.88 17.87 8.98
CA HIS A 85 -49.13 17.88 8.23
C HIS A 85 -49.24 18.96 7.15
N LEU A 86 -48.36 19.95 7.18
CA LEU A 86 -48.28 20.97 6.12
C LEU A 86 -47.22 20.56 5.11
N SER A 87 -47.44 20.82 3.84
CA SER A 87 -46.45 20.48 2.81
C SER A 87 -45.16 21.24 3.03
N TYR A 88 -44.04 20.67 2.60
CA TYR A 88 -42.75 21.31 2.87
C TYR A 88 -42.62 22.70 2.25
N PRO A 89 -42.98 22.86 0.95
CA PRO A 89 -42.97 24.21 0.37
C PRO A 89 -43.78 25.24 1.16
N GLU A 90 -44.90 24.85 1.74
CA GLU A 90 -45.69 25.78 2.54
C GLU A 90 -45.13 25.99 3.95
N GLN A 91 -44.37 25.01 4.47
CA GLN A 91 -43.67 25.20 5.74
C GLN A 91 -42.64 26.32 5.62
N LEU A 92 -41.92 26.36 4.50
CA LEU A 92 -40.92 27.39 4.22
C LEU A 92 -41.56 28.76 4.09
N LYS A 93 -42.62 28.83 3.29
CA LYS A 93 -43.35 30.09 3.12
C LYS A 93 -43.90 30.61 4.45
N PHE A 94 -44.45 29.69 5.23
CA PHE A 94 -44.96 30.00 6.58
C PHE A 94 -43.87 30.54 7.51
N LYS A 95 -42.68 29.96 7.44
CA LYS A 95 -41.56 30.43 8.24
C LYS A 95 -40.99 31.79 7.77
N THR A 96 -40.93 32.00 6.47
CA THR A 96 -40.56 33.30 5.90
C THR A 96 -41.52 34.37 6.37
N LYS A 97 -42.82 34.09 6.23
CA LYS A 97 -43.88 35.04 6.61
C LYS A 97 -43.82 35.43 8.09
N GLN A 98 -43.45 34.47 8.95
CA GLN A 98 -43.39 34.74 10.37
C GLN A 98 -42.30 35.75 10.69
N VAL A 99 -41.16 35.62 10.01
CA VAL A 99 -40.04 36.53 10.19
C VAL A 99 -40.47 37.93 9.77
N LYS A 100 -41.00 38.07 8.55
CA LYS A 100 -41.58 39.34 8.07
C LYS A 100 -42.58 39.97 9.06
N ASP A 101 -43.54 39.17 9.52
CA ASP A 101 -44.59 39.67 10.39
C ASP A 101 -44.05 40.08 11.75
N SER A 102 -43.01 39.40 12.24
CA SER A 102 -42.41 39.75 13.54
C SER A 102 -41.65 41.06 13.52
N LEU A 103 -40.84 41.23 12.48
CA LEU A 103 -40.08 42.46 12.28
C LEU A 103 -40.99 43.68 12.09
N TYR A 104 -42.11 43.49 11.38
CA TYR A 104 -43.10 44.54 11.21
C TYR A 104 -43.83 44.82 12.54
N LYS A 105 -44.53 43.83 13.06
CA LYS A 105 -45.37 44.01 14.26
C LYS A 105 -44.60 44.48 15.50
N ILE A 106 -43.43 43.89 15.74
CA ILE A 106 -42.67 44.14 16.98
C ILE A 106 -41.63 45.24 16.83
N ALA A 107 -40.94 45.29 15.71
CA ALA A 107 -39.86 46.28 15.51
C ALA A 107 -40.17 47.41 14.52
N GLY A 108 -41.38 47.46 13.96
CA GLY A 108 -41.71 48.45 12.93
C GLY A 108 -40.96 48.38 11.61
N ILE A 109 -40.19 47.31 11.35
CA ILE A 109 -39.39 47.23 10.15
C ILE A 109 -40.21 46.63 9.00
N ALA A 110 -40.41 47.44 7.95
CA ALA A 110 -40.94 46.98 6.66
C ALA A 110 -40.03 47.25 5.46
N ASP A 111 -38.99 48.05 5.62
CA ASP A 111 -38.14 48.50 4.50
C ASP A 111 -37.03 47.51 4.13
N VAL A 112 -36.83 46.44 4.90
CA VAL A 112 -35.73 45.49 4.67
C VAL A 112 -36.23 44.17 4.09
N GLU A 113 -35.56 43.68 3.06
CA GLU A 113 -35.96 42.45 2.37
C GLU A 113 -35.56 41.24 3.21
N VAL A 114 -36.55 40.45 3.61
CA VAL A 114 -36.34 39.16 4.24
C VAL A 114 -36.26 38.11 3.15
N ALA A 115 -35.10 37.46 3.01
CA ALA A 115 -34.96 36.40 2.01
C ALA A 115 -35.89 35.23 2.29
N GLU A 116 -36.19 34.48 1.24
CA GLU A 116 -37.03 33.28 1.36
C GLU A 116 -36.25 32.30 2.23
N THR A 117 -36.95 31.69 3.20
CA THR A 117 -36.35 30.69 4.07
C THR A 117 -35.59 29.65 3.26
N LEU A 118 -34.31 29.46 3.61
CA LEU A 118 -33.46 28.49 2.93
C LEU A 118 -33.82 27.11 3.43
N GLY A 119 -34.30 26.26 2.51
CA GLY A 119 -34.84 24.96 2.87
C GLY A 119 -33.81 23.89 2.73
N MET A 120 -34.11 22.74 3.30
CA MET A 120 -33.25 21.59 3.27
C MET A 120 -33.69 20.73 2.08
N GLU A 121 -32.73 20.24 1.31
CA GLU A 121 -33.01 19.55 0.05
C GLU A 121 -33.81 18.28 0.30
N HIS A 122 -33.38 17.48 1.30
CA HIS A 122 -34.11 16.30 1.75
C HIS A 122 -34.49 16.52 3.20
N PRO A 123 -35.67 17.12 3.46
CA PRO A 123 -36.02 17.59 4.80
C PRO A 123 -36.47 16.48 5.78
N VAL A 124 -35.66 15.44 5.89
CA VAL A 124 -35.99 14.27 6.67
C VAL A 124 -34.72 13.65 7.22
N LYS A 125 -34.85 12.77 8.20
CA LYS A 125 -33.73 11.99 8.72
C LYS A 125 -32.49 12.82 9.05
N TYR A 126 -32.68 14.00 9.64
CA TYR A 126 -31.57 14.96 9.83
C TYR A 126 -31.01 15.04 11.25
N ARG A 127 -31.80 14.74 12.27
CA ARG A 127 -31.35 14.94 13.65
C ARG A 127 -30.20 14.03 14.02
N ASN A 128 -29.16 14.60 14.60
CA ASN A 128 -28.02 13.83 15.11
C ASN A 128 -28.15 13.45 16.59
N LYS A 129 -29.25 13.81 17.24
CA LYS A 129 -29.44 13.47 18.64
C LYS A 129 -30.87 13.06 18.86
N ALA A 130 -31.06 11.99 19.64
CA ALA A 130 -32.37 11.51 20.01
C ALA A 130 -32.44 11.54 21.52
N GLN A 131 -33.58 11.98 22.06
CA GLN A 131 -33.89 11.86 23.47
C GLN A 131 -35.18 11.07 23.54
N VAL A 132 -35.11 9.86 24.07
CA VAL A 132 -36.22 8.92 24.06
C VAL A 132 -36.55 8.45 25.48
N PRO A 133 -37.80 8.65 25.92
CA PRO A 133 -38.17 8.07 27.23
C PRO A 133 -38.32 6.56 27.16
N VAL A 134 -38.15 5.93 28.30
CA VAL A 134 -38.20 4.48 28.44
C VAL A 134 -39.25 4.21 29.51
N ARG A 135 -40.31 3.52 29.14
CA ARG A 135 -41.40 3.19 30.05
C ARG A 135 -41.88 1.77 29.88
N ARG A 136 -42.54 1.29 30.94
CA ARG A 136 -43.16 -0.03 30.97
C ARG A 136 -44.54 0.11 30.37
N VAL A 137 -44.80 -0.70 29.33
CA VAL A 137 -46.11 -0.75 28.71
C VAL A 137 -46.43 -2.23 28.56
N ASN A 138 -47.46 -2.68 29.28
CA ASN A 138 -47.91 -4.07 29.28
C ASN A 138 -46.80 -5.03 29.74
N GLY A 139 -46.18 -4.65 30.87
CA GLY A 139 -44.98 -5.23 31.43
C GLY A 139 -43.75 -5.30 30.58
N VAL A 140 -43.64 -4.53 29.49
CA VAL A 140 -42.51 -4.63 28.57
C VAL A 140 -41.87 -3.27 28.44
N LEU A 141 -40.54 -3.23 28.51
CA LEU A 141 -39.81 -1.99 28.37
C LEU A 141 -40.00 -1.51 26.97
N GLU A 142 -40.52 -0.30 26.81
CA GLU A 142 -40.76 0.28 25.48
C GLU A 142 -40.07 1.64 25.36
N THR A 143 -39.60 1.93 24.15
CA THR A 143 -39.08 3.25 23.81
C THR A 143 -40.06 3.90 22.86
N GLY A 144 -40.06 5.22 22.86
CA GLY A 144 -40.96 6.01 22.03
C GLY A 144 -40.88 7.49 22.31
N PHE A 145 -42.02 8.17 22.29
CA PHE A 145 -42.05 9.60 22.59
C PHE A 145 -43.30 9.97 23.39
N PHE A 146 -43.32 11.21 23.87
CA PHE A 146 -44.46 11.79 24.54
C PHE A 146 -45.04 12.88 23.69
N ARG A 147 -46.36 13.00 23.71
CA ARG A 147 -47.05 14.09 23.03
C ARG A 147 -46.90 15.36 23.85
N LYS A 148 -47.34 16.49 23.29
CA LYS A 148 -47.30 17.78 24.01
C LYS A 148 -48.09 17.72 25.32
N ASN A 149 -47.44 18.10 26.41
CA ASN A 149 -48.05 18.11 27.75
C ASN A 149 -48.69 16.76 28.13
N SER A 150 -48.06 15.65 27.74
CA SER A 150 -48.53 14.30 28.11
C SER A 150 -47.33 13.51 28.56
N HIS A 151 -47.59 12.40 29.24
CA HIS A 151 -46.53 11.50 29.71
C HIS A 151 -46.91 10.04 29.47
N ASN A 152 -47.73 9.81 28.45
CA ASN A 152 -48.14 8.48 28.07
C ASN A 152 -47.29 8.07 26.88
N LEU A 153 -46.54 7.00 27.01
CA LEU A 153 -45.58 6.62 25.99
C LEU A 153 -46.27 6.19 24.70
N MET A 154 -45.97 6.91 23.62
CA MET A 154 -46.38 6.51 22.28
C MET A 154 -45.25 5.65 21.70
N PRO A 155 -45.48 4.34 21.49
CA PRO A 155 -44.35 3.53 20.99
C PRO A 155 -43.97 3.90 19.57
N LEU A 156 -42.67 3.94 19.30
CA LEU A 156 -42.18 4.30 18.00
C LEU A 156 -40.74 3.83 17.84
N GLU A 157 -40.46 3.30 16.65
CA GLU A 157 -39.11 2.91 16.23
C GLU A 157 -38.53 3.87 15.19
N ASP A 158 -39.36 4.25 14.20
CA ASP A 158 -38.97 5.15 13.11
C ASP A 158 -39.41 6.59 13.39
N PHE A 159 -38.44 7.43 13.74
CA PHE A 159 -38.71 8.79 14.20
C PHE A 159 -38.79 9.82 13.08
N PHE A 160 -38.69 9.37 11.83
CA PHE A 160 -38.94 10.21 10.64
C PHE A 160 -37.87 11.29 10.37
N ILE A 161 -37.56 12.08 11.39
CA ILE A 161 -36.66 13.24 11.28
C ILE A 161 -35.28 13.03 11.91
N GLN A 162 -34.97 11.82 12.36
CA GLN A 162 -33.62 11.55 12.84
C GLN A 162 -32.83 10.59 11.99
N ASP A 163 -31.52 10.72 12.13
CA ASP A 163 -30.51 9.83 11.59
C ASP A 163 -30.96 8.38 11.79
N PRO A 164 -31.20 7.65 10.69
CA PRO A 164 -31.71 6.29 10.85
C PRO A 164 -30.78 5.39 11.65
N VAL A 165 -29.47 5.67 11.66
CA VAL A 165 -28.55 4.90 12.51
C VAL A 165 -28.90 5.10 13.99
N ILE A 166 -29.30 6.30 14.38
CA ILE A 166 -29.71 6.54 15.75
C ILE A 166 -30.97 5.76 16.11
N ASP A 167 -31.91 5.68 15.18
CA ASP A 167 -33.09 4.81 15.34
C ASP A 167 -32.68 3.36 15.62
N GLN A 168 -31.75 2.83 14.82
CA GLN A 168 -31.26 1.47 15.00
C GLN A 168 -30.62 1.27 16.37
N VAL A 169 -29.85 2.25 16.84
CA VAL A 169 -29.15 2.15 18.14
C VAL A 169 -30.17 2.16 19.28
N VAL A 170 -31.17 3.02 19.20
CA VAL A 170 -32.24 3.09 20.21
C VAL A 170 -32.98 1.76 20.31
N VAL A 171 -33.35 1.18 19.17
CA VAL A 171 -34.07 -0.08 19.17
C VAL A 171 -33.17 -1.16 19.73
N ALA A 172 -31.92 -1.19 19.31
CA ALA A 172 -30.95 -2.17 19.81
C ALA A 172 -30.79 -2.06 21.29
N LEU A 173 -30.76 -0.85 21.82
CA LEU A 173 -30.67 -0.63 23.27
C LEU A 173 -31.94 -1.00 23.96
N ARG A 174 -33.08 -0.75 23.34
CA ARG A 174 -34.35 -1.16 23.90
C ARG A 174 -34.33 -2.67 24.12
N ASP A 175 -33.98 -3.41 23.06
CA ASP A 175 -33.92 -4.86 23.14
C ASP A 175 -32.84 -5.37 24.12
N LEU A 176 -31.71 -4.69 24.19
CA LEU A 176 -30.66 -5.07 25.15
C LEU A 176 -31.10 -4.86 26.57
N LEU A 177 -31.78 -3.75 26.84
CA LEU A 177 -32.28 -3.49 28.20
C LEU A 177 -33.27 -4.57 28.65
N ARG A 178 -34.04 -5.09 27.72
CA ARG A 178 -34.95 -6.20 28.00
C ARG A 178 -34.20 -7.46 28.33
N ARG A 179 -33.20 -7.78 27.50
CA ARG A 179 -32.36 -8.98 27.69
C ARG A 179 -31.56 -8.99 28.97
N PHE A 180 -31.31 -7.83 29.55
CA PHE A 180 -30.66 -7.70 30.85
C PHE A 180 -31.64 -7.40 31.99
N ASP A 181 -32.93 -7.57 31.74
CA ASP A 181 -33.96 -7.41 32.77
C ASP A 181 -33.84 -6.12 33.59
N LEU A 182 -33.48 -5.01 32.93
CA LEU A 182 -33.45 -3.72 33.60
C LEU A 182 -34.85 -3.12 33.60
N LYS A 183 -35.31 -2.70 34.77
CA LYS A 183 -36.67 -2.21 34.93
C LYS A 183 -36.78 -0.78 34.41
N PRO A 184 -37.80 -0.49 33.58
CA PRO A 184 -38.06 0.91 33.20
C PRO A 184 -38.70 1.73 34.32
N TYR A 185 -38.49 3.02 34.24
CA TYR A 185 -39.12 4.01 35.11
C TYR A 185 -40.64 4.01 34.99
N ASP A 186 -41.28 4.35 36.10
CA ASP A 186 -42.73 4.53 36.17
C ASP A 186 -42.99 5.80 36.96
N GLU A 187 -43.53 6.84 36.30
CA GLU A 187 -43.76 8.14 36.92
C GLU A 187 -44.77 8.11 38.06
N LYS A 188 -45.82 7.28 37.93
CA LYS A 188 -46.86 7.17 38.97
C LYS A 188 -46.29 6.56 40.25
N GLU A 189 -45.67 5.40 40.13
CA GLU A 189 -45.10 4.69 41.28
C GLU A 189 -43.75 5.28 41.78
N GLN A 190 -43.00 5.97 40.91
CA GLN A 190 -41.59 6.30 41.16
C GLN A 190 -40.74 5.04 41.36
N SER A 191 -40.98 4.01 40.53
CA SER A 191 -40.22 2.80 40.60
C SER A 191 -39.32 2.66 39.36
N GLY A 192 -38.47 1.65 39.37
CA GLY A 192 -37.65 1.34 38.22
C GLY A 192 -36.36 2.13 38.09
N LEU A 193 -35.61 1.76 37.06
CA LEU A 193 -34.23 2.18 36.88
C LEU A 193 -33.97 3.09 35.65
N ILE A 194 -34.38 2.65 34.47
CA ILE A 194 -34.08 3.34 33.21
C ILE A 194 -35.16 4.38 32.89
N ARG A 195 -34.81 5.65 32.91
CA ARG A 195 -35.75 6.74 32.58
C ARG A 195 -35.70 7.16 31.13
N ASN A 196 -34.49 7.36 30.61
CA ASN A 196 -34.32 7.87 29.24
C ASN A 196 -33.09 7.32 28.55
N LEU A 197 -33.12 7.34 27.22
CA LEU A 197 -31.93 7.20 26.41
C LEU A 197 -31.68 8.52 25.66
N VAL A 198 -30.44 8.97 25.65
CA VAL A 198 -30.01 10.02 24.76
C VAL A 198 -28.88 9.47 23.93
N VAL A 199 -29.00 9.60 22.61
CA VAL A 199 -28.00 9.07 21.71
C VAL A 199 -27.67 10.15 20.74
N ARG A 200 -26.37 10.47 20.68
CA ARG A 200 -25.89 11.45 19.74
C ARG A 200 -24.91 10.77 18.81
N ARG A 201 -24.97 11.14 17.52
CA ARG A 201 -24.07 10.59 16.52
C ARG A 201 -23.54 11.69 15.62
N GLY A 202 -22.23 11.81 15.54
CA GLY A 202 -21.59 12.78 14.68
C GLY A 202 -22.06 12.66 13.25
N HIS A 203 -22.55 13.74 12.67
CA HIS A 203 -23.05 13.73 11.31
C HIS A 203 -22.01 13.31 10.26
N TYR A 204 -20.77 13.78 10.38
CA TYR A 204 -19.70 13.44 9.46
C TYR A 204 -18.83 12.30 9.95
N SER A 205 -18.50 12.31 11.23
CA SER A 205 -17.62 11.32 11.80
C SER A 205 -18.28 10.01 12.06
N GLY A 206 -19.58 10.01 12.30
CA GLY A 206 -20.34 8.80 12.68
C GLY A 206 -20.15 8.29 14.11
N GLN A 207 -19.36 8.96 14.94
CA GLN A 207 -19.07 8.53 16.29
C GLN A 207 -20.28 8.74 17.20
N ILE A 208 -20.54 7.76 18.06
CA ILE A 208 -21.78 7.70 18.83
C ILE A 208 -21.51 7.76 20.34
N MET A 209 -22.28 8.62 21.02
CA MET A 209 -22.35 8.65 22.47
C MET A 209 -23.71 8.13 22.87
N VAL A 210 -23.74 7.15 23.76
CA VAL A 210 -24.98 6.69 24.34
C VAL A 210 -24.99 7.25 25.75
N VAL A 211 -26.13 7.81 26.17
CA VAL A 211 -26.34 8.20 27.56
C VAL A 211 -27.51 7.42 28.13
N LEU A 212 -27.28 6.75 29.25
CA LEU A 212 -28.32 6.07 30.00
C LEU A 212 -28.69 6.96 31.14
N VAL A 213 -29.97 7.35 31.18
CA VAL A 213 -30.45 8.23 32.24
C VAL A 213 -31.18 7.32 33.20
N THR A 214 -30.63 7.21 34.41
CA THR A 214 -31.11 6.25 35.41
C THR A 214 -31.52 6.92 36.71
N THR A 215 -32.32 6.21 37.50
CA THR A 215 -32.74 6.69 38.84
C THR A 215 -31.68 6.47 39.91
N ARG A 216 -30.79 5.50 39.71
CA ARG A 216 -29.79 5.11 40.68
C ARG A 216 -28.47 4.84 39.99
N PRO A 217 -27.35 4.91 40.74
CA PRO A 217 -26.05 4.67 40.10
C PRO A 217 -25.76 3.23 39.68
N LYS A 218 -26.15 2.23 40.49
CA LYS A 218 -25.89 0.83 40.19
C LYS A 218 -26.85 0.30 39.14
N VAL A 219 -26.29 -0.15 38.02
CA VAL A 219 -27.02 -0.77 36.93
C VAL A 219 -26.46 -2.19 36.78
N PHE A 220 -27.19 -3.19 37.25
CA PHE A 220 -26.64 -4.55 37.34
C PHE A 220 -26.21 -5.08 35.98
N ARG A 221 -24.95 -5.50 35.88
CA ARG A 221 -24.35 -6.07 34.67
C ARG A 221 -24.26 -5.13 33.48
N VAL A 222 -24.22 -3.83 33.72
CA VAL A 222 -24.19 -2.85 32.63
C VAL A 222 -22.93 -2.94 31.78
N ASP A 223 -21.81 -3.38 32.36
CA ASP A 223 -20.58 -3.51 31.58
C ASP A 223 -20.69 -4.60 30.50
N GLN A 224 -21.35 -5.71 30.84
CA GLN A 224 -21.62 -6.79 29.88
C GLN A 224 -22.61 -6.30 28.78
N LEU A 225 -23.58 -5.48 29.17
CA LEU A 225 -24.48 -4.80 28.22
C LEU A 225 -23.73 -3.95 27.21
N ILE A 226 -22.82 -3.14 27.72
CA ILE A 226 -21.98 -2.27 26.89
C ILE A 226 -21.10 -3.06 25.93
N GLU A 227 -20.43 -4.12 26.41
CA GLU A 227 -19.62 -4.96 25.53
C GLU A 227 -20.41 -5.41 24.29
N GLN A 228 -21.68 -5.77 24.50
CA GLN A 228 -22.54 -6.24 23.42
C GLN A 228 -23.02 -5.13 22.47
N VAL A 229 -23.34 -3.93 23.00
CA VAL A 229 -23.77 -2.84 22.12
C VAL A 229 -22.63 -2.32 21.26
N ILE A 230 -21.42 -2.24 21.83
CA ILE A 230 -20.20 -1.90 21.09
C ILE A 230 -19.89 -2.88 19.97
N LYS A 231 -20.17 -4.16 20.20
CA LYS A 231 -19.97 -5.18 19.17
C LYS A 231 -20.90 -4.96 17.98
N GLN A 232 -22.18 -4.62 18.20
CA GLN A 232 -23.05 -4.30 17.03
C GLN A 232 -22.86 -2.90 16.47
N PHE A 233 -22.34 -1.95 17.25
CA PHE A 233 -22.08 -0.61 16.75
C PHE A 233 -20.69 -0.14 17.16
N PRO A 234 -19.66 -0.55 16.39
CA PRO A 234 -18.26 -0.17 16.69
C PRO A 234 -18.01 1.32 16.69
N GLU A 235 -18.87 2.07 16.01
CA GLU A 235 -18.85 3.53 16.04
C GLU A 235 -19.07 4.14 17.43
N ILE A 236 -19.60 3.40 18.41
CA ILE A 236 -19.81 3.95 19.76
C ILE A 236 -18.46 4.12 20.44
N VAL A 237 -18.10 5.38 20.69
CA VAL A 237 -16.87 5.70 21.41
C VAL A 237 -17.11 6.11 22.87
N SER A 238 -18.38 6.21 23.27
CA SER A 238 -18.69 6.75 24.59
C SER A 238 -20.01 6.23 25.08
N VAL A 239 -20.03 5.75 26.33
CA VAL A 239 -21.29 5.44 27.01
C VAL A 239 -21.25 6.16 28.34
N MET A 240 -22.15 7.11 28.50
CA MET A 240 -22.23 7.91 29.70
C MET A 240 -23.44 7.49 30.50
N GLN A 241 -23.41 7.82 31.79
CA GLN A 241 -24.56 7.68 32.64
C GLN A 241 -24.91 9.05 33.19
N ASN A 242 -26.21 9.33 33.28
CA ASN A 242 -26.72 10.48 34.00
C ASN A 242 -27.73 9.99 35.00
N ILE A 243 -27.58 10.43 36.25
CA ILE A 243 -28.44 10.00 37.34
C ILE A 243 -29.47 11.11 37.58
N ASN A 244 -30.75 10.75 37.53
CA ASN A 244 -31.84 11.64 37.84
C ASN A 244 -32.78 10.91 38.80
N ASP A 245 -32.65 11.27 40.07
CA ASP A 245 -33.38 10.68 41.18
C ASP A 245 -34.60 11.48 41.59
N GLN A 246 -34.80 12.65 40.93
CA GLN A 246 -35.98 13.49 41.16
C GLN A 246 -37.16 12.97 40.33
N ASN A 247 -38.35 13.40 40.70
CA ASN A 247 -39.60 13.13 39.99
C ASN A 247 -39.99 14.42 39.27
N THR A 248 -39.34 14.67 38.14
CA THR A 248 -39.49 15.92 37.40
C THR A 248 -39.62 15.66 35.90
N ASN A 249 -39.97 16.70 35.15
CA ASN A 249 -40.02 16.58 33.69
C ASN A 249 -38.63 16.72 33.06
N ALA A 250 -37.68 17.34 33.79
CA ALA A 250 -36.32 17.52 33.29
C ALA A 250 -35.72 16.15 32.95
N ILE A 251 -35.07 16.05 31.81
CA ILE A 251 -34.41 14.80 31.40
C ILE A 251 -33.21 14.52 32.30
N PHE A 252 -32.26 15.44 32.36
CA PHE A 252 -31.01 15.18 33.06
C PHE A 252 -31.05 15.65 34.52
N GLY A 253 -30.38 14.89 35.40
CA GLY A 253 -30.02 15.35 36.75
C GLY A 253 -28.65 16.00 36.76
N LYS A 254 -28.09 16.19 37.95
CA LYS A 254 -26.76 16.83 38.09
C LYS A 254 -25.62 15.87 37.73
N GLU A 255 -25.64 14.65 38.25
CA GLU A 255 -24.45 13.78 38.20
C GLU A 255 -24.24 13.02 36.88
N TRP A 256 -23.07 13.17 36.26
CA TRP A 256 -22.65 12.36 35.11
C TRP A 256 -21.50 11.41 35.47
N ARG A 257 -21.50 10.22 34.88
CA ARG A 257 -20.39 9.27 35.00
C ARG A 257 -20.04 8.71 33.63
N THR A 258 -18.79 8.33 33.46
CA THR A 258 -18.35 7.66 32.24
C THR A 258 -18.33 6.15 32.49
N LEU A 259 -19.15 5.42 31.73
CA LEU A 259 -19.21 3.97 31.83
C LEU A 259 -18.28 3.28 30.86
N TYR A 260 -18.09 3.83 29.67
CA TYR A 260 -17.15 3.25 28.72
C TYR A 260 -16.57 4.32 27.83
N GLY A 261 -15.27 4.19 27.56
CA GLY A 261 -14.61 5.01 26.55
C GLY A 261 -14.40 6.43 27.01
N GLN A 262 -14.67 7.37 26.10
CA GLN A 262 -14.49 8.81 26.33
C GLN A 262 -15.73 9.45 26.95
N ASP A 263 -15.63 10.71 27.34
CA ASP A 263 -16.80 11.50 27.78
C ASP A 263 -17.20 12.55 26.74
N TYR A 264 -16.82 12.27 25.49
CA TYR A 264 -17.08 13.14 24.36
C TYR A 264 -17.10 12.31 23.05
N ILE A 265 -17.71 12.84 22.00
CA ILE A 265 -17.49 12.36 20.65
C ILE A 265 -16.78 13.46 19.88
N THR A 266 -16.33 13.15 18.68
CA THR A 266 -15.72 14.14 17.83
C THR A 266 -16.49 14.16 16.53
N ASP A 267 -16.84 15.35 16.05
CA ASP A 267 -17.50 15.53 14.77
C ASP A 267 -16.88 16.75 14.07
N GLN A 268 -17.06 16.83 12.77
CA GLN A 268 -16.50 17.90 11.95
C GLN A 268 -17.56 18.96 11.71
N MET A 269 -17.16 20.23 11.75
CA MET A 269 -17.97 21.33 11.22
C MET A 269 -17.07 22.35 10.50
N LEU A 270 -17.41 22.67 9.26
CA LEU A 270 -16.65 23.61 8.45
C LEU A 270 -15.18 23.22 8.38
N GLY A 271 -14.88 21.94 8.30
CA GLY A 271 -13.52 21.42 8.26
C GLY A 271 -12.68 21.57 9.53
N ASN A 272 -13.29 21.45 10.71
CA ASN A 272 -12.54 21.45 11.98
C ASN A 272 -13.09 20.36 12.87
N ASP A 273 -12.23 19.83 13.76
CA ASP A 273 -12.67 18.83 14.70
C ASP A 273 -13.17 19.48 15.97
N PHE A 274 -14.34 19.04 16.45
CA PHE A 274 -14.90 19.49 17.71
C PHE A 274 -15.26 18.32 18.61
N GLN A 275 -14.80 18.38 19.84
CA GLN A 275 -15.21 17.46 20.87
C GLN A 275 -16.48 17.95 21.53
N ILE A 276 -17.41 17.03 21.76
CA ILE A 276 -18.76 17.34 22.20
C ILE A 276 -19.12 16.49 23.41
N ALA A 277 -19.21 17.13 24.57
CA ALA A 277 -19.65 16.44 25.78
C ALA A 277 -21.17 16.19 25.77
N GLY A 278 -21.60 15.25 26.60
CA GLY A 278 -23.02 14.92 26.77
C GLY A 278 -23.93 16.11 27.05
N PRO A 279 -23.63 16.87 28.11
CA PRO A 279 -24.44 18.04 28.45
C PRO A 279 -24.16 19.31 27.60
N ALA A 280 -23.19 19.26 26.69
CA ALA A 280 -22.92 20.41 25.84
C ALA A 280 -23.93 20.47 24.71
N PHE A 281 -24.17 21.68 24.21
CA PHE A 281 -25.06 21.91 23.07
C PHE A 281 -24.32 21.74 21.76
N TYR A 282 -24.99 21.12 20.80
CA TYR A 282 -24.48 20.91 19.44
C TYR A 282 -25.68 20.90 18.51
N GLN A 283 -25.65 21.67 17.45
CA GLN A 283 -26.83 21.76 16.58
C GLN A 283 -27.18 20.38 16.08
N VAL A 284 -28.45 20.03 16.21
CA VAL A 284 -28.90 18.71 15.80
C VAL A 284 -28.98 18.49 14.29
N ASN A 285 -29.04 19.57 13.51
CA ASN A 285 -29.00 19.49 12.05
C ASN A 285 -27.67 20.03 11.57
N THR A 286 -26.65 19.18 11.57
CA THR A 286 -25.30 19.60 11.22
C THR A 286 -25.20 20.19 9.80
N GLU A 287 -25.89 19.57 8.84
CA GLU A 287 -25.89 20.05 7.44
C GLU A 287 -26.37 21.49 7.31
N MET A 288 -27.53 21.77 7.90
CA MET A 288 -28.13 23.09 7.79
C MET A 288 -27.48 24.09 8.72
N ALA A 289 -26.94 23.62 9.85
CA ALA A 289 -26.22 24.49 10.76
C ALA A 289 -24.97 25.07 10.10
N GLU A 290 -24.31 24.27 9.26
CA GLU A 290 -23.17 24.76 8.48
C GLU A 290 -23.57 25.92 7.57
N LYS A 291 -24.71 25.81 6.92
CA LYS A 291 -25.20 26.87 6.06
C LYS A 291 -25.56 28.11 6.88
N LEU A 292 -26.12 27.89 8.06
CA LEU A 292 -26.46 28.97 8.99
C LEU A 292 -25.22 29.72 9.42
N TYR A 293 -24.21 28.99 9.87
CA TYR A 293 -22.96 29.60 10.30
C TYR A 293 -22.29 30.29 9.13
N GLN A 294 -22.22 29.62 8.00
CA GLN A 294 -21.59 30.22 6.84
C GLN A 294 -22.29 31.51 6.43
N THR A 295 -23.62 31.52 6.51
CA THR A 295 -24.36 32.74 6.24
C THR A 295 -23.92 33.86 7.17
N ALA A 296 -23.86 33.59 8.48
CA ALA A 296 -23.48 34.62 9.46
C ALA A 296 -22.05 35.10 9.27
N ILE A 297 -21.15 34.19 8.96
CA ILE A 297 -19.75 34.52 8.69
C ILE A 297 -19.64 35.41 7.44
N ASP A 298 -20.43 35.12 6.40
CA ASP A 298 -20.43 35.95 5.18
C ASP A 298 -21.01 37.34 5.44
N PHE A 299 -22.14 37.39 6.12
CA PHE A 299 -22.70 38.66 6.60
C PHE A 299 -21.66 39.55 7.32
N ALA A 300 -20.81 38.95 8.14
CA ALA A 300 -19.86 39.67 8.97
C ALA A 300 -18.64 40.22 8.22
N GLU A 301 -18.39 39.72 7.00
CA GLU A 301 -17.26 40.10 6.14
C GLU A 301 -15.95 40.20 6.91
N LEU A 302 -15.52 39.07 7.45
CA LEU A 302 -14.37 39.05 8.34
C LEU A 302 -13.08 39.22 7.54
N LYS A 303 -12.16 40.04 8.07
CA LYS A 303 -10.86 40.28 7.51
C LYS A 303 -9.78 40.01 8.56
N LYS A 304 -8.51 39.94 8.13
CA LYS A 304 -7.41 39.45 8.98
C LYS A 304 -7.15 40.27 10.25
N ASP A 305 -7.67 41.50 10.33
CA ASP A 305 -7.47 42.37 11.51
C ASP A 305 -8.71 42.51 12.42
N ASP A 306 -9.80 41.84 12.08
CA ASP A 306 -11.06 41.93 12.84
C ASP A 306 -10.93 41.26 14.21
N VAL A 307 -11.67 41.79 15.18
CA VAL A 307 -11.72 41.18 16.50
C VAL A 307 -13.18 40.82 16.75
N ILE A 308 -13.41 39.53 16.99
CA ILE A 308 -14.73 38.96 17.04
C ILE A 308 -15.07 38.62 18.46
N ILE A 309 -16.31 38.89 18.86
CA ILE A 309 -16.91 38.29 20.05
C ILE A 309 -17.85 37.21 19.57
N ASP A 310 -17.72 35.99 20.09
CA ASP A 310 -18.62 34.85 19.79
C ASP A 310 -19.40 34.60 21.08
N ALA A 311 -20.53 35.29 21.23
CA ALA A 311 -21.34 35.17 22.44
C ALA A 311 -22.29 34.00 22.33
N TYR A 312 -22.54 33.35 23.46
CA TYR A 312 -23.27 32.08 23.51
C TYR A 312 -22.54 31.02 22.65
N SER A 313 -21.26 30.84 22.98
CA SER A 313 -20.30 30.20 22.10
C SER A 313 -20.42 28.69 21.98
N GLY A 314 -21.02 28.07 23.00
CA GLY A 314 -21.15 26.61 23.05
C GLY A 314 -19.81 25.94 23.15
N ILE A 315 -19.59 24.98 22.25
CA ILE A 315 -18.31 24.28 22.16
C ILE A 315 -17.31 25.01 21.27
N GLY A 316 -17.63 26.25 20.87
CA GLY A 316 -16.72 27.09 20.12
C GLY A 316 -16.81 26.93 18.62
N THR A 317 -17.89 26.31 18.12
CA THR A 317 -18.04 26.03 16.69
C THR A 317 -17.93 27.26 15.79
N ILE A 318 -18.59 28.37 16.11
CA ILE A 318 -18.56 29.53 15.20
C ILE A 318 -17.21 30.23 15.30
N GLY A 319 -16.83 30.64 16.51
CA GLY A 319 -15.58 31.33 16.75
C GLY A 319 -14.32 30.60 16.26
N LEU A 320 -14.22 29.31 16.53
CA LEU A 320 -13.05 28.54 16.10
C LEU A 320 -13.02 28.30 14.59
N SER A 321 -14.17 28.29 13.93
CA SER A 321 -14.19 28.14 12.47
C SER A 321 -13.75 29.38 11.72
N VAL A 322 -13.62 30.51 12.41
CA VAL A 322 -13.10 31.76 11.82
C VAL A 322 -11.78 32.25 12.39
N ALA A 323 -11.32 31.68 13.50
CA ALA A 323 -10.20 32.26 14.24
C ALA A 323 -8.90 32.38 13.46
N LYS A 324 -8.67 31.47 12.51
CA LYS A 324 -7.49 31.52 11.67
C LYS A 324 -7.55 32.64 10.63
N HIS A 325 -8.74 33.16 10.33
CA HIS A 325 -8.90 34.28 9.37
C HIS A 325 -9.05 35.65 10.01
N VAL A 326 -8.72 35.77 11.28
CA VAL A 326 -9.13 36.89 12.14
C VAL A 326 -8.03 37.17 13.16
N LYS A 327 -7.99 38.39 13.73
CA LYS A 327 -6.94 38.70 14.70
C LYS A 327 -7.16 37.97 16.01
N GLU A 328 -8.30 38.20 16.64
CA GLU A 328 -8.60 37.64 17.95
C GLU A 328 -10.06 37.21 17.99
N VAL A 329 -10.34 36.17 18.78
CA VAL A 329 -11.70 35.72 19.08
C VAL A 329 -11.92 35.65 20.58
N TYR A 330 -12.98 36.27 21.06
CA TYR A 330 -13.37 36.23 22.46
C TYR A 330 -14.76 35.62 22.51
N GLY A 331 -14.95 34.59 23.32
CA GLY A 331 -16.23 33.90 23.41
C GLY A 331 -16.67 33.64 24.83
N VAL A 332 -17.98 33.49 25.01
CA VAL A 332 -18.57 33.28 26.33
C VAL A 332 -19.59 32.16 26.23
N GLU A 333 -19.55 31.28 27.22
CA GLU A 333 -20.46 30.15 27.30
C GLU A 333 -20.76 29.85 28.76
N LEU A 334 -22.02 29.52 29.07
CA LEU A 334 -22.49 29.28 30.45
C LEU A 334 -22.14 27.89 31.01
N ILE A 335 -22.36 26.86 30.19
CA ILE A 335 -22.16 25.46 30.57
C ILE A 335 -20.65 25.16 30.60
N PRO A 336 -20.10 24.81 31.80
CA PRO A 336 -18.65 24.55 31.94
C PRO A 336 -18.10 23.43 31.03
N GLU A 337 -18.87 22.35 30.84
CA GLU A 337 -18.40 21.23 30.01
C GLU A 337 -18.24 21.63 28.53
N ALA A 338 -19.07 22.58 28.07
CA ALA A 338 -18.93 23.15 26.72
C ALA A 338 -17.75 24.11 26.62
N VAL A 339 -17.52 24.93 27.64
CA VAL A 339 -16.37 25.84 27.62
C VAL A 339 -15.06 25.06 27.64
N GLU A 340 -15.01 24.00 28.45
CA GLU A 340 -13.87 23.09 28.49
C GLU A 340 -13.69 22.41 27.14
N ASN A 341 -14.78 22.01 26.48
CA ASN A 341 -14.72 21.53 25.09
C ASN A 341 -14.10 22.58 24.15
N SER A 342 -14.55 23.82 24.26
CA SER A 342 -14.08 24.89 23.37
C SER A 342 -12.59 25.21 23.54
N GLN A 343 -12.12 25.16 24.78
CA GLN A 343 -10.68 25.26 25.03
C GLN A 343 -9.89 24.13 24.43
N LYS A 344 -10.36 22.90 24.62
CA LYS A 344 -9.71 21.75 23.99
C LYS A 344 -9.81 21.83 22.47
N ASN A 345 -10.96 22.28 21.98
CA ASN A 345 -11.16 22.37 20.53
C ASN A 345 -10.25 23.37 19.86
N ALA A 346 -9.90 24.44 20.58
CA ALA A 346 -8.91 25.42 20.10
C ALA A 346 -7.54 24.76 19.96
N SER A 347 -7.06 24.14 21.03
CA SER A 347 -5.81 23.35 21.02
C SER A 347 -5.81 22.34 19.89
N LEU A 348 -6.87 21.55 19.85
CA LEU A 348 -7.05 20.50 18.86
C LEU A 348 -6.90 20.96 17.42
N ASN A 349 -7.37 22.17 17.12
CA ASN A 349 -7.26 22.76 15.77
C ASN A 349 -6.09 23.77 15.60
N LYS A 350 -5.16 23.79 16.55
CA LYS A 350 -3.97 24.64 16.49
C LYS A 350 -4.34 26.12 16.34
N ILE A 351 -5.12 26.59 17.29
CA ILE A 351 -5.69 27.93 17.31
C ILE A 351 -5.19 28.58 18.57
N THR A 352 -4.46 29.67 18.39
CA THR A 352 -3.77 30.33 19.49
C THR A 352 -4.36 31.69 19.88
N ASN A 353 -5.37 32.16 19.15
CA ASN A 353 -5.94 33.50 19.36
C ASN A 353 -7.41 33.47 19.81
N ALA A 354 -7.84 32.38 20.44
CA ALA A 354 -9.19 32.25 20.96
C ALA A 354 -9.15 32.38 22.47
N HIS A 355 -10.09 33.13 23.05
CA HIS A 355 -10.15 33.36 24.49
C HIS A 355 -11.59 33.14 24.97
N TYR A 356 -11.83 31.99 25.59
CA TYR A 356 -13.16 31.59 26.02
C TYR A 356 -13.30 31.75 27.53
N VAL A 357 -14.47 32.21 27.97
CA VAL A 357 -14.74 32.51 29.40
C VAL A 357 -16.04 31.82 29.80
N CYS A 358 -16.12 31.30 31.03
CA CYS A 358 -17.34 30.64 31.50
C CYS A 358 -18.15 31.61 32.31
N ASP A 359 -19.10 32.25 31.64
CA ASP A 359 -19.97 33.20 32.30
C ASP A 359 -21.32 33.31 31.60
N THR A 360 -22.09 34.29 32.08
CA THR A 360 -23.26 34.87 31.40
C THR A 360 -22.78 35.83 30.36
N ALA A 361 -23.44 35.82 29.22
CA ALA A 361 -23.04 36.71 28.09
C ALA A 361 -23.02 38.16 28.55
N GLU A 362 -24.00 38.53 29.36
CA GLU A 362 -24.20 39.88 29.74
C GLU A 362 -23.06 40.43 30.62
N ASN A 363 -22.52 39.62 31.53
CA ASN A 363 -21.44 40.14 32.42
C ASN A 363 -20.08 39.78 31.92
N ALA A 364 -19.96 38.88 30.96
CA ALA A 364 -18.73 38.78 30.14
C ALA A 364 -18.51 40.03 29.28
N MET A 365 -19.58 40.47 28.62
CA MET A 365 -19.59 41.67 27.79
C MET A 365 -19.19 42.87 28.64
N LYS A 366 -19.72 42.92 29.86
CA LYS A 366 -19.37 43.97 30.78
C LYS A 366 -17.90 43.96 31.19
N LYS A 367 -17.33 42.78 31.37
CA LYS A 367 -15.90 42.63 31.67
C LYS A 367 -15.03 43.03 30.50
N TRP A 368 -15.36 42.52 29.31
CA TRP A 368 -14.61 42.87 28.10
C TRP A 368 -14.63 44.37 27.79
N LEU A 369 -15.75 45.00 28.10
CA LEU A 369 -15.92 46.45 27.97
C LEU A 369 -14.98 47.17 28.94
N LYS A 370 -14.98 46.72 30.19
CA LYS A 370 -14.12 47.29 31.25
C LYS A 370 -12.62 46.97 31.00
N GLU A 371 -12.32 45.85 30.36
CA GLU A 371 -10.94 45.51 30.01
C GLU A 371 -10.39 46.23 28.76
N GLY A 372 -11.25 46.95 28.03
CA GLY A 372 -10.86 47.65 26.82
C GLY A 372 -10.69 46.83 25.56
N ILE A 373 -11.22 45.60 25.52
CA ILE A 373 -11.21 44.79 24.29
C ILE A 373 -12.03 45.60 23.27
N GLN A 374 -11.55 45.66 22.05
CA GLN A 374 -12.14 46.47 21.00
C GLN A 374 -12.66 45.59 19.87
N PRO A 375 -13.81 44.94 20.05
CA PRO A 375 -14.31 44.11 18.98
C PRO A 375 -14.81 44.93 17.79
N THR A 376 -14.64 44.37 16.60
CA THR A 376 -15.18 44.97 15.38
C THR A 376 -16.44 44.27 14.88
N VAL A 377 -16.67 43.02 15.34
CA VAL A 377 -17.88 42.29 15.02
C VAL A 377 -18.35 41.61 16.30
N ILE A 378 -19.66 41.52 16.47
CA ILE A 378 -20.23 40.74 17.55
C ILE A 378 -21.18 39.72 16.96
N LEU A 379 -20.86 38.44 17.17
CA LEU A 379 -21.71 37.33 16.81
C LEU A 379 -22.42 36.84 18.06
N VAL A 380 -23.74 36.75 18.00
CA VAL A 380 -24.54 36.27 19.12
C VAL A 380 -25.39 35.12 18.64
N ASP A 381 -25.64 34.19 19.53
CA ASP A 381 -26.42 33.00 19.21
C ASP A 381 -27.19 32.56 20.45
N PRO A 382 -28.11 33.41 20.94
CA PRO A 382 -28.77 33.12 22.19
C PRO A 382 -29.83 32.04 22.08
N PRO A 383 -30.26 31.49 23.22
CA PRO A 383 -31.44 30.63 23.23
C PRO A 383 -32.71 31.47 23.01
N ARG A 384 -33.87 30.82 23.07
CA ARG A 384 -35.13 31.45 22.63
C ARG A 384 -35.53 32.74 23.37
N LYS A 385 -35.07 32.89 24.62
CA LYS A 385 -35.38 34.09 25.40
C LYS A 385 -34.62 35.33 24.93
N GLY A 386 -33.67 35.18 24.02
CA GLY A 386 -32.95 36.31 23.42
C GLY A 386 -31.90 36.92 24.32
N LEU A 387 -31.47 38.12 23.97
CA LEU A 387 -30.46 38.85 24.72
C LEU A 387 -31.08 39.67 25.82
N THR A 388 -30.31 39.95 26.86
CA THR A 388 -30.74 40.90 27.89
C THR A 388 -30.43 42.30 27.41
N GLU A 389 -31.25 43.28 27.79
CA GLU A 389 -31.02 44.70 27.48
C GLU A 389 -29.66 45.18 27.97
N SER A 390 -29.21 44.61 29.08
CA SER A 390 -27.89 44.89 29.63
C SER A 390 -26.75 44.48 28.69
N PHE A 391 -26.87 43.32 28.05
CA PHE A 391 -25.91 42.86 27.03
C PHE A 391 -25.93 43.75 25.79
N ILE A 392 -27.13 44.05 25.30
CA ILE A 392 -27.27 44.86 24.08
C ILE A 392 -26.59 46.23 24.27
N LYS A 393 -26.96 46.93 25.34
CA LYS A 393 -26.35 48.22 25.69
C LYS A 393 -24.82 48.11 25.78
N ALA A 394 -24.33 47.07 26.44
CA ALA A 394 -22.90 46.85 26.62
C ALA A 394 -22.18 46.53 25.33
N SER A 395 -22.78 45.68 24.50
CA SER A 395 -22.18 45.34 23.21
C SER A 395 -22.06 46.56 22.32
N ALA A 396 -23.08 47.43 22.36
CA ALA A 396 -23.11 48.65 21.57
C ALA A 396 -22.06 49.64 22.01
N GLN A 397 -21.81 49.71 23.33
CA GLN A 397 -20.78 50.59 23.88
C GLN A 397 -19.37 50.27 23.41
N THR A 398 -19.12 49.04 22.97
CA THR A 398 -17.82 48.71 22.37
C THR A 398 -17.56 49.45 21.07
N GLY A 399 -18.60 49.92 20.40
CA GLY A 399 -18.46 50.56 19.11
C GLY A 399 -18.22 49.59 17.97
N ALA A 400 -18.50 48.31 18.15
CA ALA A 400 -18.36 47.34 17.09
C ALA A 400 -19.29 47.72 15.92
N ASP A 401 -18.76 47.68 14.69
CA ASP A 401 -19.53 48.11 13.53
C ASP A 401 -20.65 47.15 13.14
N ARG A 402 -20.33 45.86 13.11
CA ARG A 402 -21.28 44.86 12.67
C ARG A 402 -21.72 43.95 13.81
N ILE A 403 -22.99 43.56 13.79
CA ILE A 403 -23.54 42.56 14.70
C ILE A 403 -24.26 41.51 13.87
N ALA A 404 -23.90 40.25 14.09
CA ALA A 404 -24.50 39.14 13.40
C ALA A 404 -25.28 38.36 14.44
N TYR A 405 -26.61 38.40 14.32
CA TYR A 405 -27.52 37.82 15.29
C TYR A 405 -28.07 36.52 14.71
N ILE A 406 -27.79 35.40 15.37
CA ILE A 406 -28.41 34.12 15.07
C ILE A 406 -29.51 33.86 16.10
N SER A 407 -30.74 33.73 15.63
CA SER A 407 -31.89 33.57 16.50
C SER A 407 -32.60 32.27 16.25
N CYS A 408 -33.16 31.73 17.31
CA CYS A 408 -34.07 30.58 17.23
C CYS A 408 -35.48 31.00 17.63
N ASN A 409 -35.74 32.30 17.74
CA ASN A 409 -37.06 32.82 18.07
C ASN A 409 -37.24 34.23 17.53
N VAL A 410 -38.09 34.37 16.52
CA VAL A 410 -38.32 35.69 15.89
C VAL A 410 -38.91 36.76 16.82
N ALA A 411 -39.72 36.36 17.79
CA ALA A 411 -40.35 37.33 18.69
C ALA A 411 -39.29 38.05 19.52
N THR A 412 -38.35 37.30 20.08
CA THR A 412 -37.28 37.91 20.86
C THR A 412 -36.22 38.58 20.00
N MET A 413 -36.00 38.07 18.80
CA MET A 413 -35.04 38.68 17.89
C MET A 413 -35.50 40.08 17.55
N ALA A 414 -36.75 40.19 17.15
CA ALA A 414 -37.33 41.46 16.75
C ALA A 414 -37.31 42.46 17.91
N ARG A 415 -37.56 42.00 19.12
CA ARG A 415 -37.45 42.84 20.30
C ARG A 415 -36.06 43.42 20.42
N ASP A 416 -35.07 42.54 20.32
CA ASP A 416 -33.68 42.94 20.48
C ASP A 416 -33.18 43.83 19.34
N ILE A 417 -33.56 43.48 18.12
CA ILE A 417 -33.28 44.33 16.95
C ILE A 417 -33.83 45.76 17.13
N LYS A 418 -34.99 45.90 17.73
CA LYS A 418 -35.57 47.21 17.96
C LYS A 418 -34.65 48.09 18.78
N LEU A 419 -34.16 47.53 19.89
CA LEU A 419 -33.22 48.27 20.76
C LEU A 419 -31.88 48.57 20.07
N TYR A 420 -31.38 47.64 19.28
CA TYR A 420 -30.18 47.90 18.48
C TYR A 420 -30.38 49.07 17.50
N GLN A 421 -31.60 49.20 16.96
CA GLN A 421 -31.91 50.32 16.05
C GLN A 421 -31.93 51.65 16.80
N GLU A 422 -32.54 51.65 17.98
CA GLU A 422 -32.51 52.81 18.88
C GLU A 422 -31.07 53.27 19.20
N LEU A 423 -30.14 52.31 19.29
CA LEU A 423 -28.73 52.60 19.58
C LEU A 423 -27.86 52.88 18.34
N GLY A 424 -28.47 52.98 17.15
CA GLY A 424 -27.76 53.39 15.94
C GLY A 424 -27.38 52.29 14.96
N TYR A 425 -27.79 51.04 15.24
CA TYR A 425 -27.48 49.92 14.32
C TYR A 425 -28.66 49.70 13.39
N GLU A 426 -28.43 49.80 12.09
CA GLU A 426 -29.49 49.58 11.13
C GLU A 426 -29.54 48.10 10.72
N LEU A 427 -30.74 47.53 10.65
CA LEU A 427 -30.93 46.17 10.14
C LEU A 427 -30.67 46.12 8.63
N LYS A 428 -29.70 45.34 8.20
CA LYS A 428 -29.23 45.32 6.80
C LYS A 428 -29.69 44.11 5.99
N LYS A 429 -29.54 42.91 6.55
CA LYS A 429 -29.88 41.66 5.86
C LYS A 429 -30.60 40.70 6.80
N VAL A 430 -31.48 39.87 6.27
CA VAL A 430 -32.17 38.82 7.05
C VAL A 430 -32.31 37.55 6.20
N GLN A 431 -31.79 36.44 6.69
CA GLN A 431 -31.85 35.18 5.97
C GLN A 431 -32.35 34.11 6.91
N PRO A 432 -33.61 33.66 6.78
CA PRO A 432 -34.04 32.53 7.59
C PRO A 432 -33.48 31.23 7.03
N VAL A 433 -33.20 30.29 7.92
CA VAL A 433 -32.67 29.00 7.53
C VAL A 433 -33.51 27.93 8.21
N ASP A 434 -33.79 26.84 7.51
CA ASP A 434 -34.63 25.79 8.09
C ASP A 434 -33.77 24.70 8.73
N LEU A 435 -33.37 24.97 9.97
CA LEU A 435 -32.63 24.01 10.81
C LEU A 435 -33.50 22.86 11.28
N PHE A 436 -34.80 23.10 11.47
CA PHE A 436 -35.69 22.10 12.03
C PHE A 436 -36.91 21.87 11.13
N PRO A 437 -36.70 21.24 9.96
CA PRO A 437 -37.83 20.90 9.14
C PRO A 437 -38.85 20.03 9.85
N GLN A 438 -40.09 20.18 9.40
CA GLN A 438 -41.24 19.47 9.94
C GLN A 438 -41.69 19.96 11.34
N THR A 439 -40.98 20.94 11.91
CA THR A 439 -41.30 21.50 13.24
C THR A 439 -41.63 22.97 13.10
N HIS A 440 -42.17 23.59 14.15
CA HIS A 440 -42.52 25.02 14.11
C HIS A 440 -41.34 25.96 14.28
N HIS A 441 -40.16 25.43 14.66
CA HIS A 441 -38.99 26.25 14.96
C HIS A 441 -38.44 26.96 13.73
N VAL A 442 -38.24 28.27 13.89
CA VAL A 442 -37.71 29.14 12.86
C VAL A 442 -36.34 29.64 13.32
N GLN A 443 -35.38 29.59 12.42
CA GLN A 443 -34.02 30.03 12.69
C GLN A 443 -33.64 31.13 11.74
N THR A 444 -33.08 32.21 12.26
CA THR A 444 -32.81 33.40 11.48
C THR A 444 -31.41 33.93 11.69
N VAL A 445 -30.80 34.44 10.62
CA VAL A 445 -29.58 35.25 10.72
C VAL A 445 -29.90 36.67 10.30
N ALA A 446 -29.53 37.63 11.15
CA ALA A 446 -29.71 39.03 10.86
C ALA A 446 -28.37 39.73 10.94
N LEU A 447 -28.12 40.67 10.03
CA LEU A 447 -26.95 41.54 10.09
C LEU A 447 -27.41 42.95 10.47
N LEU A 448 -26.91 43.46 11.59
CA LEU A 448 -27.08 44.85 12.00
C LEU A 448 -25.74 45.58 11.86
N SER A 449 -25.75 46.79 11.33
CA SER A 449 -24.51 47.56 11.13
C SER A 449 -24.73 49.03 11.36
N LYS A 450 -23.71 49.74 11.82
CA LYS A 450 -23.79 51.22 11.91
C LYS A 450 -23.06 51.92 10.73
N LEU A 451 -22.56 51.14 9.76
CA LEU A 451 -21.95 51.68 8.55
C LEU A 451 -22.96 51.85 7.43
N ASP A 452 -23.01 53.02 6.80
CA ASP A 452 -23.96 53.32 5.70
C ASP A 452 -23.69 52.44 4.45
N VAL A 453 -22.42 52.10 4.26
CA VAL A 453 -21.97 51.08 3.27
C VAL A 453 -22.26 49.58 3.58
N ASP A 454 -22.59 49.25 4.84
CA ASP A 454 -22.70 47.87 5.40
C ASP A 454 -21.37 47.33 5.93
N MET B 1 3.46 -4.25 60.83
CA MET B 1 3.98 -4.07 59.46
C MET B 1 3.81 -5.36 58.63
N LEU B 2 3.97 -5.21 57.32
CA LEU B 2 3.58 -6.23 56.32
C LEU B 2 4.63 -7.30 56.22
N LYS B 3 4.25 -8.58 56.28
CA LYS B 3 5.23 -9.69 56.35
C LYS B 3 5.21 -10.63 55.14
N LYS B 4 6.33 -11.32 54.89
CA LYS B 4 6.49 -12.15 53.67
C LYS B 4 5.48 -13.25 53.32
N ASN B 5 4.30 -13.40 53.99
CA ASN B 5 3.32 -14.41 53.58
C ASN B 5 1.89 -14.08 53.90
N ASP B 6 1.64 -12.79 54.16
CA ASP B 6 0.38 -12.31 54.68
C ASP B 6 -0.67 -12.28 53.60
N ILE B 7 -1.93 -12.40 54.00
CA ILE B 7 -3.05 -12.28 53.08
C ILE B 7 -3.74 -10.97 53.46
N VAL B 8 -3.87 -10.07 52.48
CA VAL B 8 -4.48 -8.75 52.69
C VAL B 8 -5.43 -8.43 51.56
N GLU B 9 -6.54 -7.74 51.87
CA GLU B 9 -7.52 -7.35 50.86
C GLU B 9 -6.99 -6.09 50.17
N VAL B 10 -7.16 -6.03 48.86
CA VAL B 10 -6.56 -4.99 48.06
C VAL B 10 -7.39 -4.76 46.78
N GLU B 11 -7.38 -3.53 46.29
CA GLU B 11 -8.06 -3.20 45.03
C GLU B 11 -7.01 -2.99 43.94
N ILE B 12 -7.21 -3.65 42.81
CA ILE B 12 -6.32 -3.50 41.67
C ILE B 12 -6.75 -2.23 40.91
N VAL B 13 -5.82 -1.30 40.77
CA VAL B 13 -6.09 0.05 40.27
C VAL B 13 -5.56 0.33 38.88
N ASP B 14 -4.59 -0.46 38.43
CA ASP B 14 -3.93 -0.22 37.14
C ASP B 14 -3.20 -1.48 36.63
N LEU B 15 -2.72 -1.44 35.40
CA LEU B 15 -1.87 -2.48 34.80
C LEU B 15 -0.53 -1.89 34.44
N THR B 16 0.54 -2.64 34.71
CA THR B 16 1.90 -2.29 34.27
C THR B 16 2.03 -2.58 32.79
N HIS B 17 3.07 -2.05 32.17
CA HIS B 17 3.36 -2.31 30.74
C HIS B 17 3.38 -3.82 30.43
N GLU B 18 3.87 -4.62 31.37
CA GLU B 18 4.00 -6.08 31.22
C GLU B 18 2.75 -6.89 31.55
N GLY B 19 1.67 -6.24 32.03
CA GLY B 19 0.37 -6.91 32.29
C GLY B 19 0.10 -7.36 33.73
N ALA B 20 0.97 -6.97 34.66
CA ALA B 20 0.81 -7.25 36.06
C ALA B 20 -0.20 -6.28 36.56
N GLY B 21 -0.97 -6.74 37.57
CA GLY B 21 -1.80 -5.98 38.38
C GLY B 21 -1.11 -5.01 39.32
N VAL B 22 -1.69 -3.82 39.46
CA VAL B 22 -1.13 -2.79 40.36
C VAL B 22 -2.07 -2.53 41.53
N ALA B 23 -1.52 -2.66 42.76
CA ALA B 23 -2.20 -2.32 44.00
C ALA B 23 -1.26 -1.53 44.91
N LYS B 24 -1.85 -0.85 45.88
CA LYS B 24 -1.12 -0.04 46.84
C LYS B 24 -1.50 -0.56 48.24
N VAL B 25 -0.51 -0.91 49.05
CA VAL B 25 -0.73 -1.46 50.39
C VAL B 25 0.20 -0.70 51.31
N ASP B 26 -0.38 -0.06 52.32
CA ASP B 26 0.32 0.93 53.17
C ASP B 26 0.73 2.01 52.16
N GLY B 27 2.01 2.28 52.04
CA GLY B 27 2.50 3.13 50.95
C GLY B 27 3.29 2.43 49.86
N LEU B 28 3.18 1.12 49.73
CA LEU B 28 3.97 0.33 48.80
C LEU B 28 3.20 -0.02 47.55
N VAL B 29 3.89 0.00 46.43
CA VAL B 29 3.30 -0.42 45.15
C VAL B 29 3.52 -1.93 45.07
N PHE B 30 2.45 -2.66 44.74
CA PHE B 30 2.50 -4.11 44.59
C PHE B 30 2.16 -4.51 43.17
N PHE B 31 2.89 -5.50 42.67
CA PHE B 31 2.63 -6.09 41.38
C PHE B 31 2.04 -7.49 41.59
N VAL B 32 0.86 -7.71 41.02
CA VAL B 32 0.12 -8.94 41.22
C VAL B 32 -0.19 -9.53 39.87
N GLU B 33 0.22 -10.74 39.61
CA GLU B 33 -0.26 -11.43 38.40
C GLU B 33 -1.43 -12.23 38.93
N ASN B 34 -2.43 -12.66 38.17
CA ASN B 34 -3.11 -12.08 37.03
C ASN B 34 -4.29 -11.43 37.70
N ALA B 35 -4.14 -10.15 37.95
CA ALA B 35 -5.14 -9.33 38.59
C ALA B 35 -5.40 -8.09 37.70
N LEU B 36 -6.66 -7.83 37.40
CA LEU B 36 -7.04 -6.77 36.46
C LEU B 36 -7.63 -5.57 37.16
N PRO B 37 -7.60 -4.37 36.51
CA PRO B 37 -8.18 -3.16 37.10
C PRO B 37 -9.64 -3.33 37.42
N SER B 38 -10.04 -2.73 38.54
CA SER B 38 -11.39 -2.83 39.13
C SER B 38 -11.63 -4.11 39.95
N GLU B 39 -10.67 -5.03 40.03
CA GLU B 39 -10.85 -6.27 40.79
C GLU B 39 -10.46 -6.03 42.25
N LYS B 40 -11.17 -6.69 43.15
CA LYS B 40 -10.85 -6.73 44.56
C LYS B 40 -10.42 -8.15 44.85
N ILE B 41 -9.23 -8.30 45.42
CA ILE B 41 -8.68 -9.61 45.72
C ILE B 41 -8.23 -9.67 47.17
N LEU B 42 -8.10 -10.91 47.66
CA LEU B 42 -7.19 -11.21 48.76
C LEU B 42 -5.87 -11.56 48.11
N MET B 43 -4.82 -10.87 48.53
CA MET B 43 -3.51 -11.00 47.91
C MET B 43 -2.53 -11.63 48.90
N ARG B 44 -1.88 -12.71 48.49
CA ARG B 44 -0.78 -13.30 49.25
C ARG B 44 0.53 -12.60 48.93
N VAL B 45 1.17 -12.02 49.95
CA VAL B 45 2.43 -11.33 49.81
C VAL B 45 3.55 -12.34 49.54
N LEU B 46 4.26 -12.14 48.44
CA LEU B 46 5.41 -12.97 48.08
C LEU B 46 6.74 -12.35 48.45
N LYS B 47 6.84 -11.02 48.43
CA LYS B 47 8.10 -10.34 48.62
C LYS B 47 7.84 -8.87 48.91
N VAL B 48 8.51 -8.35 49.93
CA VAL B 48 8.43 -6.92 50.26
C VAL B 48 9.84 -6.34 50.26
N ASN B 49 10.13 -5.50 49.25
CA ASN B 49 11.38 -4.76 49.19
C ASN B 49 11.13 -3.37 49.78
N LYS B 50 11.99 -2.39 49.52
CA LYS B 50 11.92 -1.08 50.21
C LYS B 50 10.73 -0.17 49.88
N LYS B 51 10.49 0.18 48.60
CA LYS B 51 9.28 0.88 48.21
C LYS B 51 8.33 0.06 47.30
N ILE B 52 8.57 -1.25 47.10
CA ILE B 52 7.89 -2.05 46.04
C ILE B 52 7.62 -3.49 46.51
N GLY B 53 6.50 -4.08 46.04
CA GLY B 53 6.08 -5.39 46.50
C GLY B 53 5.61 -6.35 45.42
N PHE B 54 5.61 -7.66 45.70
CA PHE B 54 5.08 -8.64 44.73
C PHE B 54 4.05 -9.54 45.41
N GLY B 55 2.91 -9.75 44.74
CA GLY B 55 1.85 -10.58 45.29
C GLY B 55 1.21 -11.58 44.34
N LYS B 56 0.41 -12.45 44.92
CA LYS B 56 -0.31 -13.47 44.19
C LYS B 56 -1.76 -13.43 44.62
N VAL B 57 -2.68 -13.68 43.70
CA VAL B 57 -4.09 -13.76 44.03
C VAL B 57 -4.34 -15.03 44.85
N GLU B 58 -4.88 -14.87 46.04
CA GLU B 58 -5.41 -16.00 46.84
C GLU B 58 -6.86 -16.24 46.61
N LYS B 59 -7.60 -15.16 46.38
CA LYS B 59 -9.03 -15.21 46.13
C LYS B 59 -9.47 -13.96 45.40
N TYR B 60 -10.39 -14.13 44.46
CA TYR B 60 -11.10 -13.02 43.83
C TYR B 60 -12.37 -12.72 44.61
N LEU B 61 -12.50 -11.52 45.13
CA LEU B 61 -13.75 -11.07 45.74
C LEU B 61 -14.67 -10.49 44.68
N VAL B 62 -14.10 -9.62 43.83
CA VAL B 62 -14.81 -9.13 42.64
C VAL B 62 -13.88 -9.30 41.46
N GLN B 63 -14.42 -9.92 40.41
CA GLN B 63 -13.73 -10.09 39.14
C GLN B 63 -14.14 -9.03 38.15
N SER B 64 -13.25 -8.78 37.19
CA SER B 64 -13.47 -7.73 36.21
C SER B 64 -14.49 -8.28 35.23
N PRO B 65 -15.39 -7.41 34.76
CA PRO B 65 -16.31 -7.87 33.72
C PRO B 65 -15.59 -8.18 32.41
N HIS B 66 -14.37 -7.69 32.26
CA HIS B 66 -13.56 -7.92 31.08
C HIS B 66 -12.58 -9.09 31.21
N ARG B 67 -12.68 -9.88 32.27
CA ARG B 67 -11.75 -11.01 32.46
C ARG B 67 -12.17 -12.16 31.56
N ASN B 68 -11.19 -12.72 30.86
CA ASN B 68 -11.39 -13.93 30.09
C ASN B 68 -11.15 -15.16 30.99
N GLN B 69 -12.16 -15.99 31.13
CA GLN B 69 -12.13 -17.09 32.09
C GLN B 69 -11.55 -18.39 31.52
N ASP B 70 -11.11 -18.36 30.27
CA ASP B 70 -10.57 -19.53 29.57
C ASP B 70 -9.43 -20.25 30.32
N LEU B 71 -9.71 -21.45 30.81
CA LEU B 71 -8.74 -22.36 31.45
C LEU B 71 -7.48 -22.68 30.62
N ASP B 72 -7.63 -22.74 29.30
CA ASP B 72 -6.49 -23.02 28.41
C ASP B 72 -5.52 -21.84 28.39
N LEU B 73 -6.06 -20.63 28.31
CA LEU B 73 -5.32 -19.35 28.39
C LEU B 73 -4.65 -19.17 29.73
N ALA B 74 -5.34 -19.53 30.82
CA ALA B 74 -4.64 -19.58 32.09
C ALA B 74 -3.81 -20.86 31.84
N TYR B 75 -2.57 -20.88 32.22
CA TYR B 75 -1.64 -21.96 31.85
C TYR B 75 -0.74 -21.37 30.88
N LEU B 76 -1.20 -20.64 29.83
CA LEU B 76 -0.31 -19.94 28.90
C LEU B 76 0.12 -18.57 29.33
N ARG B 77 -0.56 -18.00 30.33
CA ARG B 77 -0.42 -16.58 30.60
C ARG B 77 1.01 -16.14 30.86
N SER B 78 1.72 -16.89 31.66
CA SER B 78 3.14 -16.63 31.89
C SER B 78 3.96 -17.69 31.19
N GLY B 79 4.44 -17.59 29.98
CA GLY B 79 3.96 -16.80 28.85
C GLY B 79 4.84 -17.29 27.70
N ILE B 80 4.49 -17.29 26.44
CA ILE B 80 3.17 -17.20 25.75
C ILE B 80 2.25 -15.99 25.68
N ALA B 81 1.18 -15.92 26.47
CA ALA B 81 0.16 -14.89 26.29
C ALA B 81 -0.06 -14.07 27.56
N ASP B 82 0.85 -13.15 27.80
CA ASP B 82 0.72 -12.34 29.04
C ASP B 82 -0.53 -11.54 29.27
N LEU B 83 -1.32 -11.24 28.22
CA LEU B 83 -2.59 -10.54 28.36
C LEU B 83 -3.81 -11.38 27.97
N GLY B 84 -3.64 -12.68 27.78
CA GLY B 84 -4.74 -13.53 27.39
C GLY B 84 -5.95 -13.53 28.32
N HIS B 85 -5.69 -13.27 29.60
CA HIS B 85 -6.76 -13.14 30.59
C HIS B 85 -7.61 -11.88 30.47
N LEU B 86 -7.18 -10.90 29.71
CA LEU B 86 -7.97 -9.70 29.43
C LEU B 86 -8.72 -9.90 28.12
N SER B 87 -9.94 -9.39 28.03
CA SER B 87 -10.73 -9.56 26.80
C SER B 87 -10.04 -8.83 25.65
N TYR B 88 -10.25 -9.27 24.42
CA TYR B 88 -9.54 -8.68 23.30
C TYR B 88 -9.85 -7.17 23.11
N PRO B 89 -11.13 -6.77 23.13
CA PRO B 89 -11.43 -5.33 23.08
C PRO B 89 -10.68 -4.48 24.13
N GLU B 90 -10.51 -5.02 25.35
CA GLU B 90 -9.78 -4.29 26.38
C GLU B 90 -8.26 -4.37 26.22
N GLN B 91 -7.76 -5.39 25.54
CA GLN B 91 -6.34 -5.45 25.18
C GLN B 91 -5.97 -4.31 24.25
N LEU B 92 -6.84 -4.02 23.29
CA LEU B 92 -6.66 -2.92 22.34
C LEU B 92 -6.70 -1.60 23.07
N LYS B 93 -7.72 -1.38 23.88
CA LYS B 93 -7.83 -0.15 24.68
C LYS B 93 -6.61 0.06 25.58
N PHE B 94 -6.14 -1.01 26.22
CA PHE B 94 -4.95 -0.99 27.05
C PHE B 94 -3.71 -0.58 26.27
N LYS B 95 -3.56 -1.09 25.04
CA LYS B 95 -2.44 -0.74 24.18
C LYS B 95 -2.51 0.70 23.65
N THR B 96 -3.71 1.15 23.29
CA THR B 96 -3.93 2.54 22.89
C THR B 96 -3.56 3.47 24.04
N LYS B 97 -4.06 3.18 25.23
CA LYS B 97 -3.80 3.99 26.43
C LYS B 97 -2.32 4.10 26.77
N GLN B 98 -1.56 3.05 26.53
CA GLN B 98 -0.14 3.07 26.82
C GLN B 98 0.60 4.04 25.91
N VAL B 99 0.20 4.08 24.65
CA VAL B 99 0.77 5.01 23.67
C VAL B 99 0.47 6.44 24.10
N LYS B 100 -0.81 6.74 24.35
CA LYS B 100 -1.24 8.04 24.92
C LYS B 100 -0.43 8.45 26.16
N ASP B 101 -0.32 7.56 27.12
CA ASP B 101 0.35 7.86 28.38
C ASP B 101 1.83 8.09 28.19
N SER B 102 2.46 7.38 27.25
CA SER B 102 3.89 7.56 26.96
C SER B 102 4.23 8.89 26.34
N LEU B 103 3.46 9.25 25.32
CA LEU B 103 3.60 10.53 24.64
C LEU B 103 3.37 11.73 25.57
N TYR B 104 2.40 11.60 26.47
CA TYR B 104 2.14 12.63 27.49
C TYR B 104 3.26 12.67 28.51
N LYS B 105 3.48 11.58 29.24
CA LYS B 105 4.44 11.53 30.36
C LYS B 105 5.86 11.85 29.94
N ILE B 106 6.31 11.29 28.80
CA ILE B 106 7.72 11.35 28.40
C ILE B 106 8.00 12.50 27.43
N ALA B 107 7.09 12.76 26.48
CA ALA B 107 7.30 13.80 25.48
C ALA B 107 6.44 15.05 25.63
N GLY B 108 5.61 15.14 26.67
CA GLY B 108 4.70 16.28 26.83
C GLY B 108 3.59 16.43 25.78
N ILE B 109 3.39 15.46 24.91
CA ILE B 109 2.41 15.59 23.83
C ILE B 109 1.02 15.16 24.33
N ALA B 110 0.09 16.10 24.34
CA ALA B 110 -1.35 15.84 24.58
C ALA B 110 -2.27 16.36 23.47
N ASP B 111 -1.76 17.16 22.55
CA ASP B 111 -2.56 17.80 21.50
C ASP B 111 -2.78 16.93 20.26
N VAL B 112 -2.16 15.76 20.20
CA VAL B 112 -2.26 14.87 19.01
C VAL B 112 -3.15 13.66 19.31
N GLU B 113 -4.06 13.37 18.38
CA GLU B 113 -4.99 12.26 18.52
C GLU B 113 -4.26 10.95 18.20
N VAL B 114 -4.23 10.06 19.20
CA VAL B 114 -3.76 8.70 19.01
C VAL B 114 -4.92 7.83 18.58
N ALA B 115 -4.87 7.30 17.36
CA ALA B 115 -5.94 6.44 16.86
C ALA B 115 -6.07 5.18 17.71
N GLU B 116 -7.28 4.61 17.72
CA GLU B 116 -7.52 3.40 18.47
C GLU B 116 -6.70 2.29 17.83
N THR B 117 -6.01 1.51 18.66
CA THR B 117 -5.17 0.42 18.21
C THR B 117 -5.91 -0.45 17.19
N LEU B 118 -5.29 -0.64 16.04
CA LEU B 118 -5.86 -1.44 14.97
C LEU B 118 -5.71 -2.92 15.32
N GLY B 119 -6.84 -3.60 15.50
CA GLY B 119 -6.85 -4.95 15.98
C GLY B 119 -6.92 -5.95 14.87
N MET B 120 -6.64 -7.19 15.23
CA MET B 120 -6.64 -8.31 14.31
C MET B 120 -8.02 -8.94 14.36
N GLU B 121 -8.57 -9.27 13.19
CA GLU B 121 -9.94 -9.77 13.10
C GLU B 121 -10.11 -11.09 13.85
N HIS B 122 -9.18 -12.02 13.65
CA HIS B 122 -9.12 -13.29 14.41
C HIS B 122 -7.81 -13.32 15.16
N PRO B 123 -7.78 -12.79 16.39
CA PRO B 123 -6.51 -12.55 17.11
C PRO B 123 -5.88 -13.81 17.72
N VAL B 124 -5.71 -14.84 16.90
CA VAL B 124 -5.25 -16.14 17.34
C VAL B 124 -4.49 -16.81 16.20
N LYS B 125 -3.73 -17.84 16.51
CA LYS B 125 -3.08 -18.66 15.49
C LYS B 125 -2.30 -17.88 14.45
N TYR B 126 -1.60 -16.84 14.86
CA TYR B 126 -0.98 -15.89 13.92
C TYR B 126 0.53 -16.02 13.73
N ARG B 127 1.26 -16.54 14.72
CA ARG B 127 2.71 -16.58 14.63
C ARG B 127 3.19 -17.51 13.55
N ASN B 128 4.10 -17.02 12.72
CA ASN B 128 4.77 -17.83 11.71
C ASN B 128 6.08 -18.46 12.17
N LYS B 129 6.47 -18.26 13.42
CA LYS B 129 7.70 -18.84 13.95
C LYS B 129 7.46 -19.33 15.36
N ALA B 130 7.98 -20.50 15.65
CA ALA B 130 7.90 -21.10 16.99
C ALA B 130 9.29 -21.33 17.46
N GLN B 131 9.57 -21.04 18.73
CA GLN B 131 10.82 -21.39 19.37
C GLN B 131 10.43 -22.21 20.60
N VAL B 132 10.77 -23.48 20.60
CA VAL B 132 10.30 -24.41 21.60
C VAL B 132 11.51 -25.14 22.25
N PRO B 133 11.64 -25.06 23.57
CA PRO B 133 12.68 -25.87 24.21
C PRO B 133 12.35 -27.35 24.26
N VAL B 134 13.39 -28.17 24.34
CA VAL B 134 13.26 -29.60 24.34
C VAL B 134 13.93 -30.08 25.62
N ARG B 135 13.17 -30.73 26.50
CA ARG B 135 13.68 -31.22 27.77
C ARG B 135 13.14 -32.60 28.09
N ARG B 136 13.82 -33.29 29.00
CA ARG B 136 13.41 -34.57 29.52
C ARG B 136 12.47 -34.31 30.70
N VAL B 137 11.28 -34.90 30.64
CA VAL B 137 10.32 -34.84 31.73
C VAL B 137 9.80 -36.26 31.93
N ASN B 138 10.10 -36.83 33.11
CA ASN B 138 9.67 -38.19 33.45
C ASN B 138 10.25 -39.23 32.49
N GLY B 139 11.57 -39.08 32.24
CA GLY B 139 12.32 -39.78 31.23
C GLY B 139 11.89 -39.71 29.79
N VAL B 140 11.05 -38.73 29.41
CA VAL B 140 10.50 -38.67 28.07
C VAL B 140 10.84 -37.29 27.47
N LEU B 141 11.30 -37.27 26.23
CA LEU B 141 11.62 -36.01 25.58
C LEU B 141 10.32 -35.30 25.35
N GLU B 142 10.23 -34.08 25.88
CA GLU B 142 8.99 -33.26 25.76
C GLU B 142 9.32 -31.91 25.14
N THR B 143 8.35 -31.38 24.40
CA THR B 143 8.38 -30.01 23.90
C THR B 143 7.33 -29.23 24.62
N GLY B 144 7.54 -27.92 24.73
CA GLY B 144 6.61 -27.04 25.45
C GLY B 144 7.18 -25.62 25.57
N PHE B 145 6.96 -24.99 26.71
CA PHE B 145 7.48 -23.64 26.93
C PHE B 145 7.97 -23.47 28.38
N PHE B 146 8.62 -22.34 28.61
CA PHE B 146 9.06 -21.94 29.93
C PHE B 146 8.27 -20.73 30.37
N ARG B 147 7.97 -20.66 31.66
CA ARG B 147 7.32 -19.49 32.24
C ARG B 147 8.37 -18.40 32.42
N LYS B 148 7.94 -17.19 32.80
CA LYS B 148 8.86 -16.05 33.03
C LYS B 148 9.88 -16.39 34.12
N ASN B 149 11.16 -16.22 33.80
CA ASN B 149 12.27 -16.51 34.71
C ASN B 149 12.22 -17.92 35.32
N SER B 150 11.80 -18.90 34.53
CA SER B 150 11.79 -20.31 34.95
C SER B 150 12.41 -21.12 33.83
N HIS B 151 12.82 -22.33 34.16
CA HIS B 151 13.40 -23.26 33.19
C HIS B 151 12.83 -24.67 33.40
N ASN B 152 11.62 -24.75 33.92
CA ASN B 152 10.91 -25.99 34.13
C ASN B 152 9.91 -26.11 32.97
N LEU B 153 10.05 -27.17 32.19
CA LEU B 153 9.27 -27.31 30.99
C LEU B 153 7.78 -27.52 31.28
N MET B 154 6.95 -26.61 30.79
CA MET B 154 5.50 -26.78 30.75
C MET B 154 5.13 -27.49 29.46
N PRO B 155 4.65 -28.74 29.52
CA PRO B 155 4.35 -29.41 28.25
C PRO B 155 3.16 -28.77 27.55
N LEU B 156 3.27 -28.69 26.24
CA LEU B 156 2.22 -28.07 25.44
C LEU B 156 2.32 -28.46 23.98
N GLU B 157 1.18 -28.76 23.38
CA GLU B 157 1.10 -29.07 21.95
C GLU B 157 0.42 -27.95 21.15
N ASP B 158 -0.69 -27.43 21.68
CA ASP B 158 -1.45 -26.32 21.09
C ASP B 158 -1.06 -24.96 21.70
N PHE B 159 -0.31 -24.18 20.94
CA PHE B 159 0.29 -22.95 21.45
C PHE B 159 -0.61 -21.72 21.33
N PHE B 160 -1.85 -21.92 20.86
CA PHE B 160 -2.88 -20.88 20.87
C PHE B 160 -2.68 -19.75 19.85
N ILE B 161 -1.49 -19.15 19.87
CA ILE B 161 -1.17 -17.97 19.05
C ILE B 161 -0.25 -18.25 17.86
N GLN B 162 0.04 -19.52 17.57
CA GLN B 162 0.80 -19.83 16.37
C GLN B 162 0.03 -20.60 15.34
N ASP B 163 0.51 -20.47 14.11
CA ASP B 163 0.09 -21.24 12.96
C ASP B 163 -0.06 -22.71 13.34
N PRO B 164 -1.30 -23.25 13.29
CA PRO B 164 -1.50 -24.62 13.71
C PRO B 164 -0.63 -25.64 12.95
N VAL B 165 -0.24 -25.34 11.70
CA VAL B 165 0.67 -26.22 10.98
C VAL B 165 2.03 -26.29 11.69
N ILE B 166 2.49 -25.18 12.24
CA ILE B 166 3.74 -25.17 13.00
C ILE B 166 3.63 -26.05 14.25
N ASP B 167 2.49 -25.99 14.93
CA ASP B 167 2.20 -26.90 16.05
C ASP B 167 2.33 -28.37 15.63
N GLN B 168 1.73 -28.74 14.51
CA GLN B 168 1.81 -30.09 13.98
C GLN B 168 3.27 -30.50 13.72
N VAL B 169 4.07 -29.60 13.15
CA VAL B 169 5.47 -29.90 12.83
C VAL B 169 6.30 -30.11 14.09
N VAL B 170 6.09 -29.26 15.09
CA VAL B 170 6.79 -29.37 16.38
C VAL B 170 6.48 -30.72 17.04
N VAL B 171 5.21 -31.11 17.07
CA VAL B 171 4.83 -32.38 17.68
C VAL B 171 5.44 -33.53 16.90
N ALA B 172 5.38 -33.45 15.57
CA ALA B 172 5.95 -34.47 14.72
C ALA B 172 7.45 -34.63 14.97
N LEU B 173 8.14 -33.50 15.15
CA LEU B 173 9.56 -33.52 15.45
C LEU B 173 9.83 -34.03 16.86
N ARG B 174 8.96 -33.70 17.80
CA ARG B 174 9.09 -34.22 19.14
C ARG B 174 9.06 -35.74 19.09
N ASP B 175 8.05 -36.30 18.42
CA ASP B 175 7.93 -37.75 18.31
C ASP B 175 9.09 -38.40 17.53
N LEU B 176 9.58 -37.71 16.50
CA LEU B 176 10.72 -38.22 15.73
C LEU B 176 11.98 -38.25 16.57
N LEU B 177 12.21 -37.20 17.37
CA LEU B 177 13.38 -37.16 18.25
C LEU B 177 13.39 -38.31 19.25
N ARG B 178 12.20 -38.70 19.70
CA ARG B 178 12.07 -39.83 20.60
C ARG B 178 12.42 -41.13 19.88
N ARG B 179 11.86 -41.30 18.67
CA ARG B 179 12.08 -42.51 17.87
C ARG B 179 13.53 -42.71 17.45
N PHE B 180 14.32 -41.64 17.42
CA PHE B 180 15.75 -41.73 17.13
C PHE B 180 16.60 -41.60 18.39
N ASP B 181 16.01 -41.74 19.58
CA ASP B 181 16.73 -41.76 20.85
C ASP B 181 17.75 -40.63 21.01
N LEU B 182 17.38 -39.42 20.56
CA LEU B 182 18.26 -38.26 20.71
C LEU B 182 18.06 -37.66 22.10
N LYS B 183 19.13 -37.43 22.82
CA LYS B 183 19.05 -36.99 24.21
C LYS B 183 18.72 -35.49 24.26
N PRO B 184 17.71 -35.09 25.06
CA PRO B 184 17.49 -33.68 25.31
C PRO B 184 18.52 -33.03 26.22
N TYR B 185 18.68 -31.73 26.05
CA TYR B 185 19.57 -30.92 26.87
C TYR B 185 19.07 -30.90 28.32
N ASP B 186 20.01 -30.71 29.25
CA ASP B 186 19.74 -30.55 30.67
C ASP B 186 20.62 -29.41 31.15
N GLU B 187 20.01 -28.29 31.52
CA GLU B 187 20.77 -27.11 31.97
C GLU B 187 21.48 -27.32 33.30
N LYS B 188 20.89 -28.11 34.20
CA LYS B 188 21.52 -28.41 35.52
C LYS B 188 22.78 -29.23 35.33
N GLU B 189 22.67 -30.35 34.64
CA GLU B 189 23.82 -31.24 34.38
C GLU B 189 24.78 -30.77 33.29
N GLN B 190 24.33 -29.94 32.37
CA GLN B 190 25.09 -29.61 31.14
C GLN B 190 25.32 -30.85 30.27
N SER B 191 24.33 -31.70 30.15
CA SER B 191 24.42 -32.88 29.30
C SER B 191 23.45 -32.77 28.12
N GLY B 192 23.48 -33.76 27.24
CA GLY B 192 22.48 -33.90 26.18
C GLY B 192 22.76 -33.09 24.93
N LEU B 193 21.92 -33.31 23.92
CA LEU B 193 22.16 -32.87 22.56
C LEU B 193 21.17 -31.80 22.05
N ILE B 194 19.86 -32.08 22.12
CA ILE B 194 18.85 -31.21 21.53
C ILE B 194 18.40 -30.18 22.55
N ARG B 195 18.68 -28.90 22.26
CA ARG B 195 18.27 -27.81 23.16
C ARG B 195 16.92 -27.22 22.76
N ASN B 196 16.77 -26.92 21.47
CA ASN B 196 15.58 -26.22 20.98
C ASN B 196 15.18 -26.63 19.59
N LEU B 197 13.89 -26.43 19.29
CA LEU B 197 13.41 -26.43 17.93
C LEU B 197 12.92 -25.03 17.58
N VAL B 198 13.29 -24.55 16.39
CA VAL B 198 12.74 -23.34 15.85
C VAL B 198 12.16 -23.71 14.49
N VAL B 199 10.90 -23.35 14.28
CA VAL B 199 10.23 -23.69 13.06
C VAL B 199 9.57 -22.44 12.55
N ARG B 200 9.88 -22.08 11.32
CA ARG B 200 9.29 -20.94 10.66
C ARG B 200 8.53 -21.43 9.44
N ARG B 201 7.37 -20.84 9.18
CA ARG B 201 6.54 -21.19 8.05
C ARG B 201 5.99 -19.94 7.39
N GLY B 202 6.25 -19.77 6.10
CA GLY B 202 5.75 -18.63 5.36
C GLY B 202 4.25 -18.52 5.48
N HIS B 203 3.77 -17.36 5.90
CA HIS B 203 2.34 -17.14 6.07
C HIS B 203 1.51 -17.34 4.80
N TYR B 204 2.01 -16.86 3.66
CA TYR B 204 1.31 -17.03 2.37
C TYR B 204 1.81 -18.21 1.57
N SER B 205 3.12 -18.41 1.53
CA SER B 205 3.72 -19.45 0.74
C SER B 205 3.61 -20.82 1.34
N GLY B 206 3.53 -20.90 2.66
CA GLY B 206 3.52 -22.19 3.36
C GLY B 206 4.85 -22.94 3.50
N GLN B 207 5.94 -22.38 2.98
CA GLN B 207 7.25 -23.04 3.00
C GLN B 207 7.84 -23.03 4.41
N ILE B 208 8.45 -24.14 4.81
CA ILE B 208 8.85 -24.35 6.20
C ILE B 208 10.36 -24.55 6.34
N MET B 209 10.94 -23.85 7.31
CA MET B 209 12.32 -24.07 7.74
C MET B 209 12.28 -24.69 9.13
N VAL B 210 12.97 -25.80 9.31
CA VAL B 210 13.14 -26.38 10.62
C VAL B 210 14.56 -26.08 11.03
N VAL B 211 14.76 -25.63 12.28
CA VAL B 211 16.09 -25.46 12.84
C VAL B 211 16.23 -26.35 14.07
N LEU B 212 17.28 -27.16 14.09
CA LEU B 212 17.63 -27.97 15.25
C LEU B 212 18.74 -27.26 15.97
N VAL B 213 18.51 -26.88 17.21
CA VAL B 213 19.50 -26.18 18.00
C VAL B 213 20.12 -27.21 18.91
N THR B 214 21.40 -27.50 18.69
CA THR B 214 22.10 -28.60 19.36
C THR B 214 23.34 -28.13 20.10
N THR B 215 23.79 -28.94 21.05
CA THR B 215 25.03 -28.65 21.80
C THR B 215 26.30 -29.03 21.04
N ARG B 216 26.19 -29.96 20.09
CA ARG B 216 27.32 -30.49 19.34
C ARG B 216 26.93 -30.67 17.88
N PRO B 217 27.92 -30.75 16.97
CA PRO B 217 27.58 -30.92 15.56
C PRO B 217 27.02 -32.29 15.15
N LYS B 218 27.55 -33.39 15.72
CA LYS B 218 27.14 -34.74 15.29
C LYS B 218 25.78 -35.13 15.92
N VAL B 219 24.81 -35.39 15.06
CA VAL B 219 23.49 -35.88 15.44
C VAL B 219 23.30 -37.23 14.75
N PHE B 220 23.42 -38.31 15.52
CA PHE B 220 23.39 -39.66 14.94
C PHE B 220 22.11 -39.92 14.15
N ARG B 221 22.29 -40.32 12.90
CA ARG B 221 21.23 -40.69 11.97
C ARG B 221 20.26 -39.56 11.61
N VAL B 222 20.71 -38.32 11.68
CA VAL B 222 19.83 -37.16 11.44
C VAL B 222 19.30 -37.10 10.02
N ASP B 223 20.06 -37.62 9.06
CA ASP B 223 19.58 -37.62 7.67
C ASP B 223 18.35 -38.51 7.46
N GLN B 224 18.33 -39.66 8.13
CA GLN B 224 17.15 -40.57 8.12
C GLN B 224 15.95 -39.91 8.83
N LEU B 225 16.22 -39.18 9.91
CA LEU B 225 15.20 -38.35 10.59
C LEU B 225 14.56 -37.32 9.62
N ILE B 226 15.41 -36.60 8.91
CA ILE B 226 14.97 -35.61 7.94
C ILE B 226 14.15 -36.24 6.80
N GLU B 227 14.61 -37.35 6.23
CA GLU B 227 13.84 -38.04 5.17
C GLU B 227 12.39 -38.27 5.60
N GLN B 228 12.20 -38.66 6.87
CA GLN B 228 10.86 -38.94 7.40
C GLN B 228 10.03 -37.69 7.68
N VAL B 229 10.65 -36.61 8.16
CA VAL B 229 9.88 -35.37 8.42
C VAL B 229 9.42 -34.71 7.12
N ILE B 230 10.28 -34.73 6.10
CA ILE B 230 9.95 -34.26 4.75
C ILE B 230 8.79 -35.06 4.12
N LYS B 231 8.74 -36.36 4.40
CA LYS B 231 7.65 -37.20 3.89
C LYS B 231 6.30 -36.78 4.50
N GLN B 232 6.23 -36.48 5.81
CA GLN B 232 4.94 -35.98 6.35
C GLN B 232 4.70 -34.50 6.10
N PHE B 233 5.72 -33.69 5.85
CA PHE B 233 5.53 -32.28 5.53
C PHE B 233 6.35 -31.89 4.30
N PRO B 234 5.82 -32.15 3.09
CA PRO B 234 6.51 -31.78 1.85
C PRO B 234 6.74 -30.27 1.70
N GLU B 235 5.98 -29.46 2.44
CA GLU B 235 6.25 -28.03 2.48
C GLU B 235 7.60 -27.63 3.08
N ILE B 236 8.30 -28.52 3.78
CA ILE B 236 9.62 -28.19 4.32
C ILE B 236 10.63 -28.08 3.19
N VAL B 237 11.15 -26.89 2.98
CA VAL B 237 12.22 -26.67 1.99
C VAL B 237 13.61 -26.53 2.60
N SER B 238 13.70 -26.54 3.93
CA SER B 238 14.97 -26.23 4.59
C SER B 238 15.04 -26.85 5.96
N VAL B 239 16.14 -27.53 6.26
CA VAL B 239 16.42 -27.98 7.62
C VAL B 239 17.81 -27.50 7.97
N MET B 240 17.89 -26.61 8.94
CA MET B 240 19.13 -26.01 9.37
C MET B 240 19.53 -26.59 10.71
N GLN B 241 20.81 -26.47 11.02
CA GLN B 241 21.32 -26.76 12.34
C GLN B 241 21.97 -25.50 12.90
N ASN B 242 21.79 -25.27 14.19
CA ASN B 242 22.51 -24.23 14.91
C ASN B 242 23.13 -24.86 16.12
N ILE B 243 24.42 -24.58 16.33
CA ILE B 243 25.17 -25.17 17.42
C ILE B 243 25.31 -24.13 18.52
N ASN B 244 24.89 -24.47 19.73
CA ASN B 244 25.03 -23.63 20.91
C ASN B 244 25.60 -24.48 22.04
N ASP B 245 26.89 -24.33 22.30
CA ASP B 245 27.57 -25.11 23.35
C ASP B 245 27.71 -24.34 24.66
N GLN B 246 27.29 -23.07 24.67
CA GLN B 246 27.34 -22.23 25.87
C GLN B 246 26.17 -22.46 26.80
N ASN B 247 26.33 -22.02 28.04
CA ASN B 247 25.29 -22.09 29.08
C ASN B 247 24.78 -20.66 29.27
N THR B 248 23.90 -20.25 28.36
CA THR B 248 23.21 -18.96 28.45
C THR B 248 21.73 -19.14 28.09
N ASN B 249 20.95 -18.09 28.27
CA ASN B 249 19.55 -18.09 27.87
C ASN B 249 19.37 -17.83 26.38
N ALA B 250 20.37 -17.24 25.70
CA ALA B 250 20.24 -16.98 24.25
C ALA B 250 20.00 -18.30 23.51
N ILE B 251 19.05 -18.29 22.58
CA ILE B 251 18.68 -19.49 21.85
C ILE B 251 19.80 -19.92 20.91
N PHE B 252 20.22 -19.04 20.01
CA PHE B 252 21.19 -19.42 18.98
C PHE B 252 22.64 -19.17 19.38
N GLY B 253 23.54 -20.07 18.95
CA GLY B 253 24.98 -19.82 18.96
C GLY B 253 25.46 -19.20 17.64
N LYS B 254 26.77 -19.21 17.40
CA LYS B 254 27.32 -18.60 16.19
C LYS B 254 27.14 -19.47 14.95
N GLU B 255 27.46 -20.75 15.03
CA GLU B 255 27.58 -21.61 13.83
C GLU B 255 26.24 -22.15 13.30
N TRP B 256 25.96 -21.90 12.02
CA TRP B 256 24.83 -22.49 11.30
C TRP B 256 25.32 -23.47 10.22
N ARG B 257 24.59 -24.56 10.02
CA ARG B 257 24.83 -25.49 8.92
C ARG B 257 23.54 -25.84 8.23
N THR B 258 23.64 -26.18 6.96
CA THR B 258 22.50 -26.64 6.19
C THR B 258 22.50 -28.17 6.15
N LEU B 259 21.46 -28.77 6.72
CA LEU B 259 21.30 -30.22 6.71
C LEU B 259 20.49 -30.70 5.54
N TYR B 260 19.49 -29.96 5.09
CA TYR B 260 18.73 -30.35 3.92
C TYR B 260 18.21 -29.13 3.19
N GLY B 261 18.23 -29.19 1.86
CA GLY B 261 17.56 -28.20 1.03
C GLY B 261 18.26 -26.86 1.01
N GLN B 262 17.48 -25.79 1.10
CA GLN B 262 17.99 -24.40 1.06
C GLN B 262 18.39 -23.91 2.46
N ASP B 263 18.97 -22.71 2.52
CA ASP B 263 19.23 -22.04 3.82
C ASP B 263 18.30 -20.83 4.01
N TYR B 264 17.17 -20.88 3.32
CA TYR B 264 16.16 -19.83 3.35
C TYR B 264 14.77 -20.41 3.01
N ILE B 265 13.70 -19.72 3.37
CA ILE B 265 12.38 -19.96 2.79
C ILE B 265 11.99 -18.74 2.00
N THR B 266 10.90 -18.80 1.25
CA THR B 266 10.40 -17.67 0.52
C THR B 266 8.97 -17.45 0.93
N ASP B 267 8.61 -16.21 1.23
CA ASP B 267 7.25 -15.82 1.60
C ASP B 267 6.91 -14.48 0.94
N GLN B 268 5.63 -14.18 0.83
CA GLN B 268 5.15 -12.97 0.17
C GLN B 268 4.81 -11.93 1.22
N MET B 269 5.11 -10.66 0.92
CA MET B 269 4.54 -9.50 1.65
C MET B 269 4.23 -8.38 0.66
N LEU B 270 3.00 -7.88 0.72
CA LEU B 270 2.54 -6.81 -0.16
C LEU B 270 2.79 -7.11 -1.63
N GLY B 271 2.62 -8.38 -2.01
CA GLY B 271 2.85 -8.82 -3.38
C GLY B 271 4.30 -8.85 -3.86
N ASN B 272 5.25 -9.17 -2.99
CA ASN B 272 6.64 -9.37 -3.37
C ASN B 272 7.20 -10.61 -2.70
N ASP B 273 8.14 -11.25 -3.34
CA ASP B 273 8.80 -12.44 -2.80
C ASP B 273 10.01 -12.00 -2.00
N PHE B 274 10.14 -12.57 -0.80
CA PHE B 274 11.29 -12.37 0.07
C PHE B 274 11.89 -13.69 0.52
N GLN B 275 13.20 -13.83 0.35
CA GLN B 275 13.94 -14.92 0.93
C GLN B 275 14.34 -14.56 2.36
N ILE B 276 14.20 -15.53 3.26
CA ILE B 276 14.35 -15.32 4.69
C ILE B 276 15.28 -16.37 5.26
N ALA B 277 16.49 -15.95 5.66
CA ALA B 277 17.42 -16.86 6.34
C ALA B 277 16.98 -17.13 7.79
N GLY B 278 17.49 -18.22 8.35
CA GLY B 278 17.24 -18.59 9.74
C GLY B 278 17.49 -17.48 10.76
N PRO B 279 18.70 -16.91 10.79
CA PRO B 279 18.99 -15.83 11.73
C PRO B 279 18.48 -14.43 11.34
N ALA B 280 17.86 -14.29 10.17
CA ALA B 280 17.33 -13.01 9.75
C ALA B 280 16.00 -12.77 10.44
N PHE B 281 15.68 -11.49 10.64
CA PHE B 281 14.42 -11.09 11.26
C PHE B 281 13.31 -10.99 10.22
N TYR B 282 12.13 -11.48 10.61
CA TYR B 282 10.94 -11.44 9.81
C TYR B 282 9.76 -11.35 10.77
N GLN B 283 8.86 -10.41 10.55
CA GLN B 283 7.76 -10.23 11.49
C GLN B 283 6.99 -11.51 11.61
N VAL B 284 6.75 -11.93 12.84
CA VAL B 284 6.02 -13.16 13.11
C VAL B 284 4.52 -13.12 12.80
N ASN B 285 3.94 -11.92 12.75
CA ASN B 285 2.56 -11.75 12.34
C ASN B 285 2.51 -11.07 10.98
N THR B 286 2.65 -11.86 9.95
CA THR B 286 2.71 -11.35 8.58
C THR B 286 1.47 -10.55 8.18
N GLU B 287 0.27 -11.02 8.57
CA GLU B 287 -0.99 -10.33 8.25
C GLU B 287 -1.02 -8.90 8.79
N MET B 288 -0.70 -8.75 10.06
CA MET B 288 -0.75 -7.45 10.72
C MET B 288 0.45 -6.60 10.40
N ALA B 289 1.59 -7.22 10.12
CA ALA B 289 2.77 -6.48 9.69
C ALA B 289 2.53 -5.78 8.36
N GLU B 290 1.76 -6.41 7.47
CA GLU B 290 1.35 -5.78 6.21
C GLU B 290 0.56 -4.52 6.46
N LYS B 291 -0.36 -4.57 7.42
CA LYS B 291 -1.17 -3.41 7.77
C LYS B 291 -0.31 -2.32 8.40
N LEU B 292 0.67 -2.73 9.20
CA LEU B 292 1.63 -1.80 9.81
C LEU B 292 2.44 -1.09 8.75
N TYR B 293 3.01 -1.85 7.82
CA TYR B 293 3.81 -1.26 6.74
C TYR B 293 2.92 -0.39 5.86
N GLN B 294 1.74 -0.89 5.49
CA GLN B 294 0.85 -0.12 4.65
C GLN B 294 0.46 1.19 5.34
N THR B 295 0.23 1.16 6.65
CA THR B 295 -0.04 2.37 7.39
C THR B 295 1.11 3.36 7.24
N ALA B 296 2.35 2.91 7.45
CA ALA B 296 3.52 3.81 7.35
C ALA B 296 3.70 4.36 5.94
N ILE B 297 3.48 3.52 4.94
CA ILE B 297 3.56 3.95 3.54
C ILE B 297 2.50 5.01 3.22
N ASP B 298 1.29 4.85 3.74
CA ASP B 298 0.21 5.83 3.55
C ASP B 298 0.50 7.15 4.27
N PHE B 299 0.92 7.06 5.52
CA PHE B 299 1.43 8.23 6.24
C PHE B 299 2.46 9.05 5.44
N ALA B 300 3.37 8.37 4.74
CA ALA B 300 4.47 9.02 4.04
C ALA B 300 4.07 9.70 2.73
N GLU B 301 2.88 9.40 2.21
CA GLU B 301 2.34 9.96 0.96
C GLU B 301 3.38 10.02 -0.16
N LEU B 302 3.80 8.84 -0.57
CA LEU B 302 4.91 8.69 -1.48
C LEU B 302 4.55 9.09 -2.89
N LYS B 303 5.48 9.75 -3.56
CA LYS B 303 5.33 10.18 -4.96
C LYS B 303 6.49 9.59 -5.79
N LYS B 304 6.34 9.60 -7.11
CA LYS B 304 7.31 8.97 -8.02
C LYS B 304 8.74 9.54 -7.97
N ASP B 305 8.92 10.73 -7.40
CA ASP B 305 10.24 11.38 -7.29
C ASP B 305 10.87 11.34 -5.89
N ASP B 306 10.20 10.71 -4.92
CA ASP B 306 10.70 10.67 -3.54
C ASP B 306 11.96 9.79 -3.41
N VAL B 307 12.83 10.15 -2.48
CA VAL B 307 14.01 9.35 -2.19
C VAL B 307 13.91 8.90 -0.73
N ILE B 308 13.89 7.60 -0.52
CA ILE B 308 13.56 6.99 0.75
C ILE B 308 14.81 6.41 1.37
N ILE B 309 14.94 6.58 2.68
CA ILE B 309 15.87 5.79 3.49
C ILE B 309 15.04 4.77 4.24
N ASP B 310 15.42 3.49 4.16
CA ASP B 310 14.78 2.40 4.93
C ASP B 310 15.80 1.95 5.96
N ALA B 311 15.79 2.58 7.13
CA ALA B 311 16.73 2.26 8.20
C ALA B 311 16.21 1.09 9.03
N TYR B 312 17.16 0.26 9.49
CA TYR B 312 16.85 -1.02 10.15
C TYR B 312 16.03 -1.89 9.18
N SER B 313 16.62 -2.11 8.00
CA SER B 313 15.88 -2.59 6.84
C SER B 313 15.49 -4.07 6.88
N GLY B 314 16.24 -4.86 7.64
CA GLY B 314 16.02 -6.31 7.72
C GLY B 314 16.34 -6.97 6.39
N ILE B 315 15.40 -7.76 5.92
CA ILE B 315 15.49 -8.41 4.61
C ILE B 315 14.97 -7.51 3.49
N GLY B 316 14.71 -6.24 3.78
CA GLY B 316 14.35 -5.25 2.78
C GLY B 316 12.85 -5.15 2.52
N THR B 317 12.04 -5.69 3.43
CA THR B 317 10.59 -5.73 3.27
C THR B 317 9.92 -4.37 3.03
N ILE B 318 10.28 -3.36 3.80
CA ILE B 318 9.59 -2.05 3.68
C ILE B 318 10.06 -1.35 2.40
N GLY B 319 11.37 -1.15 2.29
CA GLY B 319 11.96 -0.48 1.15
C GLY B 319 11.63 -1.08 -0.21
N LEU B 320 11.69 -2.41 -0.32
CA LEU B 320 11.36 -3.08 -1.58
C LEU B 320 9.87 -3.01 -1.93
N SER B 321 8.99 -2.91 -0.92
CA SER B 321 7.56 -2.79 -1.17
C SER B 321 7.14 -1.44 -1.70
N VAL B 322 8.04 -0.44 -1.64
CA VAL B 322 7.77 0.89 -2.22
C VAL B 322 8.67 1.28 -3.39
N ALA B 323 9.74 0.53 -3.65
CA ALA B 323 10.76 0.98 -4.58
C ALA B 323 10.27 1.21 -6.00
N LYS B 324 9.27 0.47 -6.44
CA LYS B 324 8.70 0.68 -7.77
C LYS B 324 7.85 1.95 -7.86
N HIS B 325 7.41 2.52 -6.74
CA HIS B 325 6.60 3.75 -6.71
C HIS B 325 7.40 5.01 -6.37
N VAL B 326 8.73 4.92 -6.45
CA VAL B 326 9.64 5.88 -5.80
C VAL B 326 10.91 6.00 -6.65
N LYS B 327 11.64 7.09 -6.53
CA LYS B 327 12.85 7.25 -7.35
C LYS B 327 13.96 6.31 -6.91
N GLU B 328 14.38 6.42 -5.65
CA GLU B 328 15.50 5.65 -5.13
C GLU B 328 15.20 5.21 -3.71
N VAL B 329 15.75 4.06 -3.33
CA VAL B 329 15.66 3.54 -1.96
C VAL B 329 17.06 3.21 -1.44
N TYR B 330 17.40 3.72 -0.26
CA TYR B 330 18.66 3.43 0.39
C TYR B 330 18.33 2.80 1.74
N GLY B 331 18.92 1.65 2.06
CA GLY B 331 18.64 0.96 3.31
C GLY B 331 19.86 0.46 4.04
N VAL B 332 19.72 0.20 5.33
CA VAL B 332 20.82 -0.25 6.18
C VAL B 332 20.33 -1.32 7.11
N GLU B 333 21.12 -2.39 7.32
CA GLU B 333 20.78 -3.48 8.21
C GLU B 333 22.07 -4.04 8.81
N LEU B 334 22.03 -4.47 10.08
CA LEU B 334 23.20 -4.95 10.82
C LEU B 334 23.61 -6.41 10.52
N ILE B 335 22.63 -7.30 10.47
CA ILE B 335 22.84 -8.74 10.30
C ILE B 335 23.18 -9.02 8.81
N PRO B 336 24.40 -9.54 8.53
CA PRO B 336 24.81 -9.78 7.12
C PRO B 336 23.92 -10.74 6.33
N GLU B 337 23.40 -11.78 6.97
CA GLU B 337 22.49 -12.74 6.29
C GLU B 337 21.18 -12.09 5.81
N ALA B 338 20.71 -11.07 6.55
CA ALA B 338 19.53 -10.30 6.15
C ALA B 338 19.87 -9.30 5.02
N VAL B 339 21.04 -8.66 5.08
CA VAL B 339 21.46 -7.75 3.99
C VAL B 339 21.61 -8.50 2.69
N GLU B 340 22.24 -9.68 2.77
CA GLU B 340 22.41 -10.56 1.61
C GLU B 340 21.03 -10.99 1.10
N ASN B 341 20.08 -11.31 2.00
CA ASN B 341 18.70 -11.56 1.60
C ASN B 341 18.10 -10.35 0.85
N SER B 342 18.29 -9.14 1.38
CA SER B 342 17.70 -7.93 0.79
C SER B 342 18.25 -7.61 -0.60
N GLN B 343 19.54 -7.85 -0.81
CA GLN B 343 20.13 -7.73 -2.13
C GLN B 343 19.56 -8.74 -3.10
N LYS B 344 19.43 -10.00 -2.68
CA LYS B 344 18.81 -11.01 -3.52
C LYS B 344 17.34 -10.69 -3.73
N ASN B 345 16.67 -10.21 -2.71
CA ASN B 345 15.25 -9.89 -2.80
C ASN B 345 14.96 -8.77 -3.78
N ALA B 346 15.89 -7.82 -3.92
CA ALA B 346 15.78 -6.77 -4.93
C ALA B 346 15.84 -7.36 -6.35
N SER B 347 16.89 -8.14 -6.61
CA SER B 347 17.02 -8.89 -7.88
C SER B 347 15.78 -9.73 -8.17
N LEU B 348 15.41 -10.52 -7.17
CA LEU B 348 14.26 -11.42 -7.25
C LEU B 348 12.97 -10.74 -7.69
N ASN B 349 12.75 -9.51 -7.24
CA ASN B 349 11.55 -8.72 -7.61
C ASN B 349 11.78 -7.68 -8.72
N LYS B 350 12.89 -7.80 -9.45
CA LYS B 350 13.20 -6.91 -10.58
C LYS B 350 13.16 -5.44 -10.16
N ILE B 351 13.98 -5.13 -9.15
CA ILE B 351 14.05 -3.82 -8.52
C ILE B 351 15.47 -3.34 -8.71
N THR B 352 15.60 -2.23 -9.42
CA THR B 352 16.88 -1.73 -9.88
C THR B 352 17.31 -0.44 -9.19
N ASN B 353 16.47 0.12 -8.31
CA ASN B 353 16.75 1.38 -7.63
C ASN B 353 16.89 1.25 -6.11
N ALA B 354 17.25 0.06 -5.63
CA ALA B 354 17.46 -0.17 -4.19
C ALA B 354 18.94 -0.29 -3.93
N HIS B 355 19.42 0.33 -2.84
CA HIS B 355 20.82 0.32 -2.49
C HIS B 355 20.95 -0.02 -0.99
N TYR B 356 21.31 -1.26 -0.68
CA TYR B 356 21.38 -1.74 0.70
C TYR B 356 22.83 -1.85 1.15
N VAL B 357 23.08 -1.53 2.43
CA VAL B 357 24.42 -1.57 3.04
C VAL B 357 24.34 -2.36 4.35
N CYS B 358 25.45 -3.02 4.74
CA CYS B 358 25.51 -3.76 5.99
C CYS B 358 26.09 -2.93 7.11
N ASP B 359 25.19 -2.27 7.83
CA ASP B 359 25.47 -1.55 9.04
C ASP B 359 26.66 -0.58 8.94
N THR B 360 27.52 -0.54 9.96
CA THR B 360 28.47 0.49 10.19
C THR B 360 27.88 1.50 11.29
N ALA B 361 26.70 1.36 11.97
CA ALA B 361 25.38 0.80 11.59
C ALA B 361 24.39 1.92 11.24
N GLU B 362 24.44 3.00 11.99
CA GLU B 362 23.87 4.29 11.58
C GLU B 362 24.97 5.16 10.97
N ASN B 363 26.15 4.65 10.54
CA ASN B 363 27.05 5.33 9.63
C ASN B 363 26.53 5.35 8.22
N ALA B 364 25.61 4.47 7.86
CA ALA B 364 24.71 4.71 6.72
C ALA B 364 23.75 5.87 7.08
N MET B 365 24.11 7.05 6.61
CA MET B 365 23.59 8.35 7.07
C MET B 365 24.74 9.28 6.86
N LYS B 366 25.87 8.99 7.48
CA LYS B 366 27.06 9.82 7.27
C LYS B 366 27.61 9.66 5.85
N LYS B 367 27.59 8.42 5.36
CA LYS B 367 27.99 8.09 4.01
C LYS B 367 27.05 8.70 2.97
N TRP B 368 25.75 8.50 3.19
CA TRP B 368 24.71 9.03 2.29
C TRP B 368 24.75 10.55 2.20
N LEU B 369 25.07 11.20 3.33
CA LEU B 369 25.24 12.65 3.42
C LEU B 369 26.43 13.06 2.56
N LYS B 370 27.56 12.36 2.69
CA LYS B 370 28.77 12.64 1.94
C LYS B 370 28.65 12.29 0.47
N GLU B 371 27.45 12.15 -0.11
CA GLU B 371 27.32 11.76 -1.54
C GLU B 371 26.75 12.70 -2.65
N GLY B 372 25.77 13.58 -2.49
CA GLY B 372 24.87 13.62 -1.40
C GLY B 372 23.50 13.14 -1.88
N ILE B 373 23.09 11.94 -1.44
CA ILE B 373 21.70 11.48 -1.51
C ILE B 373 20.89 12.53 -0.74
N GLN B 374 19.77 12.88 -1.30
CA GLN B 374 18.88 13.91 -0.78
C GLN B 374 17.56 13.24 -0.43
N PRO B 375 17.49 12.56 0.73
CA PRO B 375 16.25 11.83 1.00
C PRO B 375 15.11 12.76 1.31
N THR B 376 13.91 12.40 0.87
CA THR B 376 12.70 13.15 1.18
C THR B 376 11.84 12.47 2.25
N VAL B 377 12.06 11.19 2.50
CA VAL B 377 11.39 10.46 3.57
C VAL B 377 12.42 9.58 4.28
N ILE B 378 12.26 9.44 5.57
CA ILE B 378 13.04 8.47 6.31
C ILE B 378 12.08 7.53 7.03
N LEU B 379 12.17 6.23 6.71
CA LEU B 379 11.47 5.18 7.42
C LEU B 379 12.47 4.52 8.36
N VAL B 380 12.10 4.42 9.63
CA VAL B 380 12.94 3.77 10.62
C VAL B 380 12.12 2.70 11.30
N ASP B 381 12.79 1.62 11.69
CA ASP B 381 12.13 0.49 12.30
C ASP B 381 13.07 -0.15 13.31
N PRO B 382 13.45 0.58 14.36
CA PRO B 382 14.46 0.08 15.27
C PRO B 382 13.92 -1.00 16.21
N PRO B 383 14.84 -1.74 16.86
CA PRO B 383 14.43 -2.64 17.94
C PRO B 383 14.04 -1.82 19.18
N ARG B 384 13.72 -2.51 20.27
CA ARG B 384 13.11 -1.85 21.43
C ARG B 384 13.92 -0.73 22.09
N LYS B 385 15.25 -0.77 21.94
CA LYS B 385 16.12 0.27 22.48
C LYS B 385 16.02 1.62 21.74
N GLY B 386 15.33 1.65 20.59
CA GLY B 386 15.11 2.88 19.86
C GLY B 386 16.32 3.38 19.09
N LEU B 387 16.26 4.64 18.69
CA LEU B 387 17.33 5.27 17.91
C LEU B 387 18.33 5.91 18.86
N THR B 388 19.56 6.05 18.38
CA THR B 388 20.58 6.81 19.12
C THR B 388 20.40 8.29 18.78
N GLU B 389 20.75 9.16 19.71
CA GLU B 389 20.73 10.63 19.50
C GLU B 389 21.54 11.05 18.26
N SER B 390 22.65 10.32 18.05
CA SER B 390 23.50 10.53 16.91
C SER B 390 22.79 10.30 15.56
N PHE B 391 21.96 9.24 15.48
CA PHE B 391 21.15 8.96 14.29
C PHE B 391 20.09 10.04 14.06
N ILE B 392 19.38 10.40 15.13
CA ILE B 392 18.30 11.38 15.04
C ILE B 392 18.83 12.71 14.48
N LYS B 393 19.89 13.22 15.12
CA LYS B 393 20.54 14.46 14.68
C LYS B 393 20.95 14.36 13.20
N ALA B 394 21.56 13.24 12.82
CA ALA B 394 22.04 13.01 11.45
C ALA B 394 20.91 12.89 10.43
N SER B 395 19.85 12.19 10.79
CA SER B 395 18.69 12.06 9.91
C SER B 395 18.05 13.41 9.65
N ALA B 396 17.98 14.25 10.68
CA ALA B 396 17.39 15.58 10.59
C ALA B 396 18.22 16.50 9.70
N GLN B 397 19.54 16.36 9.77
CA GLN B 397 20.46 17.15 8.94
C GLN B 397 20.29 16.92 7.43
N THR B 398 19.74 15.76 7.04
CA THR B 398 19.43 15.55 5.63
C THR B 398 18.37 16.50 5.09
N GLY B 399 17.54 17.05 5.98
CA GLY B 399 16.44 17.88 5.56
C GLY B 399 15.26 17.12 5.00
N ALA B 400 15.18 15.81 5.26
CA ALA B 400 14.04 15.02 4.82
C ALA B 400 12.78 15.56 5.50
N ASP B 401 11.72 15.73 4.72
CA ASP B 401 10.50 16.39 5.21
C ASP B 401 9.70 15.50 6.14
N ARG B 402 9.51 14.24 5.74
CA ARG B 402 8.69 13.29 6.49
C ARG B 402 9.56 12.19 7.10
N ILE B 403 9.20 11.79 8.32
CA ILE B 403 9.82 10.66 9.01
C ILE B 403 8.71 9.74 9.48
N ALA B 404 8.81 8.46 9.12
CA ALA B 404 7.84 7.46 9.52
C ALA B 404 8.56 6.52 10.47
N TYR B 405 8.17 6.56 11.74
CA TYR B 405 8.80 5.82 12.81
C TYR B 405 7.92 4.62 13.15
N ILE B 406 8.46 3.43 12.97
CA ILE B 406 7.83 2.19 13.40
C ILE B 406 8.52 1.73 14.68
N SER B 407 7.75 1.64 15.76
CA SER B 407 8.30 1.31 17.07
C SER B 407 7.71 0.04 17.60
N CYS B 408 8.51 -0.69 18.35
CA CYS B 408 8.03 -1.83 19.12
C CYS B 408 8.15 -1.54 20.62
N ASN B 409 8.38 -0.28 20.99
CA ASN B 409 8.47 0.13 22.38
C ASN B 409 8.12 1.59 22.55
N VAL B 410 6.97 1.86 23.15
CA VAL B 410 6.51 3.26 23.35
C VAL B 410 7.42 4.14 24.21
N ALA B 411 8.10 3.56 25.19
CA ALA B 411 8.98 4.35 26.06
C ALA B 411 10.12 4.98 25.26
N THR B 412 10.77 4.19 24.41
CA THR B 412 11.87 4.71 23.60
C THR B 412 11.37 5.55 22.42
N MET B 413 10.19 5.22 21.89
CA MET B 413 9.62 6.01 20.80
C MET B 413 9.38 7.43 21.27
N ALA B 414 8.73 7.55 22.41
CA ALA B 414 8.39 8.84 22.98
C ALA B 414 9.64 9.66 23.28
N ARG B 415 10.69 9.01 23.76
CA ARG B 415 11.97 9.67 23.98
C ARG B 415 12.48 10.27 22.68
N ASP B 416 12.51 9.45 21.63
CA ASP B 416 13.03 9.87 20.35
C ASP B 416 12.15 10.93 19.67
N ILE B 417 10.84 10.77 19.75
CA ILE B 417 9.91 11.78 19.26
C ILE B 417 10.14 13.15 19.92
N LYS B 418 10.45 13.17 21.20
CA LYS B 418 10.72 14.42 21.89
C LYS B 418 11.86 15.18 21.24
N LEU B 419 12.96 14.49 20.97
CA LEU B 419 14.12 15.09 20.35
C LEU B 419 13.85 15.52 18.90
N TYR B 420 13.08 14.73 18.15
CA TYR B 420 12.66 15.16 16.81
C TYR B 420 11.84 16.45 16.85
N GLN B 421 11.03 16.63 17.90
CA GLN B 421 10.24 17.87 18.05
C GLN B 421 11.13 19.07 18.34
N GLU B 422 12.11 18.87 19.23
CA GLU B 422 13.14 19.87 19.51
C GLU B 422 13.88 20.32 18.24
N LEU B 423 14.06 19.40 17.29
CA LEU B 423 14.75 19.68 16.02
C LEU B 423 13.84 20.17 14.90
N GLY B 424 12.57 20.44 15.19
CA GLY B 424 11.66 21.04 14.20
C GLY B 424 10.66 20.11 13.54
N TYR B 425 10.66 18.82 13.90
CA TYR B 425 9.69 17.86 13.32
C TYR B 425 8.48 17.74 14.21
N GLU B 426 7.31 18.04 13.69
CA GLU B 426 6.08 18.00 14.48
C GLU B 426 5.46 16.61 14.33
N LEU B 427 5.01 16.03 15.46
CA LEU B 427 4.28 14.77 15.44
C LEU B 427 2.89 14.99 14.85
N LYS B 428 2.59 14.28 13.75
CA LYS B 428 1.36 14.51 12.99
C LYS B 428 0.28 13.45 13.19
N LYS B 429 0.66 12.18 13.11
CA LYS B 429 -0.27 11.06 13.24
C LYS B 429 0.36 9.96 14.09
N VAL B 430 -0.47 9.21 14.81
CA VAL B 430 -0.03 8.01 15.53
C VAL B 430 -1.08 6.93 15.43
N GLN B 431 -0.69 5.76 14.91
CA GLN B 431 -1.60 4.65 14.74
C GLN B 431 -0.94 3.42 15.34
N PRO B 432 -1.44 2.95 16.51
CA PRO B 432 -0.94 1.68 17.00
C PRO B 432 -1.52 0.51 16.23
N VAL B 433 -0.74 -0.55 16.10
CA VAL B 433 -1.19 -1.74 15.40
C VAL B 433 -0.92 -2.93 16.31
N ASP B 434 -1.84 -3.88 16.34
CA ASP B 434 -1.70 -5.03 17.21
C ASP B 434 -1.03 -6.20 16.49
N LEU B 435 0.30 -6.15 16.45
CA LEU B 435 1.13 -7.19 15.87
C LEU B 435 1.18 -8.44 16.72
N PHE B 436 1.06 -8.29 18.05
CA PHE B 436 1.20 -9.40 18.97
C PHE B 436 -0.02 -9.49 19.89
N PRO B 437 -1.18 -9.91 19.35
CA PRO B 437 -2.31 -10.13 20.21
C PRO B 437 -2.06 -11.13 21.31
N GLN B 438 -2.77 -10.95 22.40
CA GLN B 438 -2.69 -11.75 23.60
C GLN B 438 -1.39 -11.51 24.41
N THR B 439 -0.51 -10.63 23.94
CA THR B 439 0.75 -10.31 24.64
C THR B 439 0.77 -8.84 25.01
N HIS B 440 1.72 -8.44 25.84
CA HIS B 440 1.86 -7.04 26.26
C HIS B 440 2.52 -6.13 25.23
N HIS B 441 3.06 -6.69 24.15
CA HIS B 441 3.85 -5.93 23.15
C HIS B 441 3.00 -4.98 22.35
N VAL B 442 3.44 -3.73 22.29
CA VAL B 442 2.75 -2.67 21.58
C VAL B 442 3.60 -2.22 20.40
N GLN B 443 2.96 -2.10 19.24
CA GLN B 443 3.60 -1.65 18.02
C GLN B 443 2.93 -0.40 17.52
N THR B 444 3.74 0.58 17.15
CA THR B 444 3.21 1.90 16.79
C THR B 444 3.83 2.43 15.52
N VAL B 445 3.04 3.15 14.72
CA VAL B 445 3.55 3.97 13.62
C VAL B 445 3.29 5.43 13.94
N ALA B 446 4.32 6.24 13.84
CA ALA B 446 4.22 7.68 14.03
C ALA B 446 4.71 8.37 12.77
N LEU B 447 4.01 9.42 12.36
CA LEU B 447 4.49 10.31 11.29
C LEU B 447 4.96 11.63 11.89
N LEU B 448 6.23 11.96 11.67
CA LEU B 448 6.80 13.26 12.01
C LEU B 448 7.06 14.03 10.71
N SER B 449 6.71 15.32 10.69
CA SER B 449 6.96 16.15 9.50
C SER B 449 7.41 17.52 9.90
N LYS B 450 8.28 18.15 9.09
CA LYS B 450 8.66 19.54 9.32
C LYS B 450 7.95 20.52 8.39
N LEU B 451 6.91 20.06 7.69
CA LEU B 451 5.93 20.94 7.03
C LEU B 451 4.79 21.32 8.03
N ASP B 452 4.58 22.63 8.31
CA ASP B 452 3.62 23.20 9.35
C ASP B 452 4.08 23.08 10.79
N LEU C 2 75.95 3.21 -32.92
CA LEU C 2 77.18 3.61 -32.21
C LEU C 2 77.82 2.54 -31.31
N LYS C 3 77.17 1.51 -30.72
CA LYS C 3 75.74 1.25 -30.31
C LYS C 3 74.81 0.40 -31.19
N LYS C 4 74.25 -0.74 -30.68
CA LYS C 4 73.53 -1.72 -31.55
C LYS C 4 72.46 -2.75 -30.96
N ASN C 5 72.91 -3.61 -30.07
CA ASN C 5 72.10 -4.47 -29.14
C ASN C 5 72.98 -4.67 -27.82
N ASP C 6 73.66 -3.59 -27.48
CA ASP C 6 74.66 -3.52 -26.45
C ASP C 6 73.98 -3.50 -25.10
N ILE C 7 74.76 -3.91 -24.10
CA ILE C 7 74.41 -3.72 -22.71
C ILE C 7 75.34 -2.64 -22.17
N VAL C 8 74.77 -1.55 -21.65
CA VAL C 8 75.53 -0.39 -21.18
C VAL C 8 74.95 0.12 -19.86
N GLU C 9 75.80 0.64 -18.98
CA GLU C 9 75.35 1.18 -17.69
C GLU C 9 74.82 2.59 -17.92
N VAL C 10 73.72 2.90 -17.25
CA VAL C 10 73.07 4.19 -17.42
C VAL C 10 72.29 4.59 -16.15
N GLU C 11 72.16 5.89 -15.90
CA GLU C 11 71.36 6.41 -14.79
C GLU C 11 70.06 6.97 -15.34
N ILE C 12 68.95 6.57 -14.72
CA ILE C 12 67.64 7.06 -15.09
C ILE C 12 67.45 8.40 -14.40
N VAL C 13 67.21 9.45 -15.19
CA VAL C 13 67.20 10.84 -14.71
C VAL C 13 65.83 11.48 -14.67
N ASP C 14 64.86 10.92 -15.39
CA ASP C 14 63.53 11.54 -15.51
C ASP C 14 62.50 10.52 -16.00
N LEU C 15 61.22 10.91 -15.95
CA LEU C 15 60.12 10.14 -16.49
C LEU C 15 59.44 10.88 -17.63
N THR C 16 59.13 10.17 -18.71
CA THR C 16 58.31 10.71 -19.81
C THR C 16 56.87 10.76 -19.36
N HIS C 17 56.05 11.52 -20.11
CA HIS C 17 54.62 11.63 -19.83
C HIS C 17 53.97 10.24 -19.73
N GLU C 18 54.43 9.30 -20.56
CA GLU C 18 53.86 7.95 -20.64
C GLU C 18 54.41 6.95 -19.60
N GLY C 19 55.39 7.35 -18.78
CA GLY C 19 55.91 6.48 -17.72
C GLY C 19 57.18 5.69 -17.97
N ALA C 20 57.82 5.90 -19.12
CA ALA C 20 59.29 5.58 -19.28
C ALA C 20 59.98 6.69 -18.55
N GLY C 21 61.11 6.58 -17.85
CA GLY C 21 62.35 5.90 -18.06
C GLY C 21 63.21 6.72 -19.00
N VAL C 22 63.88 7.76 -18.51
CA VAL C 22 64.73 8.61 -19.36
C VAL C 22 66.20 8.50 -18.95
N ALA C 23 67.04 8.17 -19.93
CA ALA C 23 68.51 8.13 -19.79
C ALA C 23 69.17 8.78 -20.99
N LYS C 24 70.44 9.13 -20.82
CA LYS C 24 71.21 9.81 -21.87
C LYS C 24 72.47 8.98 -22.11
N VAL C 25 72.68 8.55 -23.36
CA VAL C 25 73.83 7.70 -23.70
C VAL C 25 74.42 8.32 -24.96
N ASP C 26 75.70 8.67 -24.88
CA ASP C 26 76.39 9.47 -25.90
C ASP C 26 75.61 10.79 -25.85
N GLY C 27 75.02 11.21 -26.95
CA GLY C 27 74.08 12.33 -26.93
C GLY C 27 72.74 11.89 -27.42
N LEU C 28 72.21 10.74 -26.98
CA LEU C 28 71.02 10.21 -27.69
C LEU C 28 69.65 10.47 -27.14
N VAL C 29 69.46 10.45 -25.83
CA VAL C 29 68.14 10.26 -25.22
C VAL C 29 67.50 8.88 -25.45
N PHE C 30 67.36 8.14 -24.36
CA PHE C 30 66.83 6.79 -24.36
C PHE C 30 65.58 6.69 -23.50
N PHE C 31 64.61 5.94 -23.99
CA PHE C 31 63.39 5.65 -23.26
C PHE C 31 63.45 4.18 -22.84
N VAL C 32 63.34 3.96 -21.53
CA VAL C 32 63.52 2.65 -20.95
C VAL C 32 62.26 2.34 -20.16
N GLU C 33 61.59 1.26 -20.51
CA GLU C 33 60.37 0.92 -19.84
C GLU C 33 60.75 0.23 -18.54
N ASN C 34 59.97 0.58 -17.51
CA ASN C 34 60.11 0.05 -16.20
C ASN C 34 61.38 0.46 -15.49
N ALA C 35 61.82 1.69 -15.73
CA ALA C 35 63.00 2.24 -15.06
C ALA C 35 62.62 3.58 -14.46
N LEU C 36 62.89 3.77 -13.17
CA LEU C 36 62.46 4.97 -12.43
C LEU C 36 63.61 5.92 -12.15
N PRO C 37 63.30 7.21 -11.91
CA PRO C 37 64.35 8.19 -11.59
C PRO C 37 65.15 7.79 -10.38
N SER C 38 66.45 8.08 -10.44
CA SER C 38 67.45 7.71 -9.43
C SER C 38 67.96 6.26 -9.54
N GLU C 39 67.44 5.46 -10.47
CA GLU C 39 67.90 4.08 -10.63
C GLU C 39 69.11 4.04 -11.55
N LYS C 40 70.01 3.11 -11.25
CA LYS C 40 71.12 2.79 -12.14
C LYS C 40 70.85 1.40 -12.68
N ILE C 41 70.89 1.26 -13.98
CA ILE C 41 70.64 -0.02 -14.63
C ILE C 41 71.74 -0.35 -15.60
N LEU C 42 71.83 -1.63 -15.93
CA LEU C 42 72.41 -2.07 -17.19
C LEU C 42 71.26 -2.15 -18.17
N MET C 43 71.40 -1.47 -19.28
CA MET C 43 70.33 -1.29 -20.26
C MET C 43 70.67 -2.03 -21.54
N ARG C 44 69.76 -2.89 -22.00
CA ARG C 44 69.87 -3.53 -23.32
C ARG C 44 69.28 -2.61 -24.38
N VAL C 45 70.10 -2.25 -25.36
CA VAL C 45 69.66 -1.39 -26.46
C VAL C 45 68.73 -2.15 -27.39
N LEU C 46 67.52 -1.64 -27.59
CA LEU C 46 66.56 -2.23 -28.53
C LEU C 46 66.51 -1.57 -29.89
N LYS C 47 66.80 -0.28 -29.96
CA LYS C 47 66.62 0.47 -31.21
C LYS C 47 67.32 1.82 -31.07
N VAL C 48 68.11 2.19 -32.08
CA VAL C 48 68.85 3.42 -32.05
C VAL C 48 68.55 4.22 -33.30
N ASN C 49 67.96 5.39 -33.14
CA ASN C 49 67.99 6.44 -34.18
C ASN C 49 69.21 7.34 -33.91
N LYS C 50 69.33 8.47 -34.58
CA LYS C 50 70.37 9.47 -34.26
C LYS C 50 69.75 10.84 -34.41
N LYS C 51 69.06 11.37 -33.39
CA LYS C 51 69.02 10.90 -32.00
C LYS C 51 67.69 10.20 -31.63
N ILE C 52 67.44 9.98 -30.34
CA ILE C 52 66.38 9.03 -29.78
C ILE C 52 66.82 7.57 -29.74
N GLY C 53 66.60 6.94 -28.59
CA GLY C 53 66.88 5.50 -28.39
C GLY C 53 65.82 4.79 -27.58
N PHE C 54 65.73 3.47 -27.70
CA PHE C 54 64.78 2.68 -26.86
C PHE C 54 65.55 1.53 -26.20
N GLY C 55 65.33 1.35 -24.90
CA GLY C 55 66.05 0.33 -24.12
C GLY C 55 65.18 -0.51 -23.19
N LYS C 56 65.79 -1.55 -22.68
CA LYS C 56 65.15 -2.47 -21.76
C LYS C 56 66.09 -2.69 -20.60
N VAL C 57 65.54 -2.82 -19.39
CA VAL C 57 66.38 -3.12 -18.22
C VAL C 57 66.88 -4.57 -18.34
N GLU C 58 68.20 -4.74 -18.33
CA GLU C 58 68.82 -6.07 -18.22
C GLU C 58 69.12 -6.43 -16.78
N LYS C 59 69.46 -5.43 -15.99
CA LYS C 59 69.76 -5.60 -14.57
C LYS C 59 69.61 -4.27 -13.85
N TYR C 60 69.08 -4.33 -12.63
CA TYR C 60 69.04 -3.21 -11.71
C TYR C 60 70.32 -3.21 -10.85
N LEU C 61 71.11 -2.15 -10.92
CA LEU C 61 72.24 -1.98 -10.03
C LEU C 61 71.77 -1.28 -8.75
N VAL C 62 71.00 -0.21 -8.91
CA VAL C 62 70.35 0.45 -7.78
C VAL C 62 68.88 0.66 -8.13
N GLN C 63 68.00 0.22 -7.25
CA GLN C 63 66.55 0.41 -7.40
C GLN C 63 66.09 1.60 -6.59
N SER C 64 64.97 2.17 -7.04
CA SER C 64 64.43 3.37 -6.42
C SER C 64 63.79 2.94 -5.12
N PRO C 65 63.91 3.77 -4.09
CA PRO C 65 63.19 3.44 -2.85
C PRO C 65 61.68 3.55 -3.02
N HIS C 66 61.23 4.20 -4.08
CA HIS C 66 59.82 4.33 -4.38
C HIS C 66 59.27 3.28 -5.35
N ARG C 67 60.06 2.27 -5.70
CA ARG C 67 59.60 1.20 -6.59
C ARG C 67 58.65 0.28 -5.87
N ASN C 68 57.52 0.01 -6.50
CA ASN C 68 56.58 -1.01 -6.03
C ASN C 68 56.99 -2.36 -6.63
N GLN C 69 57.24 -3.33 -5.75
CA GLN C 69 57.82 -4.61 -6.18
C GLN C 69 56.79 -5.66 -6.58
N ASP C 70 55.49 -5.31 -6.53
CA ASP C 70 54.41 -6.27 -6.74
C ASP C 70 54.48 -7.00 -8.10
N LEU C 71 54.81 -8.28 -8.04
CA LEU C 71 54.90 -9.17 -9.27
C LEU C 71 53.55 -9.37 -9.95
N ASP C 72 52.50 -9.35 -9.14
CA ASP C 72 51.10 -9.55 -9.50
C ASP C 72 50.49 -8.10 -9.28
N LEU C 73 51.01 -7.10 -10.00
CA LEU C 73 51.47 -7.27 -11.36
C LEU C 73 52.30 -6.04 -11.91
N ALA C 74 53.58 -6.30 -12.08
CA ALA C 74 54.34 -5.68 -13.14
C ALA C 74 54.03 -6.37 -14.50
N TYR C 75 53.20 -7.39 -14.53
CA TYR C 75 52.63 -8.02 -15.76
C TYR C 75 51.60 -7.14 -16.45
N LEU C 76 50.95 -6.28 -15.67
CA LEU C 76 49.97 -5.30 -16.15
C LEU C 76 50.55 -4.00 -16.67
N ARG C 77 51.81 -3.74 -16.38
CA ARG C 77 52.37 -2.42 -16.50
C ARG C 77 52.25 -1.83 -17.89
N SER C 78 52.54 -2.62 -18.90
CA SER C 78 52.29 -2.22 -20.29
C SER C 78 51.04 -2.90 -20.82
N GLY C 79 49.90 -2.16 -20.75
CA GLY C 79 48.60 -2.60 -21.12
C GLY C 79 47.56 -1.88 -20.29
N ILE C 80 47.69 -1.93 -18.95
CA ILE C 80 46.65 -1.57 -18.01
C ILE C 80 47.14 -0.48 -17.06
N ALA C 81 48.25 -0.72 -16.37
CA ALA C 81 48.72 0.20 -15.31
C ALA C 81 50.13 0.68 -15.54
N ASP C 82 50.24 1.64 -16.46
CA ASP C 82 51.46 2.34 -16.86
C ASP C 82 52.45 2.70 -15.75
N LEU C 83 51.90 3.13 -14.60
CA LEU C 83 52.66 3.66 -13.48
C LEU C 83 52.56 2.81 -12.20
N GLY C 84 52.01 1.61 -12.31
CA GLY C 84 51.84 0.76 -11.13
C GLY C 84 53.11 0.44 -10.38
N HIS C 85 54.22 0.41 -11.09
CA HIS C 85 55.52 0.18 -10.49
C HIS C 85 56.07 1.33 -9.64
N LEU C 86 55.48 2.52 -9.75
CA LEU C 86 55.83 3.65 -8.92
C LEU C 86 54.88 3.70 -7.71
N SER C 87 55.38 4.09 -6.55
CA SER C 87 54.53 4.15 -5.36
C SER C 87 53.45 5.20 -5.56
N TYR C 88 52.33 5.04 -4.89
CA TYR C 88 51.20 5.94 -5.12
C TYR C 88 51.51 7.40 -4.77
N PRO C 89 52.11 7.66 -3.58
CA PRO C 89 52.53 9.03 -3.29
C PRO C 89 53.43 9.69 -4.36
N GLU C 90 54.31 8.91 -4.98
CA GLU C 90 55.15 9.45 -6.05
C GLU C 90 54.41 9.59 -7.39
N GLN C 91 53.35 8.80 -7.60
CA GLN C 91 52.50 8.97 -8.78
C GLN C 91 51.81 10.32 -8.75
N LEU C 92 51.34 10.72 -7.56
CA LEU C 92 50.67 12.01 -7.37
C LEU C 92 51.66 13.15 -7.59
N LYS C 93 52.83 13.07 -6.98
CA LYS C 93 53.86 14.10 -7.18
C LYS C 93 54.26 14.23 -8.66
N PHE C 94 54.42 13.08 -9.32
CA PHE C 94 54.71 13.04 -10.76
C PHE C 94 53.63 13.73 -11.60
N LYS C 95 52.37 13.50 -11.25
CA LYS C 95 51.24 14.14 -11.96
C LYS C 95 51.13 15.64 -11.68
N THR C 96 51.38 16.05 -10.44
CA THR C 96 51.45 17.47 -10.08
C THR C 96 52.54 18.16 -10.89
N LYS C 97 53.73 17.57 -10.89
CA LYS C 97 54.89 18.12 -11.61
C LYS C 97 54.65 18.29 -13.11
N GLN C 98 53.90 17.37 -13.71
CA GLN C 98 53.61 17.46 -15.12
C GLN C 98 52.76 18.67 -15.46
N VAL C 99 51.79 18.96 -14.58
CA VAL C 99 50.91 20.11 -14.76
C VAL C 99 51.75 21.38 -14.65
N LYS C 100 52.54 21.51 -13.57
CA LYS C 100 53.51 22.63 -13.41
C LYS C 100 54.40 22.83 -14.65
N ASP C 101 55.01 21.74 -15.12
CA ASP C 101 55.95 21.82 -16.24
C ASP C 101 55.24 22.21 -17.54
N SER C 102 54.00 21.80 -17.71
CA SER C 102 53.23 22.13 -18.93
C SER C 102 52.84 23.60 -19.01
N LEU C 103 52.34 24.13 -17.90
CA LEU C 103 51.97 25.53 -17.79
C LEU C 103 53.18 26.46 -17.97
N TYR C 104 54.32 26.07 -17.43
CA TYR C 104 55.57 26.81 -17.61
C TYR C 104 56.05 26.71 -19.05
N LYS C 105 56.37 25.50 -19.51
CA LYS C 105 56.98 25.29 -20.83
C LYS C 105 56.12 25.79 -21.98
N ILE C 106 54.83 25.52 -21.94
CA ILE C 106 53.92 25.79 -23.09
C ILE C 106 53.23 27.14 -22.99
N ALA C 107 52.80 27.53 -21.79
CA ALA C 107 52.06 28.77 -21.60
C ALA C 107 52.82 29.90 -20.91
N GLY C 108 54.10 29.70 -20.56
CA GLY C 108 54.86 30.70 -19.82
C GLY C 108 54.40 31.02 -18.40
N ILE C 109 53.46 30.25 -17.83
CA ILE C 109 52.92 30.57 -16.53
C ILE C 109 53.80 29.94 -15.44
N ALA C 110 54.39 30.81 -14.60
CA ALA C 110 55.11 30.44 -13.39
C ALA C 110 54.56 31.10 -12.12
N ASP C 111 53.65 32.06 -12.24
CA ASP C 111 53.09 32.81 -11.12
C ASP C 111 51.95 32.10 -10.39
N VAL C 112 51.45 30.96 -10.92
CA VAL C 112 50.23 30.35 -10.35
C VAL C 112 50.57 29.06 -9.61
N GLU C 113 50.04 28.91 -8.40
CA GLU C 113 50.30 27.73 -7.59
C GLU C 113 49.40 26.60 -8.07
N VAL C 114 50.03 25.51 -8.49
CA VAL C 114 49.33 24.27 -8.82
C VAL C 114 49.20 23.44 -7.55
N ALA C 115 47.96 23.20 -7.13
CA ALA C 115 47.70 22.38 -5.93
C ALA C 115 48.21 20.95 -6.14
N GLU C 116 48.51 20.30 -5.03
CA GLU C 116 49.01 18.92 -5.05
C GLU C 116 47.86 18.07 -5.60
N THR C 117 48.19 17.17 -6.53
CA THR C 117 47.19 16.30 -7.14
C THR C 117 46.35 15.61 -6.06
N LEU C 118 45.04 15.73 -6.19
CA LEU C 118 44.11 15.13 -5.25
C LEU C 118 44.02 13.63 -5.52
N GLY C 119 44.43 12.83 -4.54
CA GLY C 119 44.54 11.40 -4.72
C GLY C 119 43.32 10.65 -4.25
N MET C 120 43.24 9.40 -4.65
CA MET C 120 42.18 8.51 -4.27
C MET C 120 42.61 7.76 -3.01
N GLU C 121 41.72 7.63 -2.04
CA GLU C 121 42.05 7.03 -0.75
C GLU C 121 42.47 5.57 -0.91
N HIS C 122 41.70 4.79 -1.69
CA HIS C 122 42.05 3.41 -2.02
C HIS C 122 42.20 3.30 -3.54
N PRO C 123 43.42 3.58 -4.06
CA PRO C 123 43.61 3.76 -5.50
C PRO C 123 43.62 2.48 -6.35
N VAL C 124 42.61 1.64 -6.16
CA VAL C 124 42.54 0.33 -6.80
C VAL C 124 41.09 -0.03 -7.06
N LYS C 125 40.87 -1.02 -7.92
CA LYS C 125 39.52 -1.56 -8.14
C LYS C 125 38.46 -0.50 -8.42
N TYR C 126 38.81 0.51 -9.19
CA TYR C 126 37.94 1.70 -9.36
C TYR C 126 37.17 1.78 -10.68
N ARG C 127 37.67 1.15 -11.75
CA ARG C 127 37.04 1.32 -13.06
C ARG C 127 35.67 0.69 -13.09
N ASN C 128 34.70 1.45 -13.60
CA ASN C 128 33.35 0.94 -13.80
C ASN C 128 33.11 0.39 -15.21
N LYS C 129 34.12 0.38 -16.06
CA LYS C 129 33.99 -0.16 -17.40
C LYS C 129 35.22 -0.96 -17.75
N ALA C 130 35.01 -2.11 -18.38
CA ALA C 130 36.08 -2.97 -18.84
C ALA C 130 35.91 -3.13 -20.34
N GLN C 131 37.00 -3.09 -21.08
CA GLN C 131 37.03 -3.41 -22.49
C GLN C 131 38.07 -4.50 -22.63
N VAL C 132 37.63 -5.69 -23.00
CA VAL C 132 38.48 -6.87 -23.01
C VAL C 132 38.43 -7.53 -24.40
N PRO C 133 39.59 -7.72 -25.04
CA PRO C 133 39.59 -8.49 -26.28
C PRO C 133 39.39 -9.99 -26.03
N VAL C 134 38.86 -10.67 -27.05
CA VAL C 134 38.58 -12.07 -27.00
C VAL C 134 39.35 -12.72 -28.14
N ARG C 135 40.28 -13.62 -27.81
CA ARG C 135 41.10 -14.29 -28.81
C ARG C 135 41.24 -15.77 -28.50
N ARG C 136 41.61 -16.52 -29.54
CA ARG C 136 41.88 -17.96 -29.42
C ARG C 136 43.37 -18.08 -29.08
N VAL C 137 43.67 -18.78 -28.00
CA VAL C 137 45.04 -19.05 -27.57
C VAL C 137 45.10 -20.53 -27.25
N ASN C 138 45.85 -21.27 -28.07
CA ASN C 138 46.04 -22.70 -27.92
C ASN C 138 44.69 -23.47 -28.00
N GLY C 139 43.95 -23.11 -29.06
CA GLY C 139 42.58 -23.51 -29.29
C GLY C 139 41.53 -23.20 -28.25
N VAL C 140 41.80 -22.28 -27.32
CA VAL C 140 40.86 -21.99 -26.24
C VAL C 140 40.53 -20.51 -26.26
N LEU C 141 39.25 -20.18 -26.17
CA LEU C 141 38.83 -18.79 -26.17
C LEU C 141 39.32 -18.20 -24.88
N GLU C 142 40.11 -17.13 -24.97
CA GLU C 142 40.65 -16.46 -23.78
C GLU C 142 40.29 -14.98 -23.78
N THR C 143 40.13 -14.43 -22.58
CA THR C 143 39.97 -12.99 -22.36
C THR C 143 41.22 -12.51 -21.67
N GLY C 144 41.53 -11.24 -21.87
CA GLY C 144 42.70 -10.62 -21.28
C GLY C 144 42.93 -9.21 -21.78
N PHE C 145 44.19 -8.86 -22.03
CA PHE C 145 44.51 -7.53 -22.55
C PHE C 145 45.65 -7.61 -23.57
N PHE C 146 45.90 -6.48 -24.22
CA PHE C 146 47.01 -6.30 -25.12
C PHE C 146 47.98 -5.31 -24.53
N ARG C 147 49.26 -5.54 -24.75
CA ARG C 147 50.30 -4.58 -24.34
C ARG C 147 50.29 -3.43 -25.33
N LYS C 148 51.07 -2.38 -25.06
CA LYS C 148 51.13 -1.19 -25.94
C LYS C 148 51.65 -1.57 -27.32
N ASN C 149 50.90 -1.20 -28.36
CA ASN C 149 51.24 -1.52 -29.76
C ASN C 149 51.55 -3.01 -30.00
N SER C 150 50.81 -3.90 -29.33
CA SER C 150 50.87 -5.34 -29.57
C SER C 150 49.46 -5.86 -29.71
N HIS C 151 49.33 -7.07 -30.25
CA HIS C 151 48.02 -7.69 -30.44
C HIS C 151 48.05 -9.16 -30.05
N ASN C 152 48.95 -9.50 -29.14
CA ASN C 152 49.10 -10.86 -28.64
C ASN C 152 48.41 -10.84 -27.26
N LEU C 153 47.40 -11.70 -27.12
CA LEU C 153 46.59 -11.69 -25.93
C LEU C 153 47.38 -12.14 -24.70
N MET C 154 47.47 -11.25 -23.70
CA MET C 154 47.96 -11.59 -22.37
C MET C 154 46.78 -12.05 -21.53
N PRO C 155 46.71 -13.34 -21.15
CA PRO C 155 45.53 -13.76 -20.39
C PRO C 155 45.51 -13.14 -19.00
N LEU C 156 44.33 -12.75 -18.56
CA LEU C 156 44.16 -12.12 -17.27
C LEU C 156 42.72 -12.21 -16.81
N GLU C 157 42.54 -12.52 -15.53
CA GLU C 157 41.25 -12.50 -14.88
C GLU C 157 41.08 -11.33 -13.91
N ASP C 158 42.12 -11.06 -13.11
CA ASP C 158 42.15 -9.95 -12.14
C ASP C 158 42.87 -8.71 -12.70
N PHE C 159 42.09 -7.70 -13.04
CA PHE C 159 42.58 -6.52 -13.75
C PHE C 159 43.11 -5.42 -12.82
N PHE C 160 43.11 -5.67 -11.50
CA PHE C 160 43.74 -4.79 -10.52
C PHE C 160 43.03 -3.46 -10.27
N ILE C 161 42.73 -2.74 -11.34
CA ILE C 161 42.14 -1.38 -11.28
C ILE C 161 40.67 -1.32 -11.66
N GLN C 162 40.01 -2.46 -11.85
CA GLN C 162 38.57 -2.44 -12.08
C GLN C 162 37.75 -3.07 -10.99
N ASP C 163 36.50 -2.63 -10.94
CA ASP C 163 35.45 -3.19 -10.14
C ASP C 163 35.50 -4.73 -10.18
N PRO C 164 35.78 -5.37 -9.03
CA PRO C 164 35.90 -6.82 -9.05
C PRO C 164 34.65 -7.53 -9.57
N VAL C 165 33.47 -6.93 -9.44
CA VAL C 165 32.27 -7.55 -10.02
C VAL C 165 32.37 -7.62 -11.55
N ILE C 166 32.96 -6.60 -12.16
CA ILE C 166 33.16 -6.60 -13.61
C ILE C 166 34.13 -7.71 -14.03
N ASP C 167 35.18 -7.93 -13.24
CA ASP C 167 36.07 -9.08 -13.44
C ASP C 167 35.32 -10.40 -13.46
N GLN C 168 34.45 -10.60 -12.46
CA GLN C 168 33.63 -11.81 -12.38
C GLN C 168 32.74 -11.99 -13.62
N VAL C 169 32.14 -10.90 -14.10
CA VAL C 169 31.25 -10.96 -15.25
C VAL C 169 32.01 -11.32 -16.52
N VAL C 170 33.19 -10.73 -16.70
CA VAL C 170 34.03 -11.01 -17.86
C VAL C 170 34.44 -12.50 -17.90
N VAL C 171 34.85 -13.03 -16.76
CA VAL C 171 35.26 -14.43 -16.70
C VAL C 171 34.05 -15.32 -16.98
N ALA C 172 32.91 -14.99 -16.38
CA ALA C 172 31.69 -15.73 -16.59
C ALA C 172 31.31 -15.76 -18.06
N LEU C 173 31.46 -14.62 -18.73
CA LEU C 173 31.18 -14.53 -20.17
C LEU C 173 32.20 -15.27 -20.99
N ARG C 174 33.46 -15.25 -20.55
CA ARG C 174 34.50 -16.02 -21.22
C ARG C 174 34.09 -17.48 -21.23
N ASP C 175 33.76 -18.01 -20.07
CA ASP C 175 33.36 -19.42 -19.95
C ASP C 175 32.06 -19.73 -20.72
N LEU C 176 31.12 -18.79 -20.73
CA LEU C 176 29.88 -18.98 -21.48
C LEU C 176 30.12 -19.03 -22.98
N LEU C 177 30.99 -18.15 -23.47
CA LEU C 177 31.34 -18.14 -24.89
C LEU C 177 31.96 -19.45 -25.35
N ARG C 178 32.73 -20.08 -24.47
CA ARG C 178 33.31 -21.37 -24.76
C ARG C 178 32.23 -22.44 -24.82
N ARG C 179 31.34 -22.44 -23.83
CA ARG C 179 30.24 -23.42 -23.74
C ARG C 179 29.25 -23.35 -24.89
N PHE C 180 29.17 -22.19 -25.56
CA PHE C 180 28.34 -22.05 -26.76
C PHE C 180 29.15 -22.08 -28.05
N ASP C 181 30.41 -22.53 -27.99
CA ASP C 181 31.24 -22.70 -29.18
C ASP C 181 31.26 -21.49 -30.13
N LEU C 182 31.29 -20.29 -29.56
CA LEU C 182 31.37 -19.08 -30.38
C LEU C 182 32.80 -18.77 -30.72
N LYS C 183 33.08 -18.56 -31.99
CA LYS C 183 34.47 -18.47 -32.47
C LYS C 183 35.01 -17.07 -32.20
N PRO C 184 36.20 -16.98 -31.58
CA PRO C 184 36.86 -15.68 -31.43
C PRO C 184 37.44 -15.11 -32.70
N TYR C 185 37.55 -13.79 -32.73
CA TYR C 185 38.15 -13.06 -33.83
C TYR C 185 39.64 -13.40 -33.96
N ASP C 186 40.14 -13.29 -35.17
CA ASP C 186 41.57 -13.45 -35.49
C ASP C 186 41.94 -12.30 -36.43
N GLU C 187 42.76 -11.37 -35.95
CA GLU C 187 43.14 -10.19 -36.74
C GLU C 187 43.97 -10.52 -37.97
N LYS C 188 44.84 -11.54 -37.87
CA LYS C 188 45.69 -11.96 -39.00
C LYS C 188 44.84 -12.54 -40.13
N GLU C 189 44.02 -13.54 -39.81
CA GLU C 189 43.15 -14.19 -40.79
C GLU C 189 41.88 -13.41 -41.17
N GLN C 190 41.44 -12.48 -40.34
CA GLN C 190 40.15 -11.80 -40.50
C GLN C 190 38.97 -12.76 -40.43
N SER C 191 39.03 -13.72 -39.52
CA SER C 191 37.96 -14.70 -39.35
C SER C 191 37.33 -14.54 -37.98
N GLY C 192 36.31 -15.35 -37.70
CA GLY C 192 35.72 -15.41 -36.35
C GLY C 192 34.66 -14.35 -36.08
N LEU C 193 34.05 -14.47 -34.91
CA LEU C 193 32.84 -13.73 -34.56
C LEU C 193 33.03 -12.72 -33.40
N ILE C 194 33.52 -13.18 -32.25
CA ILE C 194 33.60 -12.37 -31.05
C ILE C 194 34.91 -11.61 -31.00
N ARG C 195 34.84 -10.27 -31.09
CA ARG C 195 36.05 -9.44 -31.03
C ARG C 195 36.34 -8.96 -29.61
N ASN C 196 35.31 -8.43 -28.95
CA ASN C 196 35.49 -7.79 -27.64
C ASN C 196 34.30 -7.99 -26.73
N LEU C 197 34.57 -7.89 -25.44
CA LEU C 197 33.55 -7.66 -24.42
C LEU C 197 33.75 -6.28 -23.81
N VAL C 198 32.67 -5.52 -23.69
CA VAL C 198 32.66 -4.31 -22.90
C VAL C 198 31.59 -4.49 -21.84
N VAL C 199 31.96 -4.24 -20.59
CA VAL C 199 31.05 -4.38 -19.49
C VAL C 199 31.14 -3.15 -18.66
N ARG C 200 30.01 -2.50 -18.46
CA ARG C 200 29.92 -1.32 -17.63
C ARG C 200 29.00 -1.62 -16.46
N ARG C 201 29.37 -1.13 -15.29
CA ARG C 201 28.58 -1.33 -14.07
C ARG C 201 28.50 -0.04 -13.28
N GLY C 202 27.28 0.40 -12.99
CA GLY C 202 27.08 1.62 -12.21
C GLY C 202 27.81 1.53 -10.89
N HIS C 203 28.64 2.53 -10.59
CA HIS C 203 29.40 2.53 -9.34
C HIS C 203 28.55 2.50 -8.08
N TYR C 204 27.45 3.25 -8.05
CA TYR C 204 26.54 3.28 -6.90
C TYR C 204 25.36 2.35 -7.06
N SER C 205 24.76 2.32 -8.24
CA SER C 205 23.58 1.54 -8.49
C SER C 205 23.84 0.06 -8.67
N GLY C 206 25.02 -0.30 -9.13
CA GLY C 206 25.34 -1.69 -9.46
C GLY C 206 24.77 -2.29 -10.74
N GLN C 207 24.02 -1.53 -11.51
CA GLN C 207 23.37 -2.03 -12.73
C GLN C 207 24.38 -2.23 -13.84
N ILE C 208 24.26 -3.34 -14.58
CA ILE C 208 25.31 -3.77 -15.51
C ILE C 208 24.80 -3.82 -16.96
N MET C 209 25.60 -3.26 -17.86
CA MET C 209 25.41 -3.42 -19.31
C MET C 209 26.53 -4.32 -19.84
N VAL C 210 26.16 -5.37 -20.56
CA VAL C 210 27.13 -6.17 -21.26
C VAL C 210 27.02 -5.79 -22.73
N VAL C 211 28.17 -5.59 -23.38
CA VAL C 211 28.21 -5.38 -24.82
C VAL C 211 29.03 -6.48 -25.47
N LEU C 212 28.46 -7.14 -26.46
CA LEU C 212 29.17 -8.11 -27.28
C LEU C 212 29.56 -7.43 -28.56
N VAL C 213 30.86 -7.34 -28.83
CA VAL C 213 31.34 -6.69 -30.03
C VAL C 213 31.69 -7.79 -31.00
N THR C 214 30.93 -7.87 -32.09
CA THR C 214 31.02 -8.96 -33.05
C THR C 214 31.33 -8.49 -34.47
N THR C 215 31.81 -9.41 -35.29
CA THR C 215 32.08 -9.12 -36.71
C THR C 215 30.83 -9.15 -37.59
N ARG C 216 29.80 -9.89 -37.15
CA ARG C 216 28.59 -10.11 -37.92
C ARG C 216 27.38 -10.06 -36.99
N PRO C 217 26.18 -9.87 -37.56
CA PRO C 217 24.99 -9.78 -36.71
C PRO C 217 24.54 -11.09 -36.05
N LYS C 218 24.58 -12.22 -36.75
CA LYS C 218 24.02 -13.47 -36.24
C LYS C 218 24.97 -14.15 -35.26
N VAL C 219 24.50 -14.33 -34.01
CA VAL C 219 25.23 -15.03 -32.97
C VAL C 219 24.42 -16.24 -32.55
N PHE C 220 24.82 -17.44 -32.99
CA PHE C 220 24.01 -18.65 -32.79
C PHE C 220 23.72 -18.89 -31.31
N ARG C 221 22.43 -19.02 -30.99
CA ARG C 221 21.91 -19.33 -29.66
C ARG C 221 22.23 -18.27 -28.59
N VAL C 222 22.40 -17.02 -28.99
CA VAL C 222 22.80 -15.97 -28.05
C VAL C 222 21.74 -15.69 -26.99
N ASP C 223 20.47 -15.92 -27.31
CA ASP C 223 19.40 -15.70 -26.34
C ASP C 223 19.50 -16.67 -25.14
N GLN C 224 19.86 -17.93 -25.41
CA GLN C 224 20.09 -18.93 -24.37
C GLN C 224 21.34 -18.59 -23.54
N LEU C 225 22.37 -18.06 -24.19
CA LEU C 225 23.55 -17.51 -23.51
C LEU C 225 23.19 -16.41 -22.52
N ILE C 226 22.37 -15.45 -22.97
CA ILE C 226 21.93 -14.35 -22.15
C ILE C 226 21.09 -14.83 -20.96
N GLU C 227 20.14 -15.74 -21.18
CA GLU C 227 19.33 -16.29 -20.07
C GLU C 227 20.22 -16.79 -18.93
N GLN C 228 21.32 -17.44 -19.28
CA GLN C 228 22.24 -17.99 -18.28
C GLN C 228 23.10 -16.93 -17.59
N VAL C 229 23.56 -15.90 -18.31
CA VAL C 229 24.36 -14.85 -17.67
C VAL C 229 23.53 -14.00 -16.71
N ILE C 230 22.29 -13.69 -17.11
CA ILE C 230 21.31 -12.99 -16.25
C ILE C 230 21.01 -13.79 -14.96
N LYS C 231 20.97 -15.11 -15.05
CA LYS C 231 20.74 -15.95 -13.89
C LYS C 231 21.89 -15.84 -12.89
N GLN C 232 23.15 -15.82 -13.33
CA GLN C 232 24.25 -15.59 -12.36
C GLN C 232 24.47 -14.14 -11.98
N PHE C 233 24.04 -13.19 -12.79
CA PHE C 233 24.16 -11.75 -12.45
C PHE C 233 22.85 -11.03 -12.69
N PRO C 234 21.91 -11.11 -11.73
CA PRO C 234 20.62 -10.41 -11.86
C PRO C 234 20.75 -8.89 -11.94
N GLU C 235 21.89 -8.34 -11.51
CA GLU C 235 22.16 -6.93 -11.73
C GLU C 235 22.24 -6.49 -13.21
N ILE C 236 22.40 -7.42 -14.16
CA ILE C 236 22.45 -7.05 -15.58
C ILE C 236 21.08 -6.60 -16.05
N VAL C 237 20.96 -5.33 -16.40
CA VAL C 237 19.72 -4.79 -16.97
C VAL C 237 19.77 -4.62 -18.48
N SER C 238 20.91 -4.87 -19.10
CA SER C 238 21.07 -4.57 -20.52
C SER C 238 22.13 -5.45 -21.15
N VAL C 239 21.81 -6.04 -22.30
CA VAL C 239 22.82 -6.71 -23.13
C VAL C 239 22.70 -6.15 -24.53
N MET C 240 23.76 -5.46 -24.96
CA MET C 240 23.80 -4.82 -26.25
C MET C 240 24.73 -5.60 -27.16
N GLN C 241 24.54 -5.40 -28.45
CA GLN C 241 25.46 -5.88 -29.46
C GLN C 241 26.01 -4.69 -30.23
N ASN C 242 27.29 -4.75 -30.57
CA ASN C 242 27.90 -3.79 -31.48
C ASN C 242 28.61 -4.57 -32.57
N ILE C 243 28.35 -4.20 -33.81
CA ILE C 243 28.92 -4.87 -34.98
C ILE C 243 30.09 -4.05 -35.49
N ASN C 244 31.25 -4.68 -35.60
CA ASN C 244 32.45 -4.07 -36.18
C ASN C 244 33.05 -5.05 -37.18
N ASP C 245 32.82 -4.79 -38.45
CA ASP C 245 33.32 -5.63 -39.55
C ASP C 245 34.61 -5.09 -40.17
N GLN C 246 35.07 -3.94 -39.71
CA GLN C 246 36.32 -3.32 -40.20
C GLN C 246 37.54 -3.93 -39.51
N ASN C 247 38.70 -3.72 -40.14
CA ASN C 247 40.00 -4.16 -39.65
C ASN C 247 40.72 -2.90 -39.16
N THR C 248 40.38 -2.49 -37.96
CA THR C 248 40.95 -1.31 -37.30
C THR C 248 41.17 -1.62 -35.82
N ASN C 249 41.88 -0.73 -35.14
CA ASN C 249 42.06 -0.86 -33.69
C ASN C 249 40.86 -0.34 -32.93
N ALA C 250 40.03 0.50 -33.54
CA ALA C 250 38.81 1.01 -32.91
C ALA C 250 37.94 -0.14 -32.42
N ILE C 251 37.46 -0.04 -31.17
CA ILE C 251 36.68 -1.10 -30.57
C ILE C 251 35.30 -1.18 -31.23
N PHE C 252 34.56 -0.08 -31.22
CA PHE C 252 33.18 -0.10 -31.71
C PHE C 252 33.04 0.25 -33.19
N GLY C 253 32.11 -0.41 -33.87
CA GLY C 253 31.64 0.01 -35.20
C GLY C 253 30.44 0.95 -35.09
N LYS C 254 29.73 1.15 -36.20
CA LYS C 254 28.56 2.03 -36.22
C LYS C 254 27.32 1.41 -35.59
N GLU C 255 26.99 0.18 -35.96
CA GLU C 255 25.66 -0.39 -35.64
C GLU C 255 25.54 -0.99 -34.22
N TRP C 256 24.55 -0.51 -33.45
CA TRP C 256 24.18 -1.11 -32.17
C TRP C 256 22.81 -1.80 -32.21
N ARG C 257 22.66 -2.90 -31.48
CA ARG C 257 21.39 -3.57 -31.30
C ARG C 257 21.16 -3.90 -29.84
N THR C 258 19.90 -3.95 -29.43
CA THR C 258 19.54 -4.38 -28.10
C THR C 258 19.15 -5.85 -28.12
N LEU C 259 19.91 -6.68 -27.41
CA LEU C 259 19.62 -8.10 -27.31
C LEU C 259 18.76 -8.44 -26.12
N TYR C 260 18.92 -7.75 -25.01
CA TYR C 260 18.07 -7.99 -23.85
C TYR C 260 17.91 -6.72 -23.03
N GLY C 261 16.71 -6.50 -22.52
CA GLY C 261 16.45 -5.47 -21.52
C GLY C 261 16.46 -4.09 -22.13
N GLN C 262 17.08 -3.15 -21.42
CA GLN C 262 17.16 -1.74 -21.82
C GLN C 262 18.37 -1.49 -22.74
N ASP C 263 18.47 -0.26 -23.25
CA ASP C 263 19.68 0.16 -24.00
C ASP C 263 20.50 1.17 -23.18
N TYR C 264 20.31 1.12 -21.85
CA TYR C 264 20.96 2.02 -20.92
C TYR C 264 21.06 1.35 -19.52
N ILE C 265 21.96 1.83 -18.68
CA ILE C 265 21.92 1.57 -17.25
C ILE C 265 21.65 2.89 -16.55
N THR C 266 21.41 2.85 -15.24
CA THR C 266 21.21 4.05 -14.48
C THR C 266 22.18 4.02 -13.33
N ASP C 267 22.86 5.14 -13.09
CA ASP C 267 23.80 5.28 -11.98
C ASP C 267 23.64 6.69 -11.38
N GLN C 268 24.12 6.86 -10.16
CA GLN C 268 24.01 8.13 -9.44
C GLN C 268 25.31 8.90 -9.55
N MET C 269 25.22 10.21 -9.72
CA MET C 269 26.35 11.13 -9.50
C MET C 269 25.89 12.42 -8.83
N LEU C 270 26.54 12.78 -7.74
CA LEU C 270 26.18 13.96 -6.95
C LEU C 270 24.71 13.96 -6.56
N GLY C 271 24.17 12.78 -6.26
CA GLY C 271 22.76 12.62 -5.91
C GLY C 271 21.74 12.87 -7.01
N ASN C 272 22.05 12.48 -8.23
CA ASN C 272 21.11 12.55 -9.35
C ASN C 272 21.19 11.25 -10.16
N ASP C 273 20.08 10.88 -10.79
CA ASP C 273 20.05 9.70 -11.62
C ASP C 273 20.41 10.07 -13.05
N PHE C 274 21.31 9.28 -13.64
CA PHE C 274 21.70 9.42 -15.04
C PHE C 274 21.58 8.10 -15.77
N GLN C 275 20.89 8.13 -16.90
CA GLN C 275 20.85 7.03 -17.84
C GLN C 275 22.05 7.11 -18.77
N ILE C 276 22.68 5.97 -19.00
CA ILE C 276 23.96 5.89 -19.72
C ILE C 276 23.86 4.84 -20.81
N ALA C 277 23.86 5.27 -22.06
CA ALA C 277 23.89 4.37 -23.21
C ALA C 277 25.27 3.77 -23.39
N GLY C 278 25.33 2.66 -24.13
CA GLY C 278 26.58 1.99 -24.47
C GLY C 278 27.64 2.91 -25.07
N PRO C 279 27.30 3.60 -26.18
CA PRO C 279 28.26 4.51 -26.81
C PRO C 279 28.44 5.88 -26.15
N ALA C 280 27.68 6.16 -25.09
CA ALA C 280 27.83 7.43 -24.40
C ALA C 280 29.02 7.38 -23.48
N PHE C 281 29.62 8.54 -23.22
CA PHE C 281 30.76 8.66 -22.32
C PHE C 281 30.30 8.79 -20.87
N TYR C 282 31.03 8.11 -19.99
CA TYR C 282 30.79 8.16 -18.57
C TYR C 282 32.11 7.94 -17.86
N GLN C 283 32.48 8.82 -16.94
CA GLN C 283 33.79 8.69 -16.32
C GLN C 283 33.90 7.35 -15.67
N VAL C 284 35.01 6.66 -15.94
CA VAL C 284 35.21 5.31 -15.39
C VAL C 284 35.51 5.26 -13.90
N ASN C 285 35.97 6.37 -13.32
CA ASN C 285 36.16 6.46 -11.88
C ASN C 285 35.13 7.43 -11.30
N THR C 286 33.95 6.88 -11.01
CA THR C 286 32.84 7.68 -10.52
C THR C 286 33.15 8.42 -9.21
N GLU C 287 33.85 7.77 -8.29
CA GLU C 287 34.21 8.39 -7.00
C GLU C 287 35.04 9.66 -7.19
N MET C 288 36.09 9.56 -7.99
CA MET C 288 37.00 10.67 -8.19
C MET C 288 36.43 11.71 -9.16
N ALA C 289 35.59 11.27 -10.09
CA ALA C 289 34.92 12.19 -11.00
C ALA C 289 34.00 13.14 -10.24
N GLU C 290 33.36 12.64 -9.18
CA GLU C 290 32.54 13.49 -8.32
C GLU C 290 33.37 14.61 -7.68
N LYS C 291 34.57 14.28 -7.23
CA LYS C 291 35.46 15.27 -6.64
C LYS C 291 35.93 16.27 -7.69
N LEU C 292 36.17 15.77 -8.91
CA LEU C 292 36.55 16.62 -10.05
C LEU C 292 35.46 17.62 -10.37
N TYR C 293 34.24 17.13 -10.52
CA TYR C 293 33.10 17.99 -10.83
C TYR C 293 32.86 18.96 -9.68
N GLN C 294 32.88 18.46 -8.45
CA GLN C 294 32.66 19.34 -7.32
C GLN C 294 33.73 20.44 -7.24
N THR C 295 34.97 20.09 -7.55
CA THR C 295 36.03 21.08 -7.63
C THR C 295 35.67 22.17 -8.64
N ALA C 296 35.28 21.78 -9.86
CA ALA C 296 34.96 22.76 -10.90
C ALA C 296 33.76 23.62 -10.53
N ILE C 297 32.74 23.02 -9.92
CA ILE C 297 31.56 23.75 -9.46
C ILE C 297 31.93 24.78 -8.38
N ASP C 298 32.82 24.41 -7.46
CA ASP C 298 33.30 25.33 -6.42
C ASP C 298 34.13 26.47 -6.99
N PHE C 299 35.06 26.15 -7.86
CA PHE C 299 35.80 27.16 -8.62
C PHE C 299 34.89 28.20 -9.28
N ALA C 300 33.76 27.76 -9.84
CA ALA C 300 32.87 28.63 -10.60
C ALA C 300 32.03 29.58 -9.76
N GLU C 301 31.92 29.31 -8.45
CA GLU C 301 31.16 30.15 -7.50
C GLU C 301 29.78 30.54 -8.04
N LEU C 302 28.96 29.53 -8.25
CA LEU C 302 27.71 29.69 -8.94
C LEU C 302 26.67 30.40 -8.10
N LYS C 303 25.88 31.24 -8.74
CA LYS C 303 24.81 32.00 -8.09
C LYS C 303 23.49 31.73 -8.83
N LYS C 304 22.37 32.05 -8.17
CA LYS C 304 21.03 31.73 -8.68
C LYS C 304 20.67 32.35 -10.06
N ASP C 305 21.39 33.38 -10.46
CA ASP C 305 21.15 34.11 -11.72
C ASP C 305 22.15 33.79 -12.85
N ASP C 306 23.14 32.90 -12.59
CA ASP C 306 24.16 32.58 -13.56
C ASP C 306 23.57 31.79 -14.75
N VAL C 307 24.17 31.98 -15.92
CA VAL C 307 23.83 31.21 -17.09
C VAL C 307 25.08 30.44 -17.50
N ILE C 308 24.92 29.11 -17.54
CA ILE C 308 26.03 28.20 -17.72
C ILE C 308 25.99 27.63 -19.11
N ILE C 309 27.16 27.52 -19.73
CA ILE C 309 27.35 26.65 -20.89
C ILE C 309 28.08 25.40 -20.39
N ASP C 310 27.55 24.22 -20.70
CA ASP C 310 28.19 22.93 -20.37
C ASP C 310 28.64 22.34 -21.70
N ALA C 311 29.86 22.69 -22.14
CA ALA C 311 30.37 22.22 -23.41
C ALA C 311 31.03 20.87 -23.25
N TYR C 312 30.89 20.04 -24.29
CA TYR C 312 31.27 18.63 -24.25
C TYR C 312 30.52 17.93 -23.11
N SER C 313 29.19 18.03 -23.17
CA SER C 313 28.34 17.78 -22.02
C SER C 313 28.15 16.30 -21.67
N GLY C 314 28.36 15.42 -22.66
CA GLY C 314 28.14 13.98 -22.48
C GLY C 314 26.67 13.70 -22.23
N ILE C 315 26.43 12.95 -21.17
CA ILE C 315 25.09 12.62 -20.73
C ILE C 315 24.50 13.70 -19.80
N GLY C 316 25.17 14.85 -19.70
CA GLY C 316 24.66 16.00 -18.97
C GLY C 316 25.02 16.02 -17.50
N THR C 317 26.00 15.23 -17.10
CA THR C 317 26.38 15.09 -15.68
C THR C 317 26.75 16.40 -14.99
N ILE C 318 27.56 17.24 -15.62
CA ILE C 318 27.99 18.48 -14.97
C ILE C 318 26.86 19.50 -14.94
N GLY C 319 26.31 19.81 -16.11
CA GLY C 319 25.22 20.77 -16.24
C GLY C 319 23.99 20.47 -15.40
N LEU C 320 23.55 19.22 -15.39
CA LEU C 320 22.37 18.83 -14.61
C LEU C 320 22.64 18.85 -13.10
N SER C 321 23.89 18.63 -12.67
CA SER C 321 24.24 18.71 -11.25
C SER C 321 24.25 20.12 -10.68
N VAL C 322 24.20 21.14 -11.55
CA VAL C 322 24.11 22.54 -11.13
C VAL C 322 22.84 23.26 -11.51
N ALA C 323 22.03 22.68 -12.39
CA ALA C 323 20.92 23.41 -13.00
C ALA C 323 19.89 23.92 -12.00
N LYS C 324 19.69 23.23 -10.88
CA LYS C 324 18.77 23.71 -9.85
C LYS C 324 19.31 24.90 -9.05
N HIS C 325 20.64 25.15 -9.09
CA HIS C 325 21.23 26.32 -8.41
C HIS C 325 21.52 27.50 -9.33
N VAL C 326 20.92 27.52 -10.51
CA VAL C 326 21.38 28.38 -11.63
C VAL C 326 20.16 28.76 -12.47
N LYS C 327 20.23 29.85 -13.22
CA LYS C 327 19.09 30.29 -14.02
C LYS C 327 18.85 29.36 -15.21
N GLU C 328 19.84 29.21 -16.06
CA GLU C 328 19.71 28.42 -17.29
C GLU C 328 21.00 27.65 -17.53
N VAL C 329 20.87 26.47 -18.15
CA VAL C 329 22.00 25.67 -18.60
C VAL C 329 21.85 25.35 -20.09
N TYR C 330 22.91 25.61 -20.86
CA TYR C 330 22.95 25.27 -22.27
C TYR C 330 24.12 24.34 -22.47
N GLY C 331 23.90 23.21 -23.13
CA GLY C 331 24.96 22.21 -23.28
C GLY C 331 25.02 21.66 -24.69
N VAL C 332 26.18 21.12 -25.04
CA VAL C 332 26.43 20.61 -26.38
C VAL C 332 27.20 19.31 -26.25
N GLU C 333 26.81 18.33 -27.06
CA GLU C 333 27.45 17.01 -27.09
C GLU C 333 27.37 16.46 -28.51
N LEU C 334 28.43 15.78 -28.95
CA LEU C 334 28.54 15.26 -30.33
C LEU C 334 27.80 13.94 -30.58
N ILE C 335 27.90 13.00 -29.64
CA ILE C 335 27.26 11.68 -29.75
C ILE C 335 25.74 11.83 -29.48
N PRO C 336 24.88 11.53 -30.49
CA PRO C 336 23.41 11.67 -30.33
C PRO C 336 22.80 10.84 -29.19
N GLU C 337 23.29 9.62 -28.95
CA GLU C 337 22.79 8.76 -27.87
C GLU C 337 23.05 9.36 -26.47
N ALA C 338 24.12 10.13 -26.33
CA ALA C 338 24.42 10.86 -25.10
C ALA C 338 23.55 12.10 -24.94
N VAL C 339 23.30 12.82 -26.03
CA VAL C 339 22.40 13.98 -25.98
C VAL C 339 20.97 13.56 -25.60
N GLU C 340 20.52 12.45 -26.20
CA GLU C 340 19.23 11.86 -25.90
C GLU C 340 19.20 11.42 -24.42
N ASN C 341 20.29 10.84 -23.91
CA ASN C 341 20.40 10.55 -22.47
C ASN C 341 20.25 11.82 -21.63
N SER C 342 20.94 12.89 -22.01
CA SER C 342 20.94 14.14 -21.24
C SER C 342 19.56 14.81 -21.19
N GLN C 343 18.82 14.73 -22.30
CA GLN C 343 17.43 15.19 -22.31
C GLN C 343 16.55 14.38 -21.38
N LYS C 344 16.67 13.05 -21.44
CA LYS C 344 15.93 12.19 -20.54
C LYS C 344 16.38 12.40 -19.09
N ASN C 345 17.68 12.60 -18.89
CA ASN C 345 18.21 12.80 -17.54
C ASN C 345 17.71 14.08 -16.89
N ALA C 346 17.46 15.10 -17.70
CA ALA C 346 16.85 16.35 -17.22
C ALA C 346 15.42 16.07 -16.71
N SER C 347 14.58 15.47 -17.56
CA SER C 347 13.23 15.03 -17.18
C SER C 347 13.26 14.19 -15.90
N LEU C 348 14.10 13.17 -15.93
CA LEU C 348 14.25 12.23 -14.85
C LEU C 348 14.53 12.88 -13.49
N ASN C 349 15.30 13.97 -13.48
CA ASN C 349 15.64 14.72 -12.26
C ASN C 349 14.81 16.01 -12.04
N LYS C 350 13.69 16.14 -12.78
CA LYS C 350 12.80 17.31 -12.65
C LYS C 350 13.54 18.63 -12.82
N ILE C 351 14.17 18.76 -13.99
CA ILE C 351 15.00 19.90 -14.35
C ILE C 351 14.39 20.50 -15.58
N THR C 352 13.99 21.75 -15.46
CA THR C 352 13.20 22.44 -16.49
C THR C 352 13.98 23.54 -17.22
N ASN C 353 15.21 23.82 -16.80
CA ASN C 353 16.01 24.93 -17.35
C ASN C 353 17.28 24.46 -18.07
N ALA C 354 17.31 23.22 -18.55
CA ALA C 354 18.47 22.70 -19.29
C ALA C 354 18.12 22.61 -20.76
N HIS C 355 19.04 23.01 -21.64
CA HIS C 355 18.81 23.01 -23.08
C HIS C 355 20.01 22.39 -23.79
N TYR C 356 19.89 21.14 -24.20
CA TYR C 356 20.99 20.37 -24.79
C TYR C 356 20.82 20.23 -26.28
N VAL C 357 21.92 20.34 -27.02
CA VAL C 357 21.93 20.31 -28.49
C VAL C 357 23.00 19.31 -28.97
N CYS C 358 22.72 18.64 -30.09
CA CYS C 358 23.66 17.68 -30.68
C CYS C 358 24.43 18.37 -31.78
N ASP C 359 25.59 18.89 -31.46
CA ASP C 359 26.63 19.05 -32.54
C ASP C 359 28.03 19.25 -31.98
N THR C 360 28.87 19.99 -32.71
CA THR C 360 30.24 20.26 -32.28
C THR C 360 30.21 21.46 -31.37
N ALA C 361 31.04 21.43 -30.33
CA ALA C 361 31.12 22.54 -29.39
C ALA C 361 31.39 23.86 -30.10
N GLU C 362 32.23 23.81 -31.12
CA GLU C 362 32.59 24.95 -31.93
C GLU C 362 31.39 25.62 -32.62
N ASN C 363 30.52 24.81 -33.20
CA ASN C 363 29.37 25.29 -34.00
C ASN C 363 28.24 25.77 -33.12
N ALA C 364 28.10 25.09 -31.98
CA ALA C 364 27.13 25.43 -30.99
C ALA C 364 27.43 26.81 -30.34
N MET C 365 28.69 27.00 -29.97
CA MET C 365 29.17 28.24 -29.36
C MET C 365 28.92 29.38 -30.33
N LYS C 366 29.17 29.13 -31.62
CA LYS C 366 28.91 30.14 -32.62
C LYS C 366 27.45 30.53 -32.72
N LYS C 367 26.57 29.53 -32.63
CA LYS C 367 25.11 29.77 -32.65
C LYS C 367 24.66 30.52 -31.41
N TRP C 368 25.09 30.07 -30.24
CA TRP C 368 24.72 30.73 -28.97
C TRP C 368 25.18 32.19 -28.91
N LEU C 369 26.35 32.44 -29.50
CA LEU C 369 26.89 33.79 -29.59
C LEU C 369 25.98 34.65 -30.49
N LYS C 370 25.64 34.11 -31.65
CA LYS C 370 24.75 34.80 -32.61
C LYS C 370 23.31 34.92 -32.09
N GLU C 371 22.87 33.99 -31.26
CA GLU C 371 21.53 34.05 -30.66
C GLU C 371 21.41 35.04 -29.48
N GLY C 372 22.55 35.56 -28.99
CA GLY C 372 22.57 36.49 -27.89
C GLY C 372 22.38 35.89 -26.51
N ILE C 373 22.56 34.57 -26.36
CA ILE C 373 22.63 33.94 -25.03
C ILE C 373 23.83 34.61 -24.36
N GLN C 374 23.66 34.95 -23.10
CA GLN C 374 24.66 35.68 -22.33
C GLN C 374 25.11 34.78 -21.17
N PRO C 375 26.01 33.82 -21.45
CA PRO C 375 26.50 33.01 -20.38
C PRO C 375 27.41 33.80 -19.44
N THR C 376 27.35 33.46 -18.17
CA THR C 376 28.24 34.02 -17.16
C THR C 376 29.36 33.07 -16.74
N VAL C 377 29.18 31.77 -16.99
CA VAL C 377 30.25 30.79 -16.80
C VAL C 377 30.27 29.86 -18.00
N ILE C 378 31.45 29.42 -18.38
CA ILE C 378 31.57 28.40 -19.40
C ILE C 378 32.36 27.23 -18.82
N LEU C 379 31.71 26.06 -18.75
CA LEU C 379 32.34 24.83 -18.30
C LEU C 379 32.63 24.01 -19.53
N VAL C 380 33.89 23.58 -19.68
CA VAL C 380 34.34 22.87 -20.88
C VAL C 380 34.99 21.59 -20.37
N ASP C 381 34.83 20.52 -21.13
CA ASP C 381 35.35 19.22 -20.74
C ASP C 381 35.74 18.44 -22.00
N PRO C 382 36.71 18.97 -22.77
CA PRO C 382 37.02 18.36 -24.06
C PRO C 382 37.81 17.06 -23.93
N PRO C 383 37.87 16.28 -25.03
CA PRO C 383 38.77 15.15 -25.07
C PRO C 383 40.22 15.64 -25.22
N ARG C 384 41.17 14.69 -25.37
CA ARG C 384 42.59 15.04 -25.26
C ARG C 384 43.12 16.08 -26.26
N LYS C 385 42.47 16.19 -27.41
CA LYS C 385 42.85 17.18 -28.43
C LYS C 385 42.53 18.61 -28.06
N GLY C 386 41.78 18.84 -26.97
CA GLY C 386 41.49 20.18 -26.48
C GLY C 386 40.44 20.93 -27.30
N LEU C 387 40.38 22.23 -27.09
CA LEU C 387 39.43 23.10 -27.78
C LEU C 387 40.02 23.60 -29.09
N THR C 388 39.15 23.95 -30.02
CA THR C 388 39.57 24.60 -31.24
C THR C 388 39.68 26.10 -30.97
N GLU C 389 40.59 26.77 -31.67
CA GLU C 389 40.77 28.24 -31.60
C GLU C 389 39.45 28.98 -31.87
N SER C 390 38.67 28.42 -32.78
CA SER C 390 37.38 28.96 -33.11
C SER C 390 36.39 28.97 -31.92
N PHE C 391 36.39 27.90 -31.12
CA PHE C 391 35.57 27.84 -29.92
C PHE C 391 36.05 28.85 -28.86
N ILE C 392 37.36 28.89 -28.63
CA ILE C 392 37.93 29.77 -27.61
C ILE C 392 37.56 31.22 -27.90
N LYS C 393 37.85 31.67 -29.12
CA LYS C 393 37.50 33.03 -29.57
C LYS C 393 36.02 33.32 -29.37
N ALA C 394 35.17 32.37 -29.77
CA ALA C 394 33.71 32.53 -29.67
C ALA C 394 33.22 32.56 -28.23
N SER C 395 33.76 31.68 -27.39
CA SER C 395 33.38 31.66 -25.99
C SER C 395 33.73 32.97 -25.29
N ALA C 396 34.90 33.52 -25.64
CA ALA C 396 35.37 34.77 -25.06
C ALA C 396 34.51 35.95 -25.47
N GLN C 397 34.05 35.94 -26.72
CA GLN C 397 33.17 36.99 -27.23
C GLN C 397 31.83 37.12 -26.49
N THR C 398 31.39 36.04 -25.83
CA THR C 398 30.20 36.13 -24.99
C THR C 398 30.37 37.05 -23.80
N GLY C 399 31.61 37.31 -23.39
CA GLY C 399 31.86 38.09 -22.20
C GLY C 399 31.64 37.35 -20.91
N ALA C 400 31.59 36.02 -20.95
CA ALA C 400 31.45 35.23 -19.73
C ALA C 400 32.64 35.49 -18.83
N ASP C 401 32.38 35.73 -17.54
CA ASP C 401 33.45 36.11 -16.61
C ASP C 401 34.36 34.97 -16.23
N ARG C 402 33.77 33.82 -15.92
CA ARG C 402 34.51 32.65 -15.49
C ARG C 402 34.48 31.55 -16.54
N ILE C 403 35.63 30.87 -16.68
CA ILE C 403 35.73 29.66 -17.50
C ILE C 403 36.33 28.56 -16.63
N ALA C 404 35.64 27.43 -16.57
CA ALA C 404 36.12 26.28 -15.82
C ALA C 404 36.48 25.21 -16.82
N TYR C 405 37.78 24.92 -16.92
CA TYR C 405 38.32 24.01 -17.92
C TYR C 405 38.68 22.70 -17.23
N ILE C 406 38.03 21.62 -17.65
CA ILE C 406 38.37 20.29 -17.22
C ILE C 406 39.13 19.61 -18.35
N SER C 407 40.38 19.22 -18.06
CA SER C 407 41.26 18.66 -19.07
C SER C 407 41.67 17.26 -18.73
N CYS C 408 41.85 16.46 -19.77
CA CYS C 408 42.46 15.14 -19.62
C CYS C 408 43.84 15.11 -20.32
N ASN C 409 44.37 16.27 -20.69
CA ASN C 409 45.66 16.38 -21.34
C ASN C 409 46.26 17.76 -21.11
N VAL C 410 47.30 17.80 -20.28
CA VAL C 410 47.96 19.06 -19.94
C VAL C 410 48.59 19.82 -21.11
N ALA C 411 49.08 19.10 -22.13
CA ALA C 411 49.70 19.76 -23.28
C ALA C 411 48.71 20.63 -24.02
N THR C 412 47.51 20.12 -24.28
CA THR C 412 46.49 20.89 -24.98
C THR C 412 45.82 21.90 -24.07
N MET C 413 45.73 21.61 -22.78
CA MET C 413 45.14 22.55 -21.85
C MET C 413 45.98 23.80 -21.81
N ALA C 414 47.28 23.63 -21.64
CA ALA C 414 48.21 24.74 -21.56
C ALA C 414 48.19 25.57 -22.84
N ARG C 415 48.08 24.91 -23.99
CA ARG C 415 47.94 25.63 -25.26
C ARG C 415 46.71 26.52 -25.23
N ASP C 416 45.58 25.96 -24.83
CA ASP C 416 44.31 26.69 -24.82
C ASP C 416 44.29 27.79 -23.76
N ILE C 417 44.82 27.51 -22.58
CA ILE C 417 44.98 28.52 -21.54
C ILE C 417 45.80 29.73 -22.03
N LYS C 418 46.82 29.49 -22.82
CA LYS C 418 47.64 30.58 -23.35
C LYS C 418 46.79 31.55 -24.14
N LEU C 419 45.97 31.02 -25.05
CA LEU C 419 45.10 31.85 -25.87
C LEU C 419 44.02 32.57 -25.05
N TYR C 420 43.48 31.91 -24.04
CA TYR C 420 42.56 32.58 -23.12
C TYR C 420 43.22 33.75 -22.38
N GLN C 421 44.50 33.63 -22.08
CA GLN C 421 45.24 34.73 -21.44
C GLN C 421 45.44 35.91 -22.38
N GLU C 422 45.79 35.61 -23.63
CA GLU C 422 45.87 36.60 -24.69
C GLU C 422 44.55 37.38 -24.87
N LEU C 423 43.41 36.70 -24.65
CA LEU C 423 42.09 37.32 -24.76
C LEU C 423 41.57 37.97 -23.47
N GLY C 424 42.39 38.06 -22.43
CA GLY C 424 42.03 38.77 -21.21
C GLY C 424 41.65 37.94 -20.00
N TYR C 425 41.65 36.61 -20.12
CA TYR C 425 41.30 35.73 -19.00
C TYR C 425 42.56 35.32 -18.24
N GLU C 426 42.61 35.61 -16.95
CA GLU C 426 43.76 35.28 -16.14
C GLU C 426 43.53 33.88 -15.52
N LEU C 427 44.57 33.05 -15.53
CA LEU C 427 44.52 31.76 -14.85
C LEU C 427 44.56 31.98 -13.33
N LYS C 428 43.53 31.52 -12.62
CA LYS C 428 43.36 31.80 -11.20
C LYS C 428 43.70 30.63 -10.28
N LYS C 429 43.19 29.44 -10.60
CA LYS C 429 43.37 28.24 -9.75
C LYS C 429 43.63 27.04 -10.63
N VAL C 430 44.38 26.06 -10.12
CA VAL C 430 44.64 24.79 -10.84
C VAL C 430 44.69 23.65 -9.84
N GLN C 431 43.81 22.66 -10.02
CA GLN C 431 43.72 21.54 -9.09
C GLN C 431 43.71 20.26 -9.92
N PRO C 432 44.83 19.50 -9.92
CA PRO C 432 44.79 18.21 -10.57
C PRO C 432 44.06 17.19 -9.72
N VAL C 433 43.38 16.26 -10.38
CA VAL C 433 42.65 15.21 -9.69
C VAL C 433 43.06 13.88 -10.30
N ASP C 434 43.22 12.86 -9.48
CA ASP C 434 43.68 11.56 -9.97
C ASP C 434 42.49 10.65 -10.30
N LEU C 435 41.95 10.83 -11.50
CA LEU C 435 40.86 9.99 -12.03
C LEU C 435 41.32 8.61 -12.41
N PHE C 436 42.58 8.48 -12.82
CA PHE C 436 43.12 7.20 -13.33
C PHE C 436 44.38 6.80 -12.58
N PRO C 437 44.23 6.42 -11.30
CA PRO C 437 45.38 5.92 -10.58
C PRO C 437 46.03 4.73 -11.25
N GLN C 438 47.33 4.61 -11.02
CA GLN C 438 48.18 3.56 -11.56
C GLN C 438 48.46 3.75 -13.08
N THR C 439 47.92 4.79 -13.71
CA THR C 439 48.13 5.04 -15.15
C THR C 439 48.80 6.40 -15.32
N HIS C 440 49.28 6.67 -16.53
CA HIS C 440 49.94 7.95 -16.82
C HIS C 440 48.99 9.14 -17.01
N HIS C 441 47.67 8.88 -17.11
CA HIS C 441 46.70 9.91 -17.41
C HIS C 441 46.54 10.93 -16.29
N VAL C 442 46.61 12.21 -16.66
CA VAL C 442 46.48 13.32 -15.74
C VAL C 442 45.19 14.09 -16.04
N GLN C 443 44.44 14.41 -15.00
CA GLN C 443 43.19 15.16 -15.12
C GLN C 443 43.29 16.43 -14.31
N THR C 444 42.90 17.54 -14.91
CA THR C 444 43.07 18.86 -14.29
C THR C 444 41.82 19.71 -14.36
N VAL C 445 41.58 20.50 -13.33
CA VAL C 445 40.60 21.58 -13.36
C VAL C 445 41.32 22.92 -13.26
N ALA C 446 41.03 23.82 -14.18
CA ALA C 446 41.58 25.16 -14.16
C ALA C 446 40.44 26.15 -14.14
N LEU C 447 40.59 27.21 -13.35
CA LEU C 447 39.68 28.35 -13.39
C LEU C 447 40.35 29.53 -14.07
N LEU C 448 39.76 30.00 -15.17
CA LEU C 448 40.17 31.25 -15.83
C LEU C 448 39.09 32.31 -15.58
N SER C 449 39.50 33.53 -15.25
CA SER C 449 38.53 34.62 -15.02
C SER C 449 39.05 35.92 -15.56
N LYS C 450 38.14 36.76 -16.06
CA LYS C 450 38.53 38.11 -16.53
C LYS C 450 38.13 39.19 -15.52
N LEU C 451 37.74 38.80 -14.31
CA LEU C 451 37.58 39.73 -13.18
C LEU C 451 38.92 39.88 -12.45
N ASP C 452 39.50 41.08 -12.64
CA ASP C 452 40.77 41.54 -12.07
C ASP C 452 41.92 40.54 -12.14
N LEU D 2 -6.13 -23.81 -55.21
CA LEU D 2 -6.91 -24.67 -56.17
C LEU D 2 -6.72 -26.21 -55.95
N LYS D 3 -7.14 -26.63 -54.75
CA LYS D 3 -6.98 -28.00 -54.24
C LYS D 3 -8.29 -28.62 -53.77
N LYS D 4 -8.36 -29.92 -53.38
CA LYS D 4 -9.60 -30.52 -52.82
C LYS D 4 -9.55 -31.69 -51.74
N ASN D 5 -8.61 -32.61 -51.90
CA ASN D 5 -8.18 -33.60 -50.86
C ASN D 5 -6.62 -33.84 -50.99
N ASP D 6 -5.95 -32.77 -51.44
CA ASP D 6 -4.58 -32.81 -51.88
C ASP D 6 -3.66 -32.84 -50.68
N ILE D 7 -2.46 -33.36 -50.91
CA ILE D 7 -1.40 -33.37 -49.92
C ILE D 7 -0.35 -32.38 -50.38
N VAL D 8 -0.05 -31.38 -49.55
CA VAL D 8 0.84 -30.27 -49.90
C VAL D 8 1.77 -29.97 -48.72
N GLU D 9 3.00 -29.57 -49.00
CA GLU D 9 3.98 -29.25 -47.96
C GLU D 9 3.73 -27.82 -47.51
N VAL D 10 3.82 -27.59 -46.21
CA VAL D 10 3.50 -26.29 -45.62
C VAL D 10 4.27 -26.08 -44.33
N GLU D 11 4.57 -24.82 -44.01
CA GLU D 11 5.22 -24.45 -42.75
C GLU D 11 4.18 -23.80 -41.84
N ILE D 12 4.12 -24.29 -40.60
CA ILE D 12 3.22 -23.73 -39.61
C ILE D 12 3.90 -22.51 -39.01
N VAL D 13 3.24 -21.37 -39.11
CA VAL D 13 3.81 -20.04 -38.83
C VAL D 13 3.27 -19.41 -37.56
N ASP D 14 2.12 -19.87 -37.05
CA ASP D 14 1.47 -19.25 -35.90
C ASP D 14 0.40 -20.19 -35.29
N LEU D 15 -0.11 -19.82 -34.10
CA LEU D 15 -1.24 -20.50 -33.47
C LEU D 15 -2.42 -19.56 -33.35
N THR D 16 -3.62 -20.06 -33.64
CA THR D 16 -4.87 -19.33 -33.39
C THR D 16 -5.17 -19.35 -31.91
N HIS D 17 -6.08 -18.47 -31.47
CA HIS D 17 -6.51 -18.41 -30.08
C HIS D 17 -6.95 -19.80 -29.56
N GLU D 18 -7.60 -20.58 -30.44
CA GLU D 18 -8.14 -21.89 -30.10
C GLU D 18 -7.13 -23.05 -30.17
N GLY D 19 -5.90 -22.80 -30.60
CA GLY D 19 -4.84 -23.84 -30.65
C GLY D 19 -4.59 -24.53 -31.98
N ALA D 20 -5.25 -24.08 -33.04
CA ALA D 20 -5.05 -24.60 -34.38
C ALA D 20 -3.76 -24.01 -34.88
N GLY D 21 -3.09 -24.78 -35.73
CA GLY D 21 -2.03 -24.38 -36.54
C GLY D 21 -2.36 -23.45 -37.68
N VAL D 22 -1.48 -22.49 -37.92
CA VAL D 22 -1.67 -21.51 -39.02
C VAL D 22 -0.63 -21.68 -40.12
N ALA D 23 -1.12 -21.86 -41.35
CA ALA D 23 -0.28 -21.95 -42.56
C ALA D 23 -0.91 -21.14 -43.69
N LYS D 24 -0.12 -20.84 -44.70
CA LYS D 24 -0.54 -20.06 -45.86
C LYS D 24 -0.22 -20.92 -47.10
N VAL D 25 -1.20 -21.15 -47.96
CA VAL D 25 -1.04 -21.94 -49.19
C VAL D 25 -1.65 -21.14 -50.31
N ASP D 26 -0.84 -20.84 -51.32
CA ASP D 26 -1.11 -19.76 -52.30
C ASP D 26 -2.25 -18.82 -51.92
N GLY D 27 -2.01 -17.77 -51.10
CA GLY D 27 -3.00 -16.80 -50.75
C GLY D 27 -4.06 -17.14 -49.70
N LEU D 28 -4.24 -18.41 -49.40
CA LEU D 28 -5.25 -18.84 -48.41
C LEU D 28 -4.64 -19.10 -47.06
N VAL D 29 -5.35 -18.70 -46.02
CA VAL D 29 -4.98 -19.02 -44.63
C VAL D 29 -5.59 -20.38 -44.34
N PHE D 30 -4.78 -21.28 -43.77
CA PHE D 30 -5.21 -22.63 -43.39
C PHE D 30 -5.09 -22.82 -41.89
N PHE D 31 -6.10 -23.50 -41.34
CA PHE D 31 -6.09 -23.91 -39.95
C PHE D 31 -5.88 -25.43 -39.89
N VAL D 32 -4.82 -25.83 -39.19
CA VAL D 32 -4.42 -27.22 -39.13
C VAL D 32 -4.37 -27.62 -37.69
N GLU D 33 -5.12 -28.62 -37.31
CA GLU D 33 -4.92 -29.21 -35.98
C GLU D 33 -3.98 -30.35 -36.22
N ASN D 34 -3.20 -30.89 -35.28
CA ASN D 34 -2.49 -30.31 -34.14
C ASN D 34 -1.12 -30.09 -34.77
N ALA D 35 -0.92 -28.87 -35.19
CA ALA D 35 0.32 -28.44 -35.83
C ALA D 35 0.81 -27.18 -35.12
N LEU D 36 2.08 -27.19 -34.71
CA LEU D 36 2.65 -26.12 -33.89
C LEU D 36 3.58 -25.22 -34.71
N PRO D 37 3.81 -23.97 -34.25
CA PRO D 37 4.73 -23.07 -34.95
C PRO D 37 6.13 -23.66 -35.07
N SER D 38 6.76 -23.37 -36.20
CA SER D 38 8.07 -23.90 -36.60
C SER D 38 8.05 -25.33 -37.19
N GLU D 39 6.87 -25.96 -37.24
CA GLU D 39 6.78 -27.30 -37.83
C GLU D 39 6.61 -27.22 -39.33
N LYS D 40 7.17 -28.20 -40.02
CA LYS D 40 6.93 -28.39 -41.45
C LYS D 40 6.17 -29.69 -41.56
N ILE D 41 5.04 -29.65 -42.25
CA ILE D 41 4.20 -30.81 -42.42
C ILE D 41 3.84 -31.02 -43.88
N LEU D 42 3.43 -32.23 -44.19
CA LEU D 42 2.55 -32.50 -45.32
C LEU D 42 1.14 -32.40 -44.79
N MET D 43 0.34 -31.57 -45.43
CA MET D 43 -1.01 -31.26 -44.99
C MET D 43 -2.03 -31.83 -45.96
N ARG D 44 -2.98 -32.62 -45.45
CA ARG D 44 -4.13 -33.07 -46.22
C ARG D 44 -5.23 -32.02 -46.17
N VAL D 45 -5.63 -31.53 -47.35
CA VAL D 45 -6.67 -30.50 -47.45
C VAL D 45 -8.03 -31.10 -47.13
N LEU D 46 -8.72 -30.52 -46.15
CA LEU D 46 -10.08 -30.95 -45.81
C LEU D 46 -11.17 -30.10 -46.43
N LYS D 47 -10.91 -28.81 -46.62
CA LYS D 47 -11.93 -27.89 -47.10
C LYS D 47 -11.27 -26.60 -47.54
N VAL D 48 -11.64 -26.10 -48.71
CA VAL D 48 -11.22 -24.76 -49.17
C VAL D 48 -12.45 -23.92 -49.46
N ASN D 49 -12.71 -22.92 -48.62
CA ASN D 49 -13.79 -21.95 -48.84
C ASN D 49 -13.15 -20.70 -49.47
N LYS D 50 -13.73 -19.50 -49.32
CA LYS D 50 -13.24 -18.30 -49.97
C LYS D 50 -11.87 -17.75 -49.50
N LYS D 51 -11.69 -17.40 -48.22
CA LYS D 51 -10.37 -17.02 -47.71
C LYS D 51 -9.78 -17.98 -46.64
N ILE D 52 -10.44 -19.14 -46.38
CA ILE D 52 -9.92 -20.23 -45.53
C ILE D 52 -10.60 -21.56 -45.96
N GLY D 53 -10.08 -22.78 -45.82
CA GLY D 53 -8.79 -23.23 -45.44
C GLY D 53 -8.73 -24.12 -44.22
N PHE D 54 -9.06 -25.42 -44.31
CA PHE D 54 -8.88 -26.32 -43.16
C PHE D 54 -8.07 -27.55 -43.57
N GLY D 55 -7.10 -27.93 -42.74
CA GLY D 55 -6.26 -29.09 -43.04
C GLY D 55 -5.96 -30.02 -41.88
N LYS D 56 -5.36 -31.15 -42.23
CA LYS D 56 -5.00 -32.16 -41.28
C LYS D 56 -3.56 -32.55 -41.55
N VAL D 57 -2.80 -32.86 -40.50
CA VAL D 57 -1.45 -33.35 -40.68
C VAL D 57 -1.49 -34.76 -41.27
N GLU D 58 -0.85 -34.94 -42.42
CA GLU D 58 -0.61 -36.27 -43.02
C GLU D 58 0.73 -36.83 -42.56
N LYS D 59 1.71 -35.95 -42.38
CA LYS D 59 3.06 -36.34 -41.96
C LYS D 59 3.77 -35.12 -41.39
N TYR D 60 4.54 -35.34 -40.33
CA TYR D 60 5.46 -34.36 -39.80
C TYR D 60 6.83 -34.51 -40.49
N LEU D 61 7.31 -33.46 -41.13
CA LEU D 61 8.68 -33.44 -41.65
C LEU D 61 9.62 -32.94 -40.55
N VAL D 62 9.24 -31.86 -39.90
CA VAL D 62 9.96 -31.37 -38.72
C VAL D 62 8.98 -31.04 -37.63
N GLN D 63 9.22 -31.59 -36.44
CA GLN D 63 8.40 -31.36 -35.25
C GLN D 63 8.99 -30.29 -34.37
N SER D 64 8.11 -29.67 -33.58
CA SER D 64 8.49 -28.57 -32.73
C SER D 64 9.27 -29.15 -31.56
N PRO D 65 10.31 -28.44 -31.12
CA PRO D 65 11.01 -28.90 -29.92
C PRO D 65 10.14 -28.81 -28.67
N HIS D 66 9.06 -28.03 -28.74
CA HIS D 66 8.13 -27.90 -27.62
C HIS D 66 6.93 -28.82 -27.67
N ARG D 67 6.90 -29.76 -28.62
CA ARG D 67 5.75 -30.66 -28.75
C ARG D 67 5.78 -31.72 -27.65
N ASN D 68 4.65 -31.90 -27.00
CA ASN D 68 4.46 -32.97 -26.04
C ASN D 68 3.98 -34.23 -26.79
N GLN D 69 4.74 -35.30 -26.66
CA GLN D 69 4.51 -36.51 -27.44
C GLN D 69 3.55 -37.51 -26.78
N ASP D 70 2.98 -37.15 -25.63
CA ASP D 70 2.25 -38.10 -24.78
C ASP D 70 1.28 -39.11 -25.37
N LEU D 71 0.54 -38.98 -26.45
CA LEU D 71 -0.40 -40.04 -26.90
C LEU D 71 -1.62 -40.31 -26.01
N ASP D 72 -1.52 -40.35 -24.67
CA ASP D 72 -2.68 -40.18 -23.81
C ASP D 72 -3.28 -38.78 -23.95
N LEU D 73 -2.42 -37.75 -23.97
CA LEU D 73 -2.84 -36.38 -24.30
C LEU D 73 -3.36 -36.23 -25.72
N ALA D 74 -2.73 -36.89 -26.66
CA ALA D 74 -3.10 -36.71 -28.05
C ALA D 74 -4.52 -37.14 -28.32
N TYR D 75 -5.03 -38.11 -27.54
CA TYR D 75 -6.41 -38.60 -27.67
C TYR D 75 -7.44 -37.62 -27.07
N LEU D 76 -6.98 -36.87 -26.07
CA LEU D 76 -7.78 -35.84 -25.39
C LEU D 76 -7.77 -34.48 -26.05
N ARG D 77 -6.84 -34.26 -26.97
CA ARG D 77 -6.69 -32.93 -27.56
C ARG D 77 -7.97 -32.95 -28.40
N SER D 78 -8.76 -31.91 -28.37
CA SER D 78 -10.07 -31.94 -29.01
C SER D 78 -11.00 -33.04 -28.47
N GLY D 79 -11.68 -32.86 -27.36
CA GLY D 79 -12.00 -31.62 -26.72
C GLY D 79 -12.12 -31.81 -25.22
N ILE D 80 -10.97 -32.14 -24.65
CA ILE D 80 -10.69 -31.95 -23.21
C ILE D 80 -9.52 -30.97 -23.05
N ALA D 81 -8.37 -31.28 -23.66
CA ALA D 81 -7.17 -30.49 -23.53
C ALA D 81 -6.64 -29.99 -24.88
N ASP D 82 -7.28 -28.92 -25.35
CA ASP D 82 -6.94 -28.15 -26.55
C ASP D 82 -5.45 -27.91 -26.85
N LEU D 83 -4.69 -27.66 -25.79
CA LEU D 83 -3.27 -27.29 -25.88
C LEU D 83 -2.32 -28.32 -25.25
N GLY D 84 -2.83 -29.50 -24.92
CA GLY D 84 -2.01 -30.52 -24.24
C GLY D 84 -0.79 -30.94 -25.04
N HIS D 85 -0.85 -30.83 -26.35
CA HIS D 85 0.29 -31.13 -27.21
C HIS D 85 1.42 -30.11 -27.16
N LEU D 86 1.18 -28.94 -26.59
CA LEU D 86 2.22 -27.94 -26.38
C LEU D 86 2.77 -28.09 -24.97
N SER D 87 4.08 -27.88 -24.77
CA SER D 87 4.66 -28.02 -23.43
C SER D 87 4.07 -26.98 -22.51
N TYR D 88 4.04 -27.26 -21.21
CA TYR D 88 3.40 -26.34 -20.27
C TYR D 88 4.05 -24.95 -20.24
N PRO D 89 5.39 -24.88 -20.13
CA PRO D 89 6.04 -23.54 -20.22
C PRO D 89 5.67 -22.74 -21.47
N GLU D 90 5.50 -23.39 -22.61
CA GLU D 90 5.07 -22.69 -23.82
C GLU D 90 3.58 -22.34 -23.85
N GLN D 91 2.76 -23.11 -23.13
CA GLN D 91 1.35 -22.76 -22.98
C GLN D 91 1.19 -21.43 -22.25
N LEU D 92 2.00 -21.23 -21.20
CA LEU D 92 2.00 -20.00 -20.43
C LEU D 92 2.47 -18.83 -21.27
N LYS D 93 3.59 -18.99 -21.97
CA LYS D 93 4.10 -17.95 -22.85
C LYS D 93 3.08 -17.57 -23.93
N PHE D 94 2.44 -18.59 -24.51
CA PHE D 94 1.39 -18.39 -25.50
C PHE D 94 0.19 -17.60 -24.95
N LYS D 95 -0.20 -17.89 -23.72
CA LYS D 95 -1.29 -17.15 -23.06
C LYS D 95 -0.91 -15.72 -22.68
N THR D 96 0.33 -15.52 -22.21
CA THR D 96 0.86 -14.17 -21.96
C THR D 96 0.84 -13.34 -23.21
N LYS D 97 1.37 -13.92 -24.28
CA LYS D 97 1.45 -13.24 -25.60
C LYS D 97 0.09 -12.82 -26.11
N GLN D 98 -0.93 -13.64 -25.88
CA GLN D 98 -2.27 -13.32 -26.35
C GLN D 98 -2.83 -12.11 -25.68
N VAL D 99 -2.57 -11.99 -24.38
CA VAL D 99 -3.02 -10.84 -23.58
C VAL D 99 -2.35 -9.58 -24.11
N LYS D 100 -1.01 -9.60 -24.21
CA LYS D 100 -0.24 -8.51 -24.85
C LYS D 100 -0.78 -8.10 -26.22
N ASP D 101 -0.98 -9.08 -27.09
CA ASP D 101 -1.41 -8.81 -28.46
C ASP D 101 -2.82 -8.24 -28.51
N SER D 102 -3.69 -8.65 -27.59
CA SER D 102 -5.08 -8.15 -27.54
C SER D 102 -5.16 -6.69 -27.12
N LEU D 103 -4.44 -6.36 -26.06
CA LEU D 103 -4.38 -5.00 -25.56
C LEU D 103 -3.76 -4.03 -26.58
N TYR D 104 -2.74 -4.49 -27.31
CA TYR D 104 -2.13 -3.70 -28.38
C TYR D 104 -3.10 -3.56 -29.56
N LYS D 105 -3.47 -4.68 -30.18
CA LYS D 105 -4.26 -4.66 -31.40
C LYS D 105 -5.63 -4.01 -31.24
N ILE D 106 -6.32 -4.31 -30.13
CA ILE D 106 -7.72 -3.86 -29.94
C ILE D 106 -7.82 -2.55 -29.17
N ALA D 107 -7.01 -2.37 -28.15
CA ALA D 107 -7.08 -1.17 -27.30
C ALA D 107 -5.93 -0.16 -27.47
N GLY D 108 -5.00 -0.41 -28.37
CA GLY D 108 -3.82 0.46 -28.51
C GLY D 108 -2.84 0.53 -27.35
N ILE D 109 -2.98 -0.33 -26.34
CA ILE D 109 -2.13 -0.25 -25.16
C ILE D 109 -0.84 -1.04 -25.37
N ALA D 110 0.29 -0.34 -25.35
CA ALA D 110 1.63 -0.97 -25.43
C ALA D 110 2.57 -0.58 -24.29
N ASP D 111 2.25 0.47 -23.54
CA ASP D 111 3.20 1.01 -22.54
C ASP D 111 3.05 0.35 -21.16
N VAL D 112 2.08 -0.55 -20.99
CA VAL D 112 1.77 -1.16 -19.69
C VAL D 112 2.26 -2.61 -19.64
N GLU D 113 2.94 -2.97 -18.54
CA GLU D 113 3.54 -4.27 -18.38
C GLU D 113 2.45 -5.30 -18.07
N VAL D 114 2.35 -6.30 -18.96
CA VAL D 114 1.55 -7.49 -18.71
C VAL D 114 2.47 -8.50 -18.03
N ALA D 115 2.14 -8.86 -16.79
CA ALA D 115 2.94 -9.88 -16.08
C ALA D 115 2.87 -11.23 -16.79
N GLU D 116 3.88 -12.06 -16.57
CA GLU D 116 3.90 -13.40 -17.14
C GLU D 116 2.74 -14.16 -16.53
N THR D 117 2.00 -14.88 -17.37
CA THR D 117 0.89 -15.71 -16.91
C THR D 117 1.30 -16.55 -15.71
N LEU D 118 0.54 -16.43 -14.63
CA LEU D 118 0.80 -17.19 -13.42
C LEU D 118 0.34 -18.63 -13.62
N GLY D 119 1.29 -19.56 -13.58
CA GLY D 119 1.04 -20.95 -13.88
C GLY D 119 0.73 -21.76 -12.65
N MET D 120 0.19 -22.95 -12.88
CA MET D 120 -0.17 -23.87 -11.82
C MET D 120 1.04 -24.80 -11.62
N GLU D 121 1.40 -25.05 -10.37
CA GLU D 121 2.60 -25.81 -10.05
C GLU D 121 2.51 -27.24 -10.57
N HIS D 122 1.37 -27.91 -10.38
CA HIS D 122 1.10 -29.22 -10.95
C HIS D 122 -0.13 -29.09 -11.84
N PRO D 123 0.08 -28.76 -13.14
CA PRO D 123 -1.03 -28.36 -14.02
C PRO D 123 -1.90 -29.53 -14.54
N VAL D 124 -2.38 -30.36 -13.63
CA VAL D 124 -3.12 -31.56 -13.95
C VAL D 124 -4.11 -31.86 -12.85
N LYS D 125 -5.08 -32.72 -13.14
CA LYS D 125 -6.01 -33.21 -12.12
C LYS D 125 -6.67 -32.12 -11.30
N TYR D 126 -7.05 -31.02 -11.94
CA TYR D 126 -7.50 -29.81 -11.21
C TYR D 126 -9.01 -29.57 -11.21
N ARG D 127 -9.73 -30.06 -12.21
CA ARG D 127 -11.16 -29.75 -12.32
C ARG D 127 -11.96 -30.36 -11.19
N ASN D 128 -12.80 -29.56 -10.56
CA ASN D 128 -13.72 -30.03 -9.53
C ASN D 128 -15.11 -30.40 -10.08
N LYS D 129 -15.30 -30.29 -11.39
CA LYS D 129 -16.56 -30.67 -12.00
C LYS D 129 -16.30 -31.44 -13.28
N ALA D 130 -17.08 -32.49 -13.49
CA ALA D 130 -17.07 -33.25 -14.72
C ALA D 130 -18.43 -33.18 -15.34
N GLN D 131 -18.49 -32.97 -16.64
CA GLN D 131 -19.75 -33.07 -17.39
C GLN D 131 -19.49 -34.07 -18.50
N VAL D 132 -20.09 -35.25 -18.39
CA VAL D 132 -19.73 -36.39 -19.22
C VAL D 132 -21.00 -36.93 -19.90
N PRO D 133 -20.98 -37.01 -21.24
CA PRO D 133 -22.09 -37.65 -21.92
C PRO D 133 -22.12 -39.17 -21.73
N VAL D 134 -23.32 -39.73 -21.85
CA VAL D 134 -23.56 -41.13 -21.65
C VAL D 134 -24.24 -41.60 -22.93
N ARG D 135 -23.61 -42.53 -23.63
CA ARG D 135 -24.12 -43.07 -24.88
C ARG D 135 -23.95 -44.56 -24.99
N ARG D 136 -24.74 -45.14 -25.88
CA ARG D 136 -24.70 -46.56 -26.21
C ARG D 136 -23.62 -46.77 -27.26
N VAL D 137 -22.67 -47.64 -26.98
CA VAL D 137 -21.67 -48.06 -27.95
C VAL D 137 -21.60 -49.58 -27.87
N ASN D 138 -22.06 -50.27 -28.88
CA ASN D 138 -21.86 -51.71 -29.03
C ASN D 138 -22.49 -52.58 -27.91
N GLY D 139 -23.76 -52.68 -27.68
CA GLY D 139 -24.73 -51.74 -27.30
C GLY D 139 -24.67 -51.80 -25.74
N VAL D 140 -23.66 -51.12 -25.25
CA VAL D 140 -23.28 -51.01 -23.85
C VAL D 140 -23.21 -49.53 -23.50
N LEU D 141 -23.72 -49.18 -22.33
CA LEU D 141 -23.71 -47.82 -21.85
C LEU D 141 -22.26 -47.45 -21.58
N GLU D 142 -21.80 -46.39 -22.22
CA GLU D 142 -20.42 -45.91 -22.07
C GLU D 142 -20.39 -44.44 -21.66
N THR D 143 -19.38 -44.06 -20.88
CA THR D 143 -19.11 -42.67 -20.55
C THR D 143 -17.83 -42.27 -21.23
N GLY D 144 -17.66 -40.97 -21.45
CA GLY D 144 -16.51 -40.43 -22.18
C GLY D 144 -16.66 -38.97 -22.53
N PHE D 145 -16.18 -38.58 -23.70
CA PHE D 145 -16.29 -37.20 -24.17
C PHE D 145 -16.56 -37.13 -25.67
N PHE D 146 -16.85 -35.94 -26.15
CA PHE D 146 -17.04 -35.65 -27.55
C PHE D 146 -15.91 -34.76 -28.03
N ARG D 147 -15.48 -34.97 -29.27
CA ARG D 147 -14.51 -34.06 -29.90
C ARG D 147 -15.22 -32.79 -30.34
N LYS D 148 -14.48 -31.78 -30.79
CA LYS D 148 -15.06 -30.49 -31.20
C LYS D 148 -16.04 -30.64 -32.33
N ASN D 149 -17.24 -30.13 -32.14
CA ASN D 149 -18.33 -30.20 -33.14
C ASN D 149 -18.59 -31.63 -33.64
N SER D 150 -18.49 -32.61 -32.74
CA SER D 150 -18.83 -34.00 -33.03
C SER D 150 -19.70 -34.51 -31.90
N HIS D 151 -20.35 -35.63 -32.11
CA HIS D 151 -21.24 -36.24 -31.14
C HIS D 151 -21.04 -37.76 -31.09
N ASN D 152 -19.83 -38.19 -31.42
CA ASN D 152 -19.47 -39.60 -31.41
C ASN D 152 -18.68 -39.82 -30.12
N LEU D 153 -19.17 -40.68 -29.25
CA LEU D 153 -18.57 -40.85 -27.94
C LEU D 153 -17.18 -41.47 -28.02
N MET D 154 -16.18 -40.73 -27.54
CA MET D 154 -14.83 -41.24 -27.30
C MET D 154 -14.78 -41.82 -25.89
N PRO D 155 -14.65 -43.15 -25.73
CA PRO D 155 -14.65 -43.67 -24.36
C PRO D 155 -13.42 -43.25 -23.58
N LEU D 156 -13.63 -42.93 -22.31
CA LEU D 156 -12.55 -42.47 -21.46
C LEU D 156 -12.94 -42.62 -19.99
N GLU D 157 -11.99 -43.10 -19.21
CA GLU D 157 -12.11 -43.19 -17.75
C GLU D 157 -11.23 -42.14 -17.03
N ASP D 158 -9.98 -42.00 -17.49
CA ASP D 158 -9.02 -41.03 -16.94
C ASP D 158 -8.99 -39.73 -17.76
N PHE D 159 -9.57 -38.68 -17.20
CA PHE D 159 -9.77 -37.42 -17.90
C PHE D 159 -8.59 -36.46 -17.82
N PHE D 160 -7.50 -36.89 -17.18
CA PHE D 160 -6.22 -36.15 -17.14
C PHE D 160 -6.24 -34.86 -16.31
N ILE D 161 -7.23 -34.00 -16.56
CA ILE D 161 -7.33 -32.67 -15.95
C ILE D 161 -8.42 -32.54 -14.88
N GLN D 162 -9.03 -33.64 -14.47
CA GLN D 162 -9.98 -33.60 -13.36
C GLN D 162 -9.50 -34.33 -12.14
N ASP D 163 -10.06 -33.90 -11.01
CA ASP D 163 -9.98 -34.56 -9.72
C ASP D 163 -10.18 -36.07 -9.89
N PRO D 164 -9.14 -36.86 -9.59
CA PRO D 164 -9.25 -38.30 -9.81
C PRO D 164 -10.42 -38.94 -9.07
N VAL D 165 -10.83 -38.37 -7.94
CA VAL D 165 -12.01 -38.91 -7.25
C VAL D 165 -13.26 -38.76 -8.12
N ILE D 166 -13.38 -37.67 -8.86
CA ILE D 166 -14.50 -37.50 -9.77
C ILE D 166 -14.49 -38.55 -10.88
N ASP D 167 -13.31 -38.86 -11.40
CA ASP D 167 -13.14 -39.97 -12.36
C ASP D 167 -13.67 -41.29 -11.78
N GLN D 168 -13.29 -41.61 -10.55
CA GLN D 168 -13.77 -42.81 -9.87
C GLN D 168 -15.29 -42.84 -9.75
N VAL D 169 -15.90 -41.70 -9.41
CA VAL D 169 -17.35 -41.63 -9.24
C VAL D 169 -18.08 -41.83 -10.56
N VAL D 170 -17.57 -41.21 -11.62
CA VAL D 170 -18.16 -41.36 -12.96
C VAL D 170 -18.13 -42.82 -13.41
N VAL D 171 -17.00 -43.50 -13.22
CA VAL D 171 -16.88 -44.88 -13.64
C VAL D 171 -17.83 -45.73 -12.81
N ALA D 172 -17.86 -45.49 -11.50
CA ALA D 172 -18.75 -46.21 -10.61
C ALA D 172 -20.20 -46.05 -11.03
N LEU D 173 -20.58 -44.85 -11.42
CA LEU D 173 -21.93 -44.57 -11.91
C LEU D 173 -22.19 -45.19 -13.25
N ARG D 174 -21.18 -45.21 -14.11
CA ARG D 174 -21.30 -45.87 -15.40
C ARG D 174 -21.67 -47.33 -15.17
N ASP D 175 -20.90 -48.01 -14.33
CA ASP D 175 -21.16 -49.42 -14.02
C ASP D 175 -22.48 -49.64 -13.30
N LEU D 176 -22.87 -48.73 -12.43
CA LEU D 176 -24.17 -48.82 -11.74
C LEU D 176 -25.33 -48.69 -12.73
N LEU D 177 -25.22 -47.76 -13.66
CA LEU D 177 -26.26 -47.57 -14.66
C LEU D 177 -26.46 -48.83 -15.51
N ARG D 178 -25.38 -49.54 -15.77
CA ARG D 178 -25.45 -50.80 -16.50
C ARG D 178 -26.15 -51.86 -15.67
N ARG D 179 -25.77 -51.97 -14.40
CA ARG D 179 -26.36 -52.95 -13.47
C ARG D 179 -27.84 -52.75 -13.21
N PHE D 180 -28.34 -51.53 -13.41
CA PHE D 180 -29.77 -51.25 -13.31
C PHE D 180 -30.44 -51.13 -14.69
N ASP D 181 -29.79 -51.60 -15.74
CA ASP D 181 -30.37 -51.66 -17.08
C ASP D 181 -31.03 -50.36 -17.54
N LEU D 182 -30.44 -49.22 -17.21
CA LEU D 182 -30.97 -47.93 -17.65
C LEU D 182 -30.43 -47.61 -19.04
N LYS D 183 -31.33 -47.28 -19.95
CA LYS D 183 -30.97 -47.07 -21.34
C LYS D 183 -30.28 -45.71 -21.52
N PRO D 184 -29.12 -45.68 -22.20
CA PRO D 184 -28.52 -44.38 -22.57
C PRO D 184 -29.24 -43.68 -23.70
N TYR D 185 -29.10 -42.37 -23.74
CA TYR D 185 -29.63 -41.51 -24.79
C TYR D 185 -28.96 -41.84 -26.12
N ASP D 186 -29.73 -41.63 -27.19
CA ASP D 186 -29.26 -41.84 -28.55
C ASP D 186 -29.71 -40.66 -29.37
N GLU D 187 -28.77 -39.80 -29.77
CA GLU D 187 -29.12 -38.62 -30.60
C GLU D 187 -29.51 -39.04 -32.01
N LYS D 188 -28.88 -40.11 -32.54
CA LYS D 188 -29.06 -40.56 -33.93
C LYS D 188 -30.50 -41.08 -34.12
N GLU D 189 -30.95 -42.01 -33.26
CA GLU D 189 -32.38 -42.23 -33.04
C GLU D 189 -32.86 -41.00 -32.23
N GLN D 190 -33.76 -41.17 -31.30
CA GLN D 190 -34.10 -40.14 -30.31
C GLN D 190 -34.67 -40.79 -29.03
N SER D 191 -33.95 -41.79 -28.57
CA SER D 191 -34.50 -42.75 -27.60
C SER D 191 -33.67 -42.68 -26.33
N GLY D 192 -34.06 -43.48 -25.34
CA GLY D 192 -33.27 -43.65 -24.13
C GLY D 192 -33.48 -42.58 -23.07
N LEU D 193 -32.84 -42.84 -21.93
CA LEU D 193 -33.10 -42.11 -20.70
C LEU D 193 -31.93 -41.24 -20.19
N ILE D 194 -30.74 -41.82 -20.04
CA ILE D 194 -29.60 -41.14 -19.44
C ILE D 194 -28.80 -40.38 -20.48
N ARG D 195 -28.78 -39.05 -20.40
CA ARG D 195 -28.05 -38.22 -21.35
C ARG D 195 -26.66 -37.86 -20.85
N ASN D 196 -26.58 -37.41 -19.61
CA ASN D 196 -25.32 -36.92 -19.05
C ASN D 196 -25.16 -37.21 -17.57
N LEU D 197 -23.91 -37.27 -17.15
CA LEU D 197 -23.56 -37.17 -15.74
C LEU D 197 -22.81 -35.86 -15.51
N VAL D 198 -23.20 -35.14 -14.45
CA VAL D 198 -22.41 -34.04 -13.96
C VAL D 198 -22.08 -34.34 -12.51
N VAL D 199 -20.81 -34.26 -12.18
CA VAL D 199 -20.36 -34.57 -10.85
C VAL D 199 -19.46 -33.43 -10.42
N ARG D 200 -19.81 -32.82 -9.30
CA ARG D 200 -19.02 -31.78 -8.71
C ARG D 200 -18.53 -32.24 -7.36
N ARG D 201 -17.28 -31.90 -7.03
CA ARG D 201 -16.69 -32.26 -5.75
C ARG D 201 -15.91 -31.10 -5.18
N GLY D 202 -16.26 -30.69 -3.96
CA GLY D 202 -15.58 -29.57 -3.33
C GLY D 202 -14.10 -29.82 -3.24
N HIS D 203 -13.31 -28.87 -3.72
CA HIS D 203 -11.86 -28.99 -3.69
C HIS D 203 -11.25 -29.16 -2.29
N TYR D 204 -11.76 -28.42 -1.30
CA TYR D 204 -11.29 -28.53 0.09
C TYR D 204 -12.15 -29.44 0.94
N SER D 205 -13.45 -29.35 0.80
CA SER D 205 -14.37 -30.10 1.61
C SER D 205 -14.52 -31.53 1.20
N GLY D 206 -14.31 -31.84 -0.08
CA GLY D 206 -14.54 -33.20 -0.62
C GLY D 206 -15.99 -33.64 -0.83
N GLN D 207 -16.96 -32.78 -0.55
CA GLN D 207 -18.38 -33.12 -0.67
C GLN D 207 -18.79 -33.19 -2.12
N ILE D 208 -19.62 -34.18 -2.47
CA ILE D 208 -19.91 -34.50 -3.86
C ILE D 208 -21.41 -34.36 -4.19
N MET D 209 -21.69 -33.70 -5.30
CA MET D 209 -23.03 -33.66 -5.89
C MET D 209 -22.99 -34.47 -7.17
N VAL D 210 -23.91 -35.41 -7.30
CA VAL D 210 -24.08 -36.14 -8.54
C VAL D 210 -25.35 -35.57 -9.17
N VAL D 211 -25.28 -35.29 -10.47
CA VAL D 211 -26.48 -34.93 -11.24
C VAL D 211 -26.69 -35.95 -12.35
N LEU D 212 -27.89 -36.51 -12.40
CA LEU D 212 -28.29 -37.39 -13.49
C LEU D 212 -29.14 -36.55 -14.43
N VAL D 213 -28.69 -36.42 -15.67
CA VAL D 213 -29.41 -35.64 -16.66
C VAL D 213 -30.14 -36.63 -17.52
N THR D 214 -31.47 -36.59 -17.45
CA THR D 214 -32.34 -37.57 -18.09
C THR D 214 -33.35 -36.94 -19.06
N THR D 215 -33.89 -37.76 -19.95
CA THR D 215 -34.91 -37.31 -20.91
C THR D 215 -36.31 -37.25 -20.31
N ARG D 216 -36.55 -38.01 -19.25
CA ARG D 216 -37.87 -38.13 -18.63
C ARG D 216 -37.71 -38.17 -17.11
N PRO D 217 -38.82 -37.94 -16.36
CA PRO D 217 -38.70 -37.96 -14.90
C PRO D 217 -38.50 -39.33 -14.25
N LYS D 218 -39.16 -40.37 -14.74
CA LYS D 218 -39.14 -41.68 -14.07
C LYS D 218 -37.86 -42.44 -14.41
N VAL D 219 -37.08 -42.76 -13.36
CA VAL D 219 -35.87 -43.57 -13.47
C VAL D 219 -36.07 -44.82 -12.62
N PHE D 220 -36.36 -45.95 -13.26
CA PHE D 220 -36.77 -47.15 -12.53
C PHE D 220 -35.71 -47.60 -11.51
N ARG D 221 -36.13 -47.72 -10.26
CA ARG D 221 -35.31 -48.17 -9.13
C ARG D 221 -34.11 -47.27 -8.80
N VAL D 222 -34.21 -45.99 -9.10
CA VAL D 222 -33.09 -45.06 -8.90
C VAL D 222 -32.72 -44.90 -7.44
N ASP D 223 -33.66 -45.06 -6.53
CA ASP D 223 -33.35 -44.95 -5.10
C ASP D 223 -32.43 -46.07 -4.61
N GLN D 224 -32.62 -47.28 -5.12
CA GLN D 224 -31.72 -48.42 -4.82
C GLN D 224 -30.34 -48.21 -5.44
N LEU D 225 -30.30 -47.60 -6.63
CA LEU D 225 -29.03 -47.16 -7.26
C LEU D 225 -28.25 -46.19 -6.37
N ILE D 226 -28.96 -45.17 -5.87
CA ILE D 226 -28.38 -44.17 -4.98
C ILE D 226 -27.87 -44.78 -3.68
N GLU D 227 -28.65 -45.65 -3.04
CA GLU D 227 -28.19 -46.32 -1.81
C GLU D 227 -26.82 -46.96 -1.99
N GLN D 228 -26.61 -47.58 -3.16
CA GLN D 228 -25.34 -48.25 -3.46
C GLN D 228 -24.19 -47.30 -3.77
N VAL D 229 -24.46 -46.19 -4.48
CA VAL D 229 -23.38 -45.23 -4.77
C VAL D 229 -22.92 -44.48 -3.51
N ILE D 230 -23.86 -44.13 -2.65
CA ILE D 230 -23.57 -43.53 -1.32
C ILE D 230 -22.72 -44.45 -0.44
N LYS D 231 -22.97 -45.77 -0.53
CA LYS D 231 -22.17 -46.71 0.23
C LYS D 231 -20.71 -46.73 -0.22
N GLN D 232 -20.45 -46.68 -1.52
CA GLN D 232 -19.07 -46.63 -2.06
C GLN D 232 -18.44 -45.19 -1.91
N PHE D 233 -19.25 -44.13 -1.90
CA PHE D 233 -18.75 -42.79 -1.75
C PHE D 233 -19.55 -42.01 -0.72
N PRO D 234 -19.23 -42.20 0.59
CA PRO D 234 -19.95 -41.48 1.66
C PRO D 234 -19.82 -39.98 1.59
N GLU D 235 -18.81 -39.47 0.89
CA GLU D 235 -18.71 -38.05 0.63
C GLU D 235 -19.85 -37.44 -0.20
N ILE D 236 -20.66 -38.25 -0.90
CA ILE D 236 -21.80 -37.72 -1.65
C ILE D 236 -22.87 -37.21 -0.69
N VAL D 237 -23.10 -35.91 -0.71
CA VAL D 237 -24.17 -35.29 0.09
C VAL D 237 -25.42 -34.94 -0.72
N SER D 238 -25.37 -35.13 -2.03
CA SER D 238 -26.46 -34.66 -2.89
C SER D 238 -26.52 -35.47 -4.17
N VAL D 239 -27.72 -35.91 -4.53
CA VAL D 239 -27.96 -36.48 -5.85
C VAL D 239 -29.16 -35.76 -6.44
N MET D 240 -28.92 -35.03 -7.51
CA MET D 240 -29.94 -34.26 -8.17
C MET D 240 -30.31 -34.94 -9.48
N GLN D 241 -31.50 -34.59 -9.96
CA GLN D 241 -31.92 -34.95 -11.30
C GLN D 241 -32.18 -33.69 -12.08
N ASN D 242 -31.79 -33.68 -13.36
CA ASN D 242 -32.17 -32.62 -14.28
C ASN D 242 -32.77 -33.26 -15.50
N ILE D 243 -33.95 -32.77 -15.91
CA ILE D 243 -34.69 -33.30 -17.04
C ILE D 243 -34.43 -32.42 -18.26
N ASN D 244 -33.96 -33.02 -19.34
CA ASN D 244 -33.73 -32.35 -20.61
C ASN D 244 -34.37 -33.19 -21.72
N ASP D 245 -35.55 -32.75 -22.17
CA ASP D 245 -36.29 -33.43 -23.23
C ASP D 245 -36.07 -32.77 -24.61
N GLN D 246 -35.30 -31.70 -24.65
CA GLN D 246 -34.97 -31.01 -25.93
C GLN D 246 -33.81 -31.71 -26.66
N ASN D 247 -33.71 -31.40 -27.95
CA ASN D 247 -32.64 -31.94 -28.80
C ASN D 247 -31.71 -30.79 -29.11
N THR D 248 -30.86 -30.46 -28.14
CA THR D 248 -29.91 -29.36 -28.25
C THR D 248 -28.55 -29.78 -27.68
N ASN D 249 -27.54 -28.93 -27.86
CA ASN D 249 -26.23 -29.18 -27.25
C ASN D 249 -26.19 -28.78 -25.78
N ALA D 250 -27.10 -27.91 -25.33
CA ALA D 250 -27.14 -27.51 -23.92
C ALA D 250 -27.28 -28.75 -23.03
N ILE D 251 -26.50 -28.80 -21.96
CA ILE D 251 -26.49 -29.94 -21.06
C ILE D 251 -27.80 -29.99 -20.26
N PHE D 252 -28.12 -28.91 -19.56
CA PHE D 252 -29.26 -28.89 -18.66
C PHE D 252 -30.55 -28.40 -19.30
N GLY D 253 -31.67 -29.00 -18.92
CA GLY D 253 -33.01 -28.43 -19.19
C GLY D 253 -33.47 -27.52 -18.06
N LYS D 254 -34.77 -27.22 -18.02
CA LYS D 254 -35.34 -26.35 -16.99
C LYS D 254 -35.50 -27.05 -15.64
N GLU D 255 -36.07 -28.25 -15.62
CA GLU D 255 -36.54 -28.85 -14.36
C GLU D 255 -35.46 -29.57 -13.54
N TRP D 256 -35.30 -29.19 -12.28
CA TRP D 256 -34.45 -29.92 -11.32
C TRP D 256 -35.27 -30.61 -10.22
N ARG D 257 -34.82 -31.79 -9.78
CA ARG D 257 -35.41 -32.46 -8.62
C ARG D 257 -34.29 -32.94 -7.70
N THR D 258 -34.59 -33.02 -6.41
CA THR D 258 -33.67 -33.59 -5.45
C THR D 258 -34.03 -35.04 -5.20
N LEU D 259 -33.11 -35.95 -5.53
CA LEU D 259 -33.34 -37.36 -5.32
C LEU D 259 -32.80 -37.83 -4.00
N TYR D 260 -31.69 -37.28 -3.53
CA TYR D 260 -31.16 -37.65 -2.22
C TYR D 260 -30.44 -36.48 -1.60
N GLY D 261 -30.60 -36.32 -0.29
CA GLY D 261 -29.80 -35.41 0.50
C GLY D 261 -30.16 -33.96 0.26
N GLN D 262 -29.13 -33.12 0.14
CA GLN D 262 -29.28 -31.67 -0.07
C GLN D 262 -29.39 -31.33 -1.56
N ASP D 263 -29.67 -30.06 -1.87
CA ASP D 263 -29.62 -29.55 -3.26
C ASP D 263 -28.40 -28.65 -3.48
N TYR D 264 -27.39 -28.85 -2.64
CA TYR D 264 -26.16 -28.08 -2.66
C TYR D 264 -25.01 -28.89 -2.06
N ILE D 265 -23.77 -28.53 -2.36
CA ILE D 265 -22.61 -28.96 -1.58
C ILE D 265 -22.04 -27.73 -0.92
N THR D 266 -21.08 -27.94 -0.02
CA THR D 266 -20.40 -26.83 0.62
C THR D 266 -18.93 -27.01 0.39
N ASP D 267 -18.25 -25.94 -0.03
CA ASP D 267 -16.81 -25.94 -0.23
C ASP D 267 -16.26 -24.61 0.29
N GLN D 268 -14.96 -24.56 0.55
CA GLN D 268 -14.30 -23.40 1.12
C GLN D 268 -13.60 -22.63 0.02
N MET D 269 -13.65 -21.29 0.10
CA MET D 269 -12.77 -20.42 -0.69
C MET D 269 -12.31 -19.24 0.16
N LEU D 270 -10.99 -19.03 0.20
CA LEU D 270 -10.39 -17.95 0.98
C LEU D 270 -10.89 -17.92 2.41
N GLY D 271 -11.03 -19.11 2.99
CA GLY D 271 -11.50 -19.26 4.37
C GLY D 271 -12.96 -18.91 4.64
N ASN D 272 -13.86 -19.17 3.70
CA ASN D 272 -15.30 -19.00 3.93
C ASN D 272 -16.04 -20.19 3.36
N ASP D 273 -17.20 -20.51 3.94
CA ASP D 273 -18.03 -21.60 3.44
C ASP D 273 -19.00 -21.05 2.41
N PHE D 274 -19.11 -21.74 1.27
CA PHE D 274 -20.08 -21.41 0.24
C PHE D 274 -20.90 -22.63 -0.14
N GLN D 275 -22.21 -22.45 -0.14
CA GLN D 275 -23.12 -23.44 -0.66
C GLN D 275 -23.27 -23.26 -2.16
N ILE D 276 -23.26 -24.38 -2.89
CA ILE D 276 -23.19 -24.38 -4.35
C ILE D 276 -24.28 -25.28 -4.89
N ALA D 277 -25.28 -24.67 -5.51
CA ALA D 277 -26.34 -25.45 -6.18
C ALA D 277 -25.82 -26.01 -7.51
N GLY D 278 -26.53 -27.04 -8.00
CA GLY D 278 -26.25 -27.66 -9.29
C GLY D 278 -26.10 -26.70 -10.45
N PRO D 279 -27.12 -25.86 -10.72
CA PRO D 279 -27.05 -24.91 -11.82
C PRO D 279 -26.24 -23.63 -11.55
N ALA D 280 -25.70 -23.46 -10.34
CA ALA D 280 -24.90 -22.30 -10.03
C ALA D 280 -23.51 -22.47 -10.57
N PHE D 281 -22.86 -21.36 -10.89
CA PHE D 281 -21.48 -21.35 -11.35
C PHE D 281 -20.50 -21.36 -10.18
N TYR D 282 -19.44 -22.14 -10.34
CA TYR D 282 -18.37 -22.25 -9.37
C TYR D 282 -17.10 -22.56 -10.14
N GLN D 283 -16.02 -21.82 -9.91
CA GLN D 283 -14.83 -22.03 -10.68
C GLN D 283 -14.37 -23.46 -10.53
N VAL D 284 -14.10 -24.10 -11.66
CA VAL D 284 -13.67 -25.50 -11.67
C VAL D 284 -12.25 -25.73 -11.16
N ASN D 285 -11.40 -24.69 -11.20
CA ASN D 285 -10.07 -24.78 -10.63
C ASN D 285 -10.01 -23.94 -9.36
N THR D 286 -10.45 -24.52 -8.25
CA THR D 286 -10.53 -23.78 -7.00
C THR D 286 -9.18 -23.24 -6.52
N GLU D 287 -8.10 -24.03 -6.67
CA GLU D 287 -6.77 -23.60 -6.28
C GLU D 287 -6.33 -22.31 -7.00
N MET D 288 -6.45 -22.29 -8.31
CA MET D 288 -6.01 -21.16 -9.10
C MET D 288 -7.01 -20.00 -9.04
N ALA D 289 -8.29 -20.31 -8.86
CA ALA D 289 -9.31 -19.28 -8.70
C ALA D 289 -9.08 -18.46 -7.45
N GLU D 290 -8.58 -19.08 -6.39
CA GLU D 290 -8.20 -18.37 -5.18
C GLU D 290 -7.12 -17.35 -5.45
N LYS D 291 -6.12 -17.75 -6.24
CA LYS D 291 -5.04 -16.84 -6.61
C LYS D 291 -5.57 -15.71 -7.49
N LEU D 292 -6.51 -16.03 -8.37
CA LEU D 292 -7.16 -15.03 -9.23
C LEU D 292 -7.90 -13.99 -8.41
N TYR D 293 -8.74 -14.47 -7.49
CA TYR D 293 -9.50 -13.57 -6.63
C TYR D 293 -8.57 -12.78 -5.74
N GLN D 294 -7.59 -13.45 -5.15
CA GLN D 294 -6.65 -12.75 -4.28
C GLN D 294 -5.90 -11.68 -5.05
N THR D 295 -5.52 -11.96 -6.28
CA THR D 295 -4.90 -10.96 -7.13
C THR D 295 -5.80 -9.74 -7.28
N ALA D 296 -7.06 -9.95 -7.63
CA ALA D 296 -8.00 -8.83 -7.83
C ALA D 296 -8.23 -8.03 -6.54
N ILE D 297 -8.35 -8.74 -5.43
CA ILE D 297 -8.51 -8.08 -4.12
C ILE D 297 -7.27 -7.24 -3.76
N ASP D 298 -6.07 -7.74 -4.06
CA ASP D 298 -4.83 -6.98 -3.83
C ASP D 298 -4.72 -5.76 -4.71
N PHE D 299 -4.97 -5.94 -6.00
CA PHE D 299 -5.08 -4.82 -6.94
C PHE D 299 -5.99 -3.69 -6.41
N ALA D 300 -7.12 -4.04 -5.80
CA ALA D 300 -8.12 -3.08 -5.40
C ALA D 300 -7.76 -2.27 -4.16
N GLU D 301 -6.78 -2.74 -3.38
CA GLU D 301 -6.29 -2.05 -2.16
C GLU D 301 -7.43 -1.55 -1.27
N LEU D 302 -8.19 -2.52 -0.77
CA LEU D 302 -9.42 -2.23 -0.06
C LEU D 302 -9.15 -1.67 1.32
N LYS D 303 -9.96 -0.71 1.73
CA LYS D 303 -9.89 -0.09 3.06
C LYS D 303 -11.23 -0.21 3.77
N LYS D 304 -11.24 0.00 5.09
CA LYS D 304 -12.42 -0.23 5.94
C LYS D 304 -13.68 0.57 5.58
N ASP D 305 -13.52 1.64 4.81
CA ASP D 305 -14.61 2.56 4.43
C ASP D 305 -15.07 2.40 2.96
N ASP D 306 -14.47 1.48 2.21
CA ASP D 306 -14.78 1.30 0.80
C ASP D 306 -16.20 0.71 0.61
N VAL D 307 -16.82 1.05 -0.50
CA VAL D 307 -18.10 0.47 -0.88
C VAL D 307 -17.88 -0.23 -2.22
N ILE D 308 -18.15 -1.53 -2.24
CA ILE D 308 -17.82 -2.40 -3.34
C ILE D 308 -19.07 -2.79 -4.08
N ILE D 309 -18.99 -2.82 -5.41
CA ILE D 309 -19.95 -3.52 -6.24
C ILE D 309 -19.30 -4.82 -6.70
N ASP D 310 -19.97 -5.95 -6.50
CA ASP D 310 -19.51 -7.26 -6.99
C ASP D 310 -20.46 -7.66 -8.11
N ALA D 311 -20.15 -7.25 -9.34
CA ALA D 311 -21.00 -7.55 -10.49
C ALA D 311 -20.66 -8.91 -11.07
N TYR D 312 -21.71 -9.58 -11.55
CA TYR D 312 -21.62 -10.98 -11.99
C TYR D 312 -21.15 -11.85 -10.80
N SER D 313 -21.90 -11.75 -9.70
CA SER D 313 -21.42 -12.17 -8.39
C SER D 313 -21.39 -13.67 -8.17
N GLY D 314 -22.19 -14.41 -8.93
CA GLY D 314 -22.31 -15.86 -8.78
C GLY D 314 -22.93 -16.21 -7.44
N ILE D 315 -22.26 -17.09 -6.72
CA ILE D 315 -22.66 -17.46 -5.38
C ILE D 315 -22.10 -16.53 -4.32
N GLY D 316 -21.52 -15.41 -4.73
CA GLY D 316 -21.06 -14.35 -3.84
C GLY D 316 -19.63 -14.54 -3.35
N THR D 317 -18.85 -15.40 -4.04
CA THR D 317 -17.48 -15.71 -3.64
C THR D 317 -16.55 -14.50 -3.48
N ILE D 318 -16.55 -13.58 -4.42
CA ILE D 318 -15.61 -12.43 -4.34
C ILE D 318 -16.07 -11.44 -3.28
N GLY D 319 -17.30 -10.96 -3.42
CA GLY D 319 -17.89 -9.99 -2.48
C GLY D 319 -17.89 -10.41 -1.02
N LEU D 320 -18.28 -11.66 -0.75
CA LEU D 320 -18.31 -12.16 0.62
C LEU D 320 -16.90 -12.37 1.20
N SER D 321 -15.90 -12.64 0.36
CA SER D 321 -14.52 -12.79 0.83
C SER D 321 -13.87 -11.47 1.26
N VAL D 322 -14.48 -10.34 0.92
CA VAL D 322 -13.99 -9.02 1.33
C VAL D 322 -14.91 -8.24 2.25
N ALA D 323 -16.15 -8.69 2.43
CA ALA D 323 -17.17 -7.88 3.09
C ALA D 323 -16.82 -7.46 4.51
N LYS D 324 -16.09 -8.30 5.25
CA LYS D 324 -15.68 -7.94 6.61
C LYS D 324 -14.56 -6.89 6.63
N HIS D 325 -13.86 -6.67 5.52
CA HIS D 325 -12.80 -5.64 5.43
C HIS D 325 -13.25 -4.33 4.76
N VAL D 326 -14.55 -4.13 4.65
CA VAL D 326 -15.13 -3.07 3.84
C VAL D 326 -16.45 -2.59 4.44
N LYS D 327 -16.90 -1.39 4.10
CA LYS D 327 -18.13 -0.87 4.67
C LYS D 327 -19.37 -1.62 4.17
N GLU D 328 -19.57 -1.64 2.86
CA GLU D 328 -20.75 -2.26 2.26
C GLU D 328 -20.37 -3.01 1.00
N VAL D 329 -21.11 -4.07 0.68
CA VAL D 329 -20.99 -4.81 -0.58
C VAL D 329 -22.35 -4.90 -1.26
N TYR D 330 -22.39 -4.55 -2.54
CA TYR D 330 -23.60 -4.69 -3.35
C TYR D 330 -23.26 -5.58 -4.52
N GLY D 331 -24.05 -6.62 -4.76
CA GLY D 331 -23.74 -7.58 -5.83
C GLY D 331 -24.94 -7.93 -6.66
N VAL D 332 -24.69 -8.43 -7.87
CA VAL D 332 -25.74 -8.75 -8.83
C VAL D 332 -25.37 -10.05 -9.53
N GLU D 333 -26.37 -10.91 -9.72
CA GLU D 333 -26.17 -12.22 -10.38
C GLU D 333 -27.48 -12.57 -11.09
N LEU D 334 -27.37 -13.17 -12.27
CA LEU D 334 -28.53 -13.49 -13.12
C LEU D 334 -29.30 -14.76 -12.74
N ILE D 335 -28.56 -15.83 -12.43
CA ILE D 335 -29.11 -17.15 -12.09
C ILE D 335 -29.69 -17.09 -10.65
N PRO D 336 -31.02 -17.28 -10.50
CA PRO D 336 -31.66 -17.19 -9.15
C PRO D 336 -31.13 -18.17 -8.10
N GLU D 337 -30.78 -19.39 -8.49
CA GLU D 337 -30.25 -20.38 -7.54
C GLU D 337 -28.88 -19.98 -6.98
N ALA D 338 -28.09 -19.24 -7.76
CA ALA D 338 -26.83 -18.67 -7.29
C ALA D 338 -27.05 -17.45 -6.37
N VAL D 339 -28.01 -16.60 -6.69
CA VAL D 339 -28.35 -15.46 -5.82
C VAL D 339 -28.84 -15.92 -4.47
N GLU D 340 -29.70 -16.95 -4.49
CA GLU D 340 -30.22 -17.57 -3.28
C GLU D 340 -29.06 -18.20 -2.50
N ASN D 341 -28.10 -18.84 -3.18
CA ASN D 341 -26.87 -19.31 -2.53
C ASN D 341 -26.12 -18.14 -1.87
N SER D 342 -25.95 -17.03 -2.58
CA SER D 342 -25.17 -15.90 -2.06
C SER D 342 -25.81 -15.25 -0.82
N GLN D 343 -27.13 -15.19 -0.80
CA GLN D 343 -27.84 -14.74 0.39
C GLN D 343 -27.65 -15.68 1.58
N LYS D 344 -27.76 -16.99 1.33
CA LYS D 344 -27.48 -17.96 2.37
C LYS D 344 -26.01 -17.94 2.78
N ASN D 345 -25.13 -17.75 1.81
CA ASN D 345 -23.69 -17.71 2.08
C ASN D 345 -23.28 -16.53 2.94
N ALA D 346 -24.00 -15.43 2.81
CA ALA D 346 -23.79 -14.26 3.68
C ALA D 346 -24.17 -14.61 5.14
N SER D 347 -25.39 -15.11 5.34
CA SER D 347 -25.83 -15.64 6.65
C SER D 347 -24.83 -16.64 7.22
N LEU D 348 -24.50 -17.63 6.40
CA LEU D 348 -23.62 -18.72 6.78
C LEU D 348 -22.28 -18.22 7.33
N ASN D 349 -21.74 -17.14 6.76
CA ASN D 349 -20.46 -16.55 7.20
C ASN D 349 -20.60 -15.32 8.12
N LYS D 350 -21.81 -15.10 8.67
CA LYS D 350 -22.07 -14.02 9.62
C LYS D 350 -21.66 -12.66 9.02
N ILE D 351 -22.26 -12.35 7.88
CA ILE D 351 -21.95 -11.18 7.08
C ILE D 351 -23.23 -10.39 6.96
N THR D 352 -23.18 -9.17 7.50
CA THR D 352 -24.36 -8.34 7.68
C THR D 352 -24.39 -7.11 6.76
N ASN D 353 -23.34 -6.90 5.96
CA ASN D 353 -23.23 -5.72 5.10
C ASN D 353 -23.20 -6.06 3.61
N ALA D 354 -23.75 -7.22 3.22
CA ALA D 354 -23.81 -7.61 1.81
C ALA D 354 -25.24 -7.49 1.33
N HIS D 355 -25.44 -6.97 0.13
CA HIS D 355 -26.77 -6.77 -0.44
C HIS D 355 -26.76 -7.31 -1.89
N TYR D 356 -27.33 -8.49 -2.09
CA TYR D 356 -27.34 -9.16 -3.39
C TYR D 356 -28.69 -9.08 -4.06
N VAL D 357 -28.70 -8.91 -5.38
CA VAL D 357 -29.93 -8.74 -6.20
C VAL D 357 -29.87 -9.72 -7.38
N CYS D 358 -31.03 -10.22 -7.79
CA CYS D 358 -31.13 -11.10 -8.95
C CYS D 358 -31.55 -10.30 -10.16
N ASP D 359 -30.57 -9.86 -10.92
CA ASP D 359 -30.82 -9.14 -12.15
C ASP D 359 -29.70 -9.31 -13.20
N THR D 360 -29.79 -8.49 -14.24
CA THR D 360 -28.66 -8.27 -15.16
C THR D 360 -27.80 -7.18 -14.56
N ALA D 361 -26.49 -7.33 -14.71
CA ALA D 361 -25.54 -6.36 -14.22
C ALA D 361 -25.84 -4.96 -14.72
N GLU D 362 -26.26 -4.88 -15.99
CA GLU D 362 -26.60 -3.59 -16.58
C GLU D 362 -27.99 -3.13 -16.16
N ASN D 363 -28.97 -4.00 -16.42
CA ASN D 363 -30.45 -3.64 -16.44
C ASN D 363 -31.38 -4.09 -15.24
N ALA D 364 -31.54 -3.29 -14.20
CA ALA D 364 -30.69 -2.16 -13.89
C ALA D 364 -29.57 -2.78 -13.06
N MET D 365 -29.58 -2.77 -11.72
CA MET D 365 -28.33 -2.87 -10.93
C MET D 365 -27.33 -1.80 -11.48
N LYS D 366 -27.42 -0.56 -11.03
CA LYS D 366 -27.39 0.67 -11.88
C LYS D 366 -28.87 1.21 -11.82
N LYS D 367 -29.78 0.42 -11.20
CA LYS D 367 -30.75 0.95 -10.20
C LYS D 367 -29.97 1.66 -9.06
N TRP D 368 -28.92 1.02 -8.60
CA TRP D 368 -27.94 1.57 -7.67
C TRP D 368 -27.46 3.00 -8.01
N LEU D 369 -27.25 3.30 -9.29
CA LEU D 369 -26.90 4.62 -9.76
C LEU D 369 -28.04 5.62 -9.45
N LYS D 370 -29.25 5.23 -9.83
CA LYS D 370 -30.45 6.05 -9.60
C LYS D 370 -30.80 6.15 -8.10
N GLU D 371 -30.47 5.12 -7.32
CA GLU D 371 -30.68 5.16 -5.87
C GLU D 371 -29.66 5.98 -5.07
N GLY D 372 -28.56 6.41 -5.70
CA GLY D 372 -27.43 7.03 -4.96
C GLY D 372 -26.53 6.04 -4.22
N ILE D 373 -25.80 6.50 -3.20
CA ILE D 373 -24.65 5.74 -2.60
C ILE D 373 -23.99 4.69 -3.60
N GLN D 374 -22.91 5.01 -4.31
CA GLN D 374 -21.60 5.60 -4.02
C GLN D 374 -20.52 4.54 -3.82
N PRO D 375 -20.39 3.64 -4.80
CA PRO D 375 -19.27 2.71 -4.73
C PRO D 375 -17.93 3.37 -4.93
N THR D 376 -16.91 2.86 -4.25
CA THR D 376 -15.54 3.29 -4.45
C THR D 376 -14.69 2.27 -5.25
N VAL D 377 -15.17 1.04 -5.35
CA VAL D 377 -14.54 0.00 -6.17
C VAL D 377 -15.63 -0.76 -6.92
N ILE D 378 -15.33 -1.16 -8.14
CA ILE D 378 -16.22 -2.01 -8.89
C ILE D 378 -15.44 -3.24 -9.32
N LEU D 379 -15.90 -4.41 -8.85
CA LEU D 379 -15.38 -5.70 -9.28
C LEU D 379 -16.36 -6.28 -10.29
N VAL D 380 -15.85 -6.67 -11.45
CA VAL D 380 -16.68 -7.28 -12.48
C VAL D 380 -16.06 -8.61 -12.84
N ASP D 381 -16.90 -9.56 -13.19
CA ASP D 381 -16.46 -10.90 -13.53
C ASP D 381 -17.38 -11.49 -14.60
N PRO D 382 -17.45 -10.86 -15.78
CA PRO D 382 -18.43 -11.27 -16.77
C PRO D 382 -18.06 -12.56 -17.47
N PRO D 383 -19.04 -13.18 -18.16
CA PRO D 383 -18.73 -14.29 -19.04
C PRO D 383 -18.00 -13.79 -20.29
N ARG D 384 -17.72 -14.69 -21.23
CA ARG D 384 -16.84 -14.37 -22.36
C ARG D 384 -17.29 -13.20 -23.26
N LYS D 385 -18.60 -12.93 -23.30
CA LYS D 385 -19.13 -11.80 -24.09
C LYS D 385 -18.81 -10.43 -23.50
N GLY D 386 -18.27 -10.37 -22.29
CA GLY D 386 -17.85 -9.12 -21.68
C GLY D 386 -19.00 -8.26 -21.16
N LEU D 387 -18.69 -7.00 -20.90
CA LEU D 387 -19.67 -6.04 -20.38
C LEU D 387 -20.38 -5.35 -21.53
N THR D 388 -21.59 -4.88 -21.27
CA THR D 388 -22.31 -4.05 -22.22
C THR D 388 -21.84 -2.61 -22.05
N GLU D 389 -21.84 -1.85 -23.14
CA GLU D 389 -21.51 -0.41 -23.13
C GLU D 389 -22.36 0.37 -22.11
N SER D 390 -23.60 -0.06 -21.99
CA SER D 390 -24.52 0.51 -21.03
C SER D 390 -24.08 0.36 -19.56
N PHE D 391 -23.55 -0.83 -19.21
CA PHE D 391 -22.99 -1.07 -17.88
C PHE D 391 -21.72 -0.22 -17.64
N ILE D 392 -20.82 -0.22 -18.61
CA ILE D 392 -19.54 0.50 -18.49
C ILE D 392 -19.82 1.99 -18.20
N LYS D 393 -20.62 2.61 -19.06
CA LYS D 393 -21.03 4.02 -18.89
C LYS D 393 -21.63 4.27 -17.51
N ALA D 394 -22.53 3.38 -17.08
CA ALA D 394 -23.21 3.51 -15.79
C ALA D 394 -22.28 3.31 -14.60
N SER D 395 -21.38 2.34 -14.69
CA SER D 395 -20.41 2.11 -13.62
C SER D 395 -19.50 3.32 -13.45
N ALA D 396 -19.10 3.92 -14.57
CA ALA D 396 -18.23 5.11 -14.57
C ALA D 396 -18.91 6.32 -13.96
N GLN D 397 -20.20 6.46 -14.22
CA GLN D 397 -20.99 7.57 -13.67
C GLN D 397 -21.08 7.57 -12.14
N THR D 398 -20.86 6.41 -11.51
CA THR D 398 -20.78 6.37 -10.04
C THR D 398 -19.59 7.14 -9.49
N GLY D 399 -18.57 7.35 -10.30
CA GLY D 399 -17.33 7.97 -9.83
C GLY D 399 -16.45 7.04 -9.03
N ALA D 400 -16.66 5.73 -9.12
CA ALA D 400 -15.81 4.78 -8.41
C ALA D 400 -14.38 4.90 -8.93
N ASP D 401 -13.41 4.96 -8.02
CA ASP D 401 -12.01 5.21 -8.39
C ASP D 401 -11.35 4.01 -9.04
N ARG D 402 -11.53 2.83 -8.46
CA ARG D 402 -10.90 1.61 -8.94
C ARG D 402 -11.89 0.65 -9.56
N ILE D 403 -11.48 0.00 -10.64
CA ILE D 403 -12.25 -1.07 -11.28
C ILE D 403 -11.33 -2.28 -11.42
N ALA D 404 -11.78 -3.42 -10.90
CA ALA D 404 -11.04 -4.66 -11.01
C ALA D 404 -11.84 -5.58 -11.93
N TYR D 405 -11.27 -5.84 -13.11
CA TYR D 405 -11.93 -6.57 -14.16
C TYR D 405 -11.32 -7.97 -14.22
N ILE D 406 -12.16 -8.97 -13.98
CA ILE D 406 -11.78 -10.36 -14.16
C ILE D 406 -12.39 -10.86 -15.46
N SER D 407 -11.55 -11.29 -16.39
CA SER D 407 -12.00 -11.69 -17.72
C SER D 407 -11.67 -13.11 -18.01
N CYS D 408 -12.54 -13.76 -18.76
CA CYS D 408 -12.25 -15.07 -19.32
C CYS D 408 -12.12 -14.99 -20.85
N ASN D 409 -12.02 -13.78 -21.39
CA ASN D 409 -11.82 -13.58 -22.82
C ASN D 409 -11.10 -12.27 -23.10
N VAL D 410 -9.85 -12.35 -23.55
CA VAL D 410 -9.06 -11.14 -23.85
C VAL D 410 -9.64 -10.22 -24.93
N ALA D 411 -10.31 -10.77 -25.92
CA ALA D 411 -10.86 -9.95 -27.00
C ALA D 411 -11.91 -8.98 -26.47
N THR D 412 -12.82 -9.47 -25.64
CA THR D 412 -13.86 -8.61 -25.07
C THR D 412 -13.32 -7.74 -23.94
N MET D 413 -12.33 -8.22 -23.21
CA MET D 413 -11.73 -7.43 -22.14
C MET D 413 -11.11 -6.18 -22.73
N ALA D 414 -10.30 -6.37 -23.77
CA ALA D 414 -9.61 -5.28 -24.42
C ALA D 414 -10.59 -4.27 -25.00
N ARG D 415 -11.70 -4.75 -25.57
CA ARG D 415 -12.75 -3.86 -26.05
C ARG D 415 -13.26 -2.99 -24.92
N ASP D 416 -13.60 -3.61 -23.81
CA ASP D 416 -14.17 -2.90 -22.67
C ASP D 416 -13.17 -1.97 -21.99
N ILE D 417 -11.94 -2.42 -21.84
CA ILE D 417 -10.86 -1.57 -21.35
C ILE D 417 -10.68 -0.28 -22.19
N LYS D 418 -10.84 -0.39 -23.51
CA LYS D 418 -10.72 0.76 -24.38
C LYS D 418 -11.73 1.83 -24.00
N LEU D 419 -12.98 1.42 -23.82
CA LEU D 419 -14.05 2.33 -23.44
C LEU D 419 -13.85 2.94 -22.05
N TYR D 420 -13.36 2.14 -21.10
CA TYR D 420 -13.01 2.66 -19.79
C TYR D 420 -11.91 3.73 -19.87
N GLN D 421 -10.97 3.57 -20.81
CA GLN D 421 -9.91 4.57 -21.00
C GLN D 421 -10.46 5.87 -21.57
N GLU D 422 -11.36 5.76 -22.54
CA GLU D 422 -12.08 6.91 -23.07
C GLU D 422 -12.85 7.68 -21.98
N LEU D 423 -13.34 6.97 -20.97
CA LEU D 423 -14.08 7.57 -19.84
C LEU D 423 -13.20 8.02 -18.68
N GLY D 424 -11.88 7.97 -18.81
CA GLY D 424 -10.96 8.51 -17.81
C GLY D 424 -10.26 7.50 -16.92
N TYR D 425 -10.51 6.20 -17.10
CA TYR D 425 -9.87 5.17 -16.29
C TYR D 425 -8.61 4.66 -16.98
N GLU D 426 -7.47 4.77 -16.32
CA GLU D 426 -6.22 4.32 -16.90
C GLU D 426 -5.98 2.87 -16.48
N LEU D 427 -5.53 2.04 -17.44
CA LEU D 427 -5.12 0.67 -17.15
C LEU D 427 -3.81 0.67 -16.36
N LYS D 428 -3.81 0.10 -15.16
CA LYS D 428 -2.68 0.18 -14.24
C LYS D 428 -1.87 -1.11 -14.12
N LYS D 429 -2.54 -2.25 -13.97
CA LYS D 429 -1.87 -3.56 -13.83
C LYS D 429 -2.61 -4.61 -14.62
N VAL D 430 -1.90 -5.65 -15.09
CA VAL D 430 -2.52 -6.80 -15.76
C VAL D 430 -1.80 -8.08 -15.36
N GLN D 431 -2.54 -9.04 -14.82
CA GLN D 431 -1.96 -10.30 -14.38
C GLN D 431 -2.79 -11.43 -14.95
N PRO D 432 -2.28 -12.15 -15.96
CA PRO D 432 -3.01 -13.35 -16.40
C PRO D 432 -2.79 -14.49 -15.42
N VAL D 433 -3.80 -15.34 -15.28
CA VAL D 433 -3.73 -16.48 -14.39
C VAL D 433 -4.18 -17.69 -15.17
N ASP D 434 -3.53 -18.82 -14.95
CA ASP D 434 -3.87 -20.04 -15.70
C ASP D 434 -4.86 -20.89 -14.93
N LEU D 435 -6.14 -20.52 -15.07
CA LEU D 435 -7.24 -21.27 -14.46
C LEU D 435 -7.50 -22.59 -15.16
N PHE D 436 -7.21 -22.67 -16.46
CA PHE D 436 -7.52 -23.86 -17.26
C PHE D 436 -6.28 -24.36 -18.00
N PRO D 437 -5.33 -24.93 -17.25
CA PRO D 437 -4.19 -25.54 -17.91
C PRO D 437 -4.57 -26.61 -18.91
N GLN D 438 -3.71 -26.76 -19.90
CA GLN D 438 -3.89 -27.71 -20.99
C GLN D 438 -4.98 -27.31 -22.00
N THR D 439 -5.67 -26.18 -21.76
CA THR D 439 -6.74 -25.70 -22.65
C THR D 439 -6.36 -24.33 -23.21
N HIS D 440 -7.12 -23.87 -24.21
CA HIS D 440 -6.86 -22.56 -24.81
C HIS D 440 -7.33 -21.36 -24.00
N HIS D 441 -8.13 -21.61 -22.95
CA HIS D 441 -8.77 -20.55 -22.18
C HIS D 441 -7.79 -19.68 -21.40
N VAL D 442 -7.94 -18.37 -21.58
CA VAL D 442 -7.10 -17.39 -20.91
C VAL D 442 -7.93 -16.60 -19.90
N GLN D 443 -7.40 -16.46 -18.68
CA GLN D 443 -8.05 -15.70 -17.62
C GLN D 443 -7.16 -14.56 -17.18
N THR D 444 -7.74 -13.37 -17.07
CA THR D 444 -6.97 -12.17 -16.79
C THR D 444 -7.60 -11.33 -15.69
N VAL D 445 -6.76 -10.70 -14.88
CA VAL D 445 -7.19 -9.63 -13.97
C VAL D 445 -6.56 -8.33 -14.42
N ALA D 446 -7.38 -7.30 -14.58
CA ALA D 446 -6.91 -5.96 -14.89
C ALA D 446 -7.37 -5.00 -13.82
N LEU D 447 -6.50 -4.07 -13.46
CA LEU D 447 -6.88 -2.94 -12.59
C LEU D 447 -6.95 -1.68 -13.41
N LEU D 448 -8.12 -1.04 -13.44
CA LEU D 448 -8.30 0.29 -14.03
C LEU D 448 -8.55 1.29 -12.90
N SER D 449 -7.94 2.47 -12.97
CA SER D 449 -8.14 3.49 -11.94
C SER D 449 -8.16 4.87 -12.55
N LYS D 450 -8.96 5.77 -11.99
CA LYS D 450 -8.97 7.17 -12.42
C LYS D 450 -8.21 8.09 -11.47
N LEU D 451 -7.46 7.51 -10.53
CA LEU D 451 -6.48 8.25 -9.72
C LEU D 451 -5.11 8.26 -10.41
N ASP D 452 -4.51 9.45 -10.50
CA ASP D 452 -3.21 9.67 -11.16
C ASP D 452 -3.32 9.46 -12.68
N VAL D 453 -3.58 10.53 -13.44
CA VAL D 453 -3.91 10.42 -14.89
C VAL D 453 -3.25 11.49 -15.79
ZN ZN F . -40.31 28.57 19.96
N SAH G . -22.93 29.10 19.31
CA SAH G . -23.19 27.70 19.80
CB SAH G . -24.32 27.53 20.84
CG SAH G . -25.63 28.32 20.63
SD SAH G . -27.04 27.72 21.54
C SAH G . -23.42 26.78 18.65
O SAH G . -22.82 25.68 18.57
OXT SAH G . -24.22 27.11 17.76
C5' SAH G . -27.07 28.63 23.07
C4' SAH G . -25.81 28.42 23.89
O4' SAH G . -25.66 29.39 24.91
C3' SAH G . -25.81 27.10 24.64
O3' SAH G . -24.45 26.67 24.57
C2' SAH G . -26.28 27.47 26.04
O2' SAH G . -25.86 26.57 27.08
C1' SAH G . -25.61 28.80 26.22
N9 SAH G . -26.22 29.83 27.09
C8 SAH G . -27.50 29.94 27.50
N7 SAH G . -27.67 31.06 28.23
C5 SAH G . -26.47 31.65 28.26
C6 SAH G . -25.92 32.87 28.86
N6 SAH G . -26.78 33.63 29.55
N1 SAH G . -24.60 33.17 28.70
C2 SAH G . -23.76 32.40 27.97
N3 SAH G . -24.22 31.27 27.39
C4 SAH G . -25.51 30.86 27.50
ZN ZN H . 8.36 -4.88 25.80
N SAH I . 10.44 -4.77 9.89
CA SAH I . 11.74 -5.04 9.16
CB SAH I . 12.94 -4.75 10.10
CG SAH I . 13.01 -5.67 11.32
SD SAH I . 13.12 -4.90 12.94
C SAH I . 11.68 -6.44 8.52
O SAH I . 12.59 -6.88 7.82
OXT SAH I . 10.69 -7.20 8.65
C5' SAH I . 14.81 -4.56 13.34
C4' SAH I . 15.87 -4.97 12.32
O4' SAH I . 16.98 -4.06 12.45
C3' SAH I . 16.44 -6.36 12.59
O3' SAH I . 16.59 -7.09 11.36
C2' SAH I . 17.77 -6.10 13.28
O2' SAH I . 18.70 -7.11 12.95
C1' SAH I . 18.20 -4.73 12.76
N9 SAH I . 19.04 -3.85 13.64
C8 SAH I . 19.18 -3.87 14.99
N7 SAH I . 20.03 -2.91 15.42
C5 SAH I . 20.45 -2.24 14.35
C6 SAH I . 21.36 -1.09 14.10
N6 SAH I . 21.99 -0.48 15.12
N1 SAH I . 21.54 -0.68 12.81
C2 SAH I . 20.91 -1.29 11.77
N3 SAH I . 20.07 -2.33 11.93
C4 SAH I . 19.80 -2.85 13.17
ZN ZN J . 47.28 11.06 -22.71
N SAH K . 31.51 16.23 -19.91
CA SAH K . 31.21 14.77 -20.08
CB SAH K . 32.30 13.95 -20.80
CG SAH K . 33.61 14.63 -21.22
SD SAH K . 34.58 13.53 -22.25
C SAH K . 30.99 14.15 -18.73
O SAH K . 31.58 14.66 -17.78
OXT SAH K . 30.28 13.13 -18.57
C5' SAH K . 34.40 14.15 -23.92
C4' SAH K . 32.96 14.26 -24.48
O4' SAH K . 32.96 15.17 -25.57
C3' SAH K . 32.38 12.95 -25.07
O3' SAH K . 30.96 12.83 -24.85
C2' SAH K . 32.61 13.08 -26.55
O2' SAH K . 31.64 12.37 -27.32
C1' SAH K . 32.39 14.55 -26.75
N9 SAH K . 33.06 15.21 -27.87
C8 SAH K . 34.23 14.94 -28.50
N7 SAH K . 34.48 15.88 -29.46
C5 SAH K . 33.46 16.77 -29.42
C6 SAH K . 33.05 18.02 -30.10
N6 SAH K . 33.81 18.58 -31.08
N1 SAH K . 31.89 18.62 -29.72
C2 SAH K . 31.11 18.13 -28.73
N3 SAH K . 31.42 17.02 -28.07
C4 SAH K . 32.54 16.31 -28.37
ZN ZN L . -12.67 -18.77 -25.58
N SAH M . -17.81 -14.22 -9.17
CA SAH M . -18.51 -15.34 -9.90
CB SAH M . -18.12 -15.26 -11.37
CG SAH M . -18.56 -16.40 -12.27
SD SAH M . -18.35 -16.04 -14.00
C SAH M . -18.14 -16.68 -9.28
O SAH M . -16.96 -16.97 -9.13
OXT SAH M . -18.98 -17.53 -8.94
C5' SAH M . -19.94 -15.73 -14.71
C4' SAH M . -21.10 -15.43 -13.75
O4' SAH M . -21.80 -14.33 -14.33
C3' SAH M . -22.11 -16.59 -13.59
O3' SAH M . -22.57 -16.78 -12.23
C2' SAH M . -23.25 -16.16 -14.51
O2' SAH M . -24.50 -16.73 -14.14
C1' SAH M . -23.20 -14.63 -14.38
N9 SAH M . -23.84 -13.79 -15.44
C8 SAH M . -23.86 -14.01 -16.77
N7 SAH M . -24.50 -13.01 -17.42
C5 SAH M . -24.89 -12.11 -16.49
C6 SAH M . -25.60 -10.81 -16.48
N6 SAH M . -26.04 -10.27 -17.63
N1 SAH M . -25.81 -10.20 -15.30
C2 SAH M . -25.38 -10.72 -14.13
N3 SAH M . -24.72 -11.89 -14.07
C4 SAH M . -24.46 -12.63 -15.20
#